data_4AIB
#
_entry.id   4AIB
#
_cell.length_a   76.671
_cell.length_b   119.283
_cell.length_c   179.292
_cell.angle_alpha   90.00
_cell.angle_beta   90.00
_cell.angle_gamma   90.00
#
_symmetry.space_group_name_H-M   'P 21 21 21'
#
loop_
_entity.id
_entity.type
_entity.pdbx_description
1 polymer 'ORNITHINE DECARBOXYLASE'
2 water water
#
_entity_poly.entity_id   1
_entity_poly.type   'polypeptide(L)'
_entity_poly.pdbx_seq_one_letter_code
;MKQTSLEVKEFALNLISQFEPENQPLGFWIFDTEGVEKAVERWKKNMPTVRPCFAVKCNPEPHLVKLLGELGCGFDCASL
NEIKEVLDLGFNPEDITYSQTFKPYNQLIEASHLGINHTIVDSIDEVQKIAKYAPKMGIMIRIMENDTSAGHVFGEKFGL
HDDEVEIVLKEIKDKGLNLDGVHFHVGSDSHNSEVFTKALTKARNTVTLAEQFGMKPYLIDIGGGFSQVAPFEEFAATIE
KTIKELEFPERTRFIAEPGRYMASNAFHLVSSLHGKRVRIQNGKKQIEYTSGDGLHGSFGCCIWFEKQKSCECITQKVNE
NTKMYESIIYGPSCNGSDKVATQELPEMEPGKDWLLFPNMGAYTISMATNFNGFEERNHVIYTLPLKSTKIIQIP
;
_entity_poly.pdbx_strand_id   A,B,C,D
#
# COMPACT_ATOMS: atom_id res chain seq x y z
N SER A 5 -16.96 9.30 -18.03
CA SER A 5 -17.18 10.64 -17.43
C SER A 5 -15.94 11.54 -17.45
N LEU A 6 -16.16 12.85 -17.47
CA LEU A 6 -15.06 13.82 -17.53
C LEU A 6 -14.35 13.96 -16.18
N GLU A 7 -15.12 13.88 -15.09
CA GLU A 7 -14.57 13.95 -13.74
C GLU A 7 -13.67 12.76 -13.40
N VAL A 8 -13.96 11.61 -13.99
CA VAL A 8 -13.15 10.40 -13.81
C VAL A 8 -11.85 10.49 -14.60
N LYS A 9 -11.94 11.03 -15.82
CA LYS A 9 -10.79 11.19 -16.70
C LYS A 9 -9.78 12.21 -16.15
N GLU A 10 -10.29 13.32 -15.63
CA GLU A 10 -9.44 14.39 -15.09
C GLU A 10 -8.76 13.99 -13.78
N PHE A 11 -9.47 13.21 -12.96
CA PHE A 11 -8.93 12.71 -11.69
C PHE A 11 -7.84 11.67 -11.92
N ALA A 12 -8.03 10.85 -12.95
CA ALA A 12 -7.04 9.83 -13.33
C ALA A 12 -5.76 10.49 -13.84
N LEU A 13 -5.91 11.48 -14.72
CA LEU A 13 -4.78 12.22 -15.30
C LEU A 13 -3.97 12.99 -14.25
N ASN A 14 -4.67 13.56 -13.27
CA ASN A 14 -4.03 14.27 -12.16
C ASN A 14 -3.19 13.32 -11.31
N LEU A 15 -3.62 12.07 -11.23
CA LEU A 15 -2.90 11.03 -10.50
C LEU A 15 -1.74 10.43 -11.30
N ILE A 16 -1.94 10.30 -12.62
CA ILE A 16 -0.92 9.75 -13.52
C ILE A 16 0.31 10.66 -13.59
N SER A 17 0.07 11.97 -13.53
CA SER A 17 1.14 12.98 -13.59
C SER A 17 2.14 12.87 -12.44
N GLN A 18 1.77 12.14 -11.39
CA GLN A 18 2.63 11.92 -10.23
C GLN A 18 3.69 10.84 -10.51
N PHE A 19 3.61 10.22 -11.68
CA PHE A 19 4.47 9.09 -12.01
C PHE A 19 5.34 9.28 -13.25
N GLU A 20 6.55 8.74 -13.18
CA GLU A 20 7.44 8.60 -14.33
C GLU A 20 7.53 7.11 -14.69
N PRO A 21 8.04 6.77 -15.89
CA PRO A 21 8.20 5.37 -16.28
C PRO A 21 8.91 4.50 -15.24
N GLU A 22 9.90 5.09 -14.56
CA GLU A 22 10.73 4.38 -13.59
C GLU A 22 9.98 3.95 -12.34
N ASN A 23 9.01 4.75 -11.92
CA ASN A 23 8.32 4.54 -10.63
C ASN A 23 6.84 4.14 -10.72
N GLN A 24 6.30 4.14 -11.94
CA GLN A 24 4.88 3.87 -12.16
C GLN A 24 4.45 2.44 -11.76
N PRO A 25 3.35 2.33 -11.00
CA PRO A 25 2.85 1.03 -10.59
C PRO A 25 2.07 0.34 -11.72
N LEU A 26 1.67 -0.91 -11.48
CA LEU A 26 0.90 -1.69 -12.45
C LEU A 26 -0.44 -1.02 -12.77
N GLY A 27 -1.01 -0.34 -11.78
CA GLY A 27 -2.27 0.38 -11.94
C GLY A 27 -2.84 0.86 -10.62
N PHE A 28 -3.97 1.57 -10.70
CA PHE A 28 -4.69 2.02 -9.51
C PHE A 28 -6.19 2.08 -9.74
N TRP A 29 -6.96 1.93 -8.65
CA TRP A 29 -8.41 1.94 -8.70
C TRP A 29 -8.97 3.29 -8.34
N ILE A 30 -10.07 3.67 -8.98
CA ILE A 30 -10.79 4.88 -8.63
C ILE A 30 -12.18 4.51 -8.08
N PHE A 31 -12.42 4.87 -6.82
CA PHE A 31 -13.67 4.55 -6.16
C PHE A 31 -14.74 5.61 -6.43
N ASP A 32 -15.68 5.27 -7.31
CA ASP A 32 -16.76 6.16 -7.70
C ASP A 32 -17.91 6.06 -6.69
N THR A 33 -17.88 6.96 -5.70
CA THR A 33 -18.88 6.96 -4.63
C THR A 33 -20.27 7.31 -5.17
N GLU A 34 -20.33 8.27 -6.08
CA GLU A 34 -21.59 8.67 -6.73
C GLU A 34 -22.14 7.57 -7.62
N GLY A 35 -21.24 6.79 -8.22
CA GLY A 35 -21.63 5.65 -9.06
C GLY A 35 -22.34 4.55 -8.30
N VAL A 36 -21.93 4.36 -7.05
CA VAL A 36 -22.57 3.40 -6.15
C VAL A 36 -23.94 3.92 -5.73
N GLU A 37 -23.99 5.19 -5.32
CA GLU A 37 -25.22 5.83 -4.85
C GLU A 37 -26.31 5.89 -5.92
N LYS A 38 -25.91 6.21 -7.14
CA LYS A 38 -26.86 6.28 -8.27
C LYS A 38 -27.46 4.92 -8.61
N ALA A 39 -26.70 3.85 -8.38
CA ALA A 39 -27.17 2.49 -8.61
C ALA A 39 -28.18 2.06 -7.55
N VAL A 40 -27.98 2.53 -6.31
CA VAL A 40 -28.86 2.19 -5.19
C VAL A 40 -30.20 2.92 -5.29
N GLU A 41 -30.15 4.23 -5.51
CA GLU A 41 -31.37 5.03 -5.63
C GLU A 41 -32.17 4.71 -6.90
N ARG A 42 -31.48 4.14 -7.90
CA ARG A 42 -32.12 3.65 -9.11
C ARG A 42 -32.90 2.36 -8.80
N TRP A 43 -32.33 1.53 -7.94
CA TRP A 43 -32.95 0.28 -7.52
C TRP A 43 -34.15 0.52 -6.64
N LYS A 44 -33.99 1.41 -5.65
CA LYS A 44 -35.05 1.74 -4.69
C LYS A 44 -36.25 2.41 -5.35
N LYS A 45 -36.00 3.09 -6.48
CA LYS A 45 -37.05 3.79 -7.22
C LYS A 45 -37.87 2.82 -8.07
N ASN A 46 -37.19 1.88 -8.72
CA ASN A 46 -37.85 0.94 -9.62
C ASN A 46 -38.37 -0.32 -8.95
N MET A 47 -37.69 -0.77 -7.90
CA MET A 47 -38.12 -1.92 -7.10
C MET A 47 -38.29 -1.52 -5.63
N PRO A 48 -39.44 -0.90 -5.28
CA PRO A 48 -39.67 -0.44 -3.91
C PRO A 48 -39.94 -1.56 -2.92
N THR A 49 -40.58 -2.63 -3.37
CA THR A 49 -40.97 -3.73 -2.48
C THR A 49 -39.90 -4.80 -2.29
N VAL A 50 -38.83 -4.73 -3.10
CA VAL A 50 -37.73 -5.69 -3.01
C VAL A 50 -36.46 -5.02 -2.51
N ARG A 51 -36.05 -5.37 -1.29
CA ARG A 51 -34.85 -4.83 -0.67
C ARG A 51 -33.61 -5.57 -1.18
N PRO A 52 -32.60 -4.82 -1.67
CA PRO A 52 -31.39 -5.43 -2.21
C PRO A 52 -30.41 -5.88 -1.11
N CYS A 53 -29.99 -7.14 -1.18
CA CYS A 53 -28.95 -7.66 -0.30
C CYS A 53 -27.71 -7.95 -1.13
N PHE A 54 -26.69 -7.12 -0.98
CA PHE A 54 -25.48 -7.20 -1.80
C PHE A 54 -24.70 -8.48 -1.58
N ALA A 55 -24.38 -9.15 -2.68
CA ALA A 55 -23.51 -10.33 -2.65
C ALA A 55 -22.08 -9.90 -2.40
N VAL A 56 -21.63 -10.07 -1.16
CA VAL A 56 -20.28 -9.70 -0.73
C VAL A 56 -19.21 -10.43 -1.53
N LYS A 57 -19.57 -11.62 -2.02
CA LYS A 57 -18.68 -12.46 -2.83
C LYS A 57 -18.24 -11.76 -4.13
N CYS A 58 -19.13 -10.96 -4.70
CA CYS A 58 -18.85 -10.23 -5.95
C CYS A 58 -17.71 -9.24 -5.78
N ASN A 59 -17.78 -8.42 -4.73
CA ASN A 59 -16.72 -7.48 -4.37
C ASN A 59 -16.72 -7.18 -2.87
N PRO A 60 -15.81 -7.80 -2.11
CA PRO A 60 -15.76 -7.66 -0.66
C PRO A 60 -14.88 -6.50 -0.16
N GLU A 61 -14.66 -5.49 -1.00
CA GLU A 61 -13.87 -4.31 -0.62
C GLU A 61 -14.58 -3.55 0.51
N PRO A 62 -13.90 -3.41 1.67
CA PRO A 62 -14.44 -2.78 2.89
C PRO A 62 -15.24 -1.49 2.67
N HIS A 63 -14.75 -0.61 1.80
CA HIS A 63 -15.42 0.68 1.56
C HIS A 63 -16.74 0.54 0.85
N LEU A 64 -16.79 -0.33 -0.15
CA LEU A 64 -18.02 -0.58 -0.92
C LEU A 64 -19.07 -1.29 -0.08
N VAL A 65 -18.65 -2.30 0.68
CA VAL A 65 -19.53 -3.05 1.57
C VAL A 65 -20.11 -2.13 2.66
N LYS A 66 -19.27 -1.23 3.17
CA LYS A 66 -19.68 -0.24 4.17
C LYS A 66 -20.69 0.76 3.59
N LEU A 67 -20.38 1.28 2.41
CA LEU A 67 -21.21 2.31 1.75
C LEU A 67 -22.60 1.78 1.37
N LEU A 68 -22.64 0.56 0.85
CA LEU A 68 -23.90 -0.08 0.46
C LEU A 68 -24.81 -0.33 1.66
N GLY A 69 -24.22 -0.83 2.75
CA GLY A 69 -24.95 -1.11 3.98
C GLY A 69 -25.49 0.15 4.65
N GLU A 70 -24.72 1.23 4.58
CA GLU A 70 -25.15 2.54 5.06
C GLU A 70 -26.30 3.10 4.23
N LEU A 71 -26.39 2.66 2.98
CA LEU A 71 -27.47 3.06 2.09
C LEU A 71 -28.71 2.16 2.21
N GLY A 72 -28.68 1.26 3.19
CA GLY A 72 -29.85 0.44 3.53
C GLY A 72 -29.88 -0.96 2.95
N CYS A 73 -28.82 -1.33 2.24
CA CYS A 73 -28.72 -2.66 1.63
C CYS A 73 -28.49 -3.75 2.66
N GLY A 74 -29.06 -4.92 2.41
CA GLY A 74 -28.79 -6.12 3.22
C GLY A 74 -27.49 -6.75 2.78
N PHE A 75 -27.19 -7.94 3.31
CA PHE A 75 -25.93 -8.59 3.01
C PHE A 75 -26.07 -10.08 2.69
N ASP A 76 -25.49 -10.46 1.56
CA ASP A 76 -25.51 -11.83 1.09
C ASP A 76 -24.12 -12.45 1.23
N CYS A 77 -23.96 -13.32 2.21
CA CYS A 77 -22.65 -13.88 2.53
C CYS A 77 -22.56 -15.38 2.22
N ALA A 78 -21.52 -15.75 1.48
CA ALA A 78 -21.31 -17.12 1.05
C ALA A 78 -20.46 -17.92 2.04
N SER A 79 -19.49 -17.25 2.66
CA SER A 79 -18.59 -17.89 3.61
C SER A 79 -18.65 -17.21 4.98
N LEU A 80 -17.97 -17.80 5.96
CA LEU A 80 -17.85 -17.23 7.30
C LEU A 80 -17.03 -15.94 7.29
N ASN A 81 -16.02 -15.89 6.43
CA ASN A 81 -15.19 -14.69 6.28
C ASN A 81 -15.98 -13.48 5.80
N GLU A 82 -16.92 -13.72 4.88
CA GLU A 82 -17.84 -12.69 4.40
C GLU A 82 -18.83 -12.27 5.48
N ILE A 83 -19.24 -13.24 6.29
CA ILE A 83 -20.10 -12.99 7.45
C ILE A 83 -19.39 -12.08 8.46
N LYS A 84 -18.14 -12.44 8.78
CA LYS A 84 -17.35 -11.70 9.76
C LYS A 84 -16.99 -10.29 9.29
N GLU A 85 -16.75 -10.13 7.98
CA GLU A 85 -16.42 -8.83 7.41
C GLU A 85 -17.56 -7.82 7.60
N VAL A 86 -18.79 -8.28 7.38
CA VAL A 86 -19.98 -7.45 7.54
C VAL A 86 -20.20 -7.07 9.01
N LEU A 87 -20.08 -8.06 9.89
CA LEU A 87 -20.27 -7.87 11.33
C LEU A 87 -19.22 -6.95 11.96
N ASP A 88 -18.00 -7.00 11.42
CA ASP A 88 -16.90 -6.13 11.89
C ASP A 88 -17.12 -4.67 11.51
N LEU A 89 -17.89 -4.43 10.45
CA LEU A 89 -18.21 -3.08 10.02
C LEU A 89 -19.35 -2.45 10.83
N GLY A 90 -19.92 -3.22 11.75
CA GLY A 90 -20.93 -2.73 12.68
C GLY A 90 -22.37 -3.01 12.29
N PHE A 91 -22.55 -3.72 11.17
CA PHE A 91 -23.89 -4.05 10.69
C PHE A 91 -24.50 -5.21 11.47
N ASN A 92 -25.81 -5.11 11.71
CA ASN A 92 -26.55 -6.10 12.49
C ASN A 92 -26.71 -7.44 11.76
N PRO A 93 -26.51 -8.57 12.47
CA PRO A 93 -26.58 -9.91 11.89
C PRO A 93 -27.92 -10.28 11.26
N GLU A 94 -28.97 -9.53 11.59
CA GLU A 94 -30.31 -9.77 11.03
C GLU A 94 -30.39 -9.38 9.55
N ASP A 95 -29.59 -8.40 9.15
CA ASP A 95 -29.52 -7.95 7.77
C ASP A 95 -28.75 -8.92 6.88
N ILE A 96 -28.02 -9.85 7.52
CA ILE A 96 -27.20 -10.83 6.81
C ILE A 96 -27.99 -12.10 6.49
N THR A 97 -27.79 -12.64 5.29
CA THR A 97 -28.31 -13.95 4.93
C THR A 97 -27.18 -14.89 4.48
N TYR A 98 -26.98 -15.96 5.23
CA TYR A 98 -25.91 -16.93 4.95
C TYR A 98 -26.29 -17.79 3.74
N SER A 99 -26.05 -17.26 2.55
CA SER A 99 -26.41 -17.91 1.29
C SER A 99 -25.34 -18.92 0.86
N GLN A 100 -25.37 -20.09 1.51
CA GLN A 100 -24.50 -21.19 1.14
C GLN A 100 -25.28 -22.50 1.23
N THR A 101 -25.45 -23.14 0.08
CA THR A 101 -26.23 -24.38 -0.02
C THR A 101 -25.60 -25.52 0.77
N PHE A 102 -24.27 -25.62 0.73
CA PHE A 102 -23.55 -26.63 1.50
C PHE A 102 -22.49 -25.99 2.39
N LYS A 103 -22.81 -25.90 3.68
CA LYS A 103 -21.98 -25.19 4.65
C LYS A 103 -21.05 -26.14 5.40
N PRO A 104 -19.79 -25.72 5.62
CA PRO A 104 -18.89 -26.45 6.51
C PRO A 104 -19.42 -26.42 7.93
N TYR A 105 -19.25 -27.52 8.66
CA TYR A 105 -19.81 -27.66 10.01
C TYR A 105 -19.28 -26.59 10.97
N ASN A 106 -17.96 -26.39 10.97
CA ASN A 106 -17.32 -25.39 11.82
C ASN A 106 -17.81 -23.96 11.58
N GLN A 107 -18.05 -23.64 10.31
CA GLN A 107 -18.54 -22.32 9.93
C GLN A 107 -20.00 -22.11 10.30
N LEU A 108 -20.82 -23.16 10.16
CA LEU A 108 -22.24 -23.11 10.50
C LEU A 108 -22.44 -22.89 12.01
N ILE A 109 -21.62 -23.58 12.82
CA ILE A 109 -21.65 -23.42 14.26
C ILE A 109 -21.24 -22.01 14.67
N GLU A 110 -20.15 -21.52 14.09
CA GLU A 110 -19.63 -20.18 14.37
C GLU A 110 -20.62 -19.07 13.99
N ALA A 111 -21.31 -19.26 12.87
CA ALA A 111 -22.33 -18.32 12.41
C ALA A 111 -23.48 -18.18 13.41
N SER A 112 -23.88 -19.31 14.00
CA SER A 112 -24.92 -19.32 15.03
C SER A 112 -24.49 -18.56 16.27
N HIS A 113 -23.22 -18.68 16.63
CA HIS A 113 -22.65 -17.97 17.78
C HIS A 113 -22.46 -16.50 17.50
N LEU A 114 -22.23 -16.16 16.24
CA LEU A 114 -22.07 -14.77 15.82
C LEU A 114 -23.42 -14.04 15.71
N GLY A 115 -24.50 -14.81 15.61
CA GLY A 115 -25.85 -14.25 15.60
C GLY A 115 -26.59 -14.36 14.28
N ILE A 116 -26.04 -15.14 13.36
CA ILE A 116 -26.66 -15.36 12.04
C ILE A 116 -27.89 -16.24 12.19
N ASN A 117 -28.98 -15.82 11.56
CA ASN A 117 -30.29 -16.45 11.74
C ASN A 117 -30.98 -16.85 10.43
N HIS A 118 -30.33 -16.55 9.30
CA HIS A 118 -30.92 -16.84 7.99
C HIS A 118 -29.96 -17.54 7.07
N THR A 119 -30.39 -18.69 6.56
CA THR A 119 -29.56 -19.50 5.65
C THR A 119 -30.39 -20.21 4.57
N ILE A 120 -29.72 -20.84 3.61
CA ILE A 120 -30.39 -21.49 2.48
C ILE A 120 -30.04 -22.98 2.41
N VAL A 121 -31.00 -23.78 1.92
CA VAL A 121 -30.88 -25.23 1.80
C VAL A 121 -31.43 -25.72 0.46
N ASP A 122 -30.76 -26.70 -0.14
CA ASP A 122 -31.28 -27.40 -1.33
C ASP A 122 -31.06 -28.92 -1.29
N SER A 123 -30.95 -29.46 -0.08
CA SER A 123 -30.76 -30.90 0.11
C SER A 123 -31.33 -31.39 1.44
N ILE A 124 -31.66 -32.68 1.51
CA ILE A 124 -32.17 -33.31 2.73
C ILE A 124 -31.08 -33.38 3.82
N ASP A 125 -29.82 -33.49 3.40
CA ASP A 125 -28.70 -33.59 4.32
C ASP A 125 -28.45 -32.27 5.07
N GLU A 126 -28.56 -31.15 4.37
CA GLU A 126 -28.32 -29.83 4.95
C GLU A 126 -29.41 -29.45 5.96
N VAL A 127 -30.63 -29.93 5.74
CA VAL A 127 -31.72 -29.79 6.69
C VAL A 127 -31.34 -30.47 8.01
N GLN A 128 -30.80 -31.69 7.89
CA GLN A 128 -30.35 -32.49 9.04
C GLN A 128 -29.11 -31.88 9.68
N LYS A 129 -28.22 -31.32 8.85
CA LYS A 129 -27.00 -30.66 9.30
C LYS A 129 -27.34 -29.46 10.19
N ILE A 130 -28.34 -28.69 9.76
CA ILE A 130 -28.81 -27.53 10.52
C ILE A 130 -29.53 -27.97 11.79
N ALA A 131 -30.36 -29.01 11.67
CA ALA A 131 -31.11 -29.54 12.81
C ALA A 131 -30.22 -30.10 13.92
N LYS A 132 -29.00 -30.52 13.55
CA LYS A 132 -28.07 -31.14 14.48
C LYS A 132 -27.15 -30.14 15.18
N TYR A 133 -26.74 -29.09 14.45
CA TYR A 133 -25.71 -28.17 14.94
C TYR A 133 -26.20 -26.77 15.29
N ALA A 134 -27.16 -26.26 14.52
CA ALA A 134 -27.76 -24.95 14.78
C ALA A 134 -29.25 -24.93 14.39
N PRO A 135 -30.10 -25.59 15.20
CA PRO A 135 -31.51 -25.81 14.84
C PRO A 135 -32.41 -24.59 14.98
N LYS A 136 -31.85 -23.46 15.42
CA LYS A 136 -32.62 -22.23 15.57
C LYS A 136 -32.51 -21.31 14.34
N MET A 137 -31.62 -21.66 13.42
CA MET A 137 -31.41 -20.89 12.20
C MET A 137 -32.56 -21.07 11.21
N GLY A 138 -33.08 -19.95 10.71
CA GLY A 138 -34.15 -19.98 9.71
C GLY A 138 -33.66 -20.51 8.37
N ILE A 139 -34.50 -21.31 7.72
CA ILE A 139 -34.12 -22.00 6.50
C ILE A 139 -34.91 -21.51 5.29
N MET A 140 -34.20 -21.25 4.20
CA MET A 140 -34.82 -20.88 2.94
C MET A 140 -34.62 -22.01 1.93
N ILE A 141 -35.69 -22.38 1.23
CA ILE A 141 -35.63 -23.47 0.25
C ILE A 141 -35.25 -22.95 -1.14
N ARG A 142 -34.20 -23.54 -1.72
CA ARG A 142 -33.73 -23.13 -3.04
C ARG A 142 -34.43 -23.91 -4.16
N ILE A 143 -35.11 -23.18 -5.04
CA ILE A 143 -35.80 -23.77 -6.18
C ILE A 143 -35.18 -23.30 -7.51
N MET A 144 -35.73 -23.77 -8.62
CA MET A 144 -35.27 -23.37 -9.96
C MET A 144 -36.43 -22.88 -10.82
N LYS A 157 -26.93 -28.33 -11.96
CA LYS A 157 -26.52 -28.15 -10.56
C LYS A 157 -27.07 -26.83 -9.98
N PHE A 158 -26.93 -26.70 -8.66
CA PHE A 158 -27.43 -25.54 -7.90
C PHE A 158 -28.94 -25.34 -7.98
N GLY A 159 -29.63 -25.74 -6.92
CA GLY A 159 -31.08 -25.67 -6.85
C GLY A 159 -31.69 -26.99 -6.41
N LEU A 160 -33.01 -27.08 -6.51
CA LEU A 160 -33.73 -28.27 -6.11
C LEU A 160 -34.82 -28.56 -7.14
N HIS A 161 -34.88 -29.81 -7.59
CA HIS A 161 -35.83 -30.23 -8.62
C HIS A 161 -37.26 -30.29 -8.12
N ASP A 162 -38.20 -30.14 -9.04
CA ASP A 162 -39.64 -30.04 -8.75
C ASP A 162 -40.17 -31.05 -7.72
N ASP A 163 -39.84 -32.32 -7.92
CA ASP A 163 -40.32 -33.41 -7.07
C ASP A 163 -39.63 -33.47 -5.70
N GLU A 164 -38.41 -32.94 -5.63
CA GLU A 164 -37.63 -32.97 -4.41
C GLU A 164 -38.09 -31.94 -3.37
N VAL A 165 -38.83 -30.94 -3.83
CA VAL A 165 -39.33 -29.84 -2.99
C VAL A 165 -40.18 -30.34 -1.82
N GLU A 166 -41.03 -31.33 -2.09
CA GLU A 166 -41.89 -31.93 -1.06
C GLU A 166 -41.11 -32.77 -0.05
N ILE A 167 -40.11 -33.50 -0.55
CA ILE A 167 -39.27 -34.35 0.30
C ILE A 167 -38.46 -33.51 1.29
N VAL A 168 -37.97 -32.36 0.84
CA VAL A 168 -37.22 -31.43 1.69
C VAL A 168 -38.15 -30.75 2.69
N LEU A 169 -39.29 -30.24 2.23
CA LEU A 169 -40.28 -29.60 3.09
C LEU A 169 -40.79 -30.53 4.18
N LYS A 170 -40.92 -31.82 3.84
CA LYS A 170 -41.30 -32.85 4.82
C LYS A 170 -40.22 -32.99 5.88
N GLU A 171 -38.95 -32.98 5.47
CA GLU A 171 -37.82 -33.12 6.38
C GLU A 171 -37.67 -31.91 7.31
N ILE A 172 -37.92 -30.71 6.77
CA ILE A 172 -37.90 -29.48 7.57
C ILE A 172 -38.99 -29.55 8.65
N LYS A 173 -40.16 -30.06 8.28
CA LYS A 173 -41.28 -30.24 9.21
C LYS A 173 -41.01 -31.33 10.23
N ASP A 174 -40.44 -32.45 9.76
CA ASP A 174 -40.14 -33.59 10.63
C ASP A 174 -39.04 -33.30 11.64
N LYS A 175 -38.17 -32.34 11.32
CA LYS A 175 -37.10 -31.92 12.22
C LYS A 175 -37.53 -30.73 13.08
N GLY A 176 -38.72 -30.21 12.81
CA GLY A 176 -39.29 -29.08 13.56
C GLY A 176 -38.49 -27.80 13.42
N LEU A 177 -38.08 -27.50 12.20
CA LEU A 177 -37.25 -26.33 11.92
C LEU A 177 -38.06 -25.18 11.34
N ASN A 178 -37.52 -23.97 11.50
CA ASN A 178 -38.18 -22.76 11.00
C ASN A 178 -37.87 -22.52 9.52
N LEU A 179 -38.93 -22.28 8.75
CA LEU A 179 -38.80 -21.96 7.33
C LEU A 179 -39.04 -20.48 7.09
N ASP A 180 -38.01 -19.79 6.63
CA ASP A 180 -38.10 -18.37 6.31
C ASP A 180 -38.84 -18.14 4.99
N GLY A 181 -38.60 -19.02 4.02
CA GLY A 181 -39.28 -18.95 2.73
C GLY A 181 -38.59 -19.65 1.58
N VAL A 182 -38.70 -19.05 0.39
CA VAL A 182 -38.20 -19.64 -0.85
C VAL A 182 -37.11 -18.77 -1.49
N HIS A 183 -36.13 -19.42 -2.11
CA HIS A 183 -35.02 -18.75 -2.78
C HIS A 183 -34.75 -19.37 -4.12
N PHE A 184 -34.44 -18.54 -5.11
CA PHE A 184 -34.00 -19.02 -6.43
C PHE A 184 -32.93 -18.12 -7.03
N HIS A 185 -31.97 -18.74 -7.72
CA HIS A 185 -30.90 -18.00 -8.39
C HIS A 185 -30.78 -18.43 -9.82
N VAL A 186 -30.88 -17.47 -10.73
CA VAL A 186 -30.73 -17.74 -12.16
C VAL A 186 -29.26 -17.71 -12.58
N GLY A 187 -28.95 -18.42 -13.67
CA GLY A 187 -27.58 -18.50 -14.19
C GLY A 187 -27.12 -17.23 -14.88
N SER A 188 -25.92 -17.29 -15.45
CA SER A 188 -25.33 -16.17 -16.20
C SER A 188 -26.06 -15.93 -17.53
N ASP A 189 -26.81 -16.94 -17.95
CA ASP A 189 -27.62 -16.86 -19.17
C ASP A 189 -29.03 -16.32 -18.89
N SER A 190 -29.08 -15.19 -18.18
CA SER A 190 -30.34 -14.54 -17.82
C SER A 190 -31.05 -14.03 -19.07
N HIS A 191 -30.68 -12.84 -19.52
CA HIS A 191 -31.16 -12.23 -20.77
C HIS A 191 -32.66 -12.24 -20.94
N ASN A 192 -33.21 -13.41 -21.26
CA ASN A 192 -34.66 -13.62 -21.32
C ASN A 192 -35.32 -13.31 -19.98
N SER A 193 -36.30 -12.42 -20.01
CA SER A 193 -36.98 -11.94 -18.80
C SER A 193 -37.94 -12.96 -18.22
N GLU A 194 -38.55 -13.75 -19.09
CA GLU A 194 -39.66 -14.65 -18.73
C GLU A 194 -39.29 -15.78 -17.75
N VAL A 195 -37.99 -15.97 -17.51
CA VAL A 195 -37.52 -16.98 -16.54
C VAL A 195 -37.76 -16.52 -15.10
N PHE A 196 -37.71 -15.21 -14.87
CA PHE A 196 -38.03 -14.62 -13.57
C PHE A 196 -39.53 -14.70 -13.30
N THR A 197 -40.33 -14.54 -14.36
CA THR A 197 -41.78 -14.65 -14.28
C THR A 197 -42.20 -16.06 -13.88
N LYS A 198 -41.56 -17.06 -14.49
CA LYS A 198 -41.86 -18.46 -14.24
C LYS A 198 -41.38 -18.89 -12.85
N ALA A 199 -40.20 -18.42 -12.46
CA ALA A 199 -39.61 -18.77 -11.16
C ALA A 199 -40.37 -18.17 -9.98
N LEU A 200 -40.95 -16.99 -10.18
CA LEU A 200 -41.79 -16.33 -9.17
C LEU A 200 -43.13 -17.05 -9.00
N THR A 201 -43.69 -17.51 -10.12
CA THR A 201 -44.93 -18.27 -10.11
C THR A 201 -44.70 -19.64 -9.45
N LYS A 202 -43.53 -20.21 -9.72
CA LYS A 202 -43.10 -21.47 -9.10
C LYS A 202 -42.86 -21.29 -7.60
N ALA A 203 -42.37 -20.11 -7.22
CA ALA A 203 -42.14 -19.77 -5.81
C ALA A 203 -43.45 -19.55 -5.07
N ARG A 204 -44.42 -18.93 -5.75
CA ARG A 204 -45.74 -18.67 -5.19
C ARG A 204 -46.46 -19.98 -4.84
N ASN A 205 -46.29 -20.98 -5.71
CA ASN A 205 -46.85 -22.31 -5.48
C ASN A 205 -46.16 -23.04 -4.34
N THR A 206 -44.88 -22.76 -4.15
CA THR A 206 -44.10 -23.35 -3.06
C THR A 206 -44.52 -22.78 -1.70
N VAL A 207 -44.94 -21.52 -1.70
CA VAL A 207 -45.44 -20.85 -0.49
C VAL A 207 -46.73 -21.51 0.00
N THR A 208 -47.70 -21.66 -0.91
CA THR A 208 -48.98 -22.28 -0.58
C THR A 208 -48.84 -23.75 -0.18
N LEU A 209 -47.87 -24.43 -0.78
CA LEU A 209 -47.54 -25.82 -0.42
C LEU A 209 -46.97 -25.89 1.00
N ALA A 210 -46.04 -24.98 1.29
CA ALA A 210 -45.41 -24.90 2.61
C ALA A 210 -46.38 -24.43 3.69
N GLU A 211 -47.33 -23.59 3.29
CA GLU A 211 -48.40 -23.12 4.19
C GLU A 211 -49.30 -24.28 4.63
N GLN A 212 -49.46 -25.25 3.74
CA GLN A 212 -50.22 -26.46 4.04
C GLN A 212 -49.46 -27.38 4.99
N PHE A 213 -48.13 -27.28 4.97
CA PHE A 213 -47.27 -28.00 5.92
C PHE A 213 -47.31 -27.39 7.32
N GLY A 214 -48.08 -26.31 7.48
CA GLY A 214 -48.20 -25.62 8.76
C GLY A 214 -47.10 -24.61 8.99
N MET A 215 -46.38 -24.27 7.92
CA MET A 215 -45.28 -23.31 7.98
C MET A 215 -45.74 -21.92 7.56
N LYS A 216 -45.04 -20.90 8.06
CA LYS A 216 -45.32 -19.51 7.71
C LYS A 216 -44.11 -18.89 7.01
N PRO A 217 -44.00 -19.06 5.67
CA PRO A 217 -42.87 -18.51 4.92
C PRO A 217 -43.07 -17.03 4.60
N TYR A 218 -42.19 -16.19 5.12
CA TYR A 218 -42.34 -14.74 5.00
C TYR A 218 -41.28 -14.08 4.11
N LEU A 219 -40.37 -14.88 3.56
CA LEU A 219 -39.24 -14.34 2.81
C LEU A 219 -39.08 -14.98 1.44
N ILE A 220 -39.03 -14.14 0.40
CA ILE A 220 -38.78 -14.60 -0.96
C ILE A 220 -37.52 -13.92 -1.50
N ASP A 221 -36.49 -14.74 -1.74
CA ASP A 221 -35.23 -14.27 -2.29
C ASP A 221 -35.19 -14.56 -3.79
N ILE A 222 -35.34 -13.51 -4.59
CA ILE A 222 -35.38 -13.65 -6.05
C ILE A 222 -33.99 -13.85 -6.66
N GLY A 223 -32.97 -13.78 -5.82
CA GLY A 223 -31.58 -14.05 -6.22
C GLY A 223 -30.90 -12.91 -6.94
N GLY A 224 -29.93 -13.26 -7.77
CA GLY A 224 -29.16 -12.28 -8.53
C GLY A 224 -29.38 -12.40 -10.03
N GLY A 225 -28.35 -12.06 -10.79
CA GLY A 225 -28.40 -12.08 -12.25
C GLY A 225 -29.05 -10.85 -12.83
N PHE A 226 -28.75 -9.69 -12.23
CA PHE A 226 -29.28 -8.41 -12.70
C PHE A 226 -28.27 -7.72 -13.62
N SER A 227 -28.71 -6.62 -14.24
CA SER A 227 -27.94 -5.92 -15.28
C SER A 227 -27.55 -6.84 -16.46
N GLN A 228 -28.26 -7.97 -16.55
CA GLN A 228 -28.11 -8.89 -17.68
C GLN A 228 -29.40 -8.85 -18.51
N VAL A 229 -30.44 -8.27 -17.93
CA VAL A 229 -31.64 -7.87 -18.66
C VAL A 229 -31.55 -6.35 -18.81
N ALA A 230 -31.15 -5.91 -20.00
CA ALA A 230 -30.68 -4.53 -20.24
C ALA A 230 -31.60 -3.36 -19.87
N PRO A 231 -32.88 -3.39 -20.28
CA PRO A 231 -33.71 -2.21 -20.02
C PRO A 231 -34.20 -2.15 -18.57
N PHE A 232 -33.27 -2.37 -17.63
CA PHE A 232 -33.53 -2.44 -16.18
C PHE A 232 -34.81 -1.80 -15.66
N GLU A 233 -35.09 -0.57 -16.10
CA GLU A 233 -36.30 0.16 -15.74
C GLU A 233 -37.55 -0.67 -16.04
N GLU A 234 -37.54 -1.35 -17.19
CA GLU A 234 -38.64 -2.21 -17.63
C GLU A 234 -38.62 -3.57 -16.94
N PHE A 235 -37.42 -4.13 -16.77
CA PHE A 235 -37.24 -5.42 -16.11
C PHE A 235 -37.67 -5.37 -14.64
N ALA A 236 -37.42 -4.23 -14.00
CA ALA A 236 -37.83 -3.99 -12.61
C ALA A 236 -39.34 -3.79 -12.51
N ALA A 237 -39.93 -3.24 -13.57
CA ALA A 237 -41.38 -3.03 -13.63
C ALA A 237 -42.14 -4.34 -13.76
N THR A 238 -41.55 -5.31 -14.48
CA THR A 238 -42.17 -6.62 -14.68
C THR A 238 -42.16 -7.47 -13.40
N ILE A 239 -41.05 -7.45 -12.69
CA ILE A 239 -40.92 -8.16 -11.41
C ILE A 239 -41.89 -7.55 -10.39
N GLU A 240 -41.97 -6.22 -10.37
CA GLU A 240 -42.85 -5.47 -9.49
C GLU A 240 -44.32 -5.77 -9.74
N LYS A 241 -44.67 -5.92 -11.02
CA LYS A 241 -46.04 -6.21 -11.43
C LYS A 241 -46.42 -7.66 -11.12
N THR A 242 -45.48 -8.57 -11.36
CA THR A 242 -45.69 -10.00 -11.10
C THR A 242 -45.85 -10.28 -9.61
N ILE A 243 -45.08 -9.57 -8.78
CA ILE A 243 -45.17 -9.65 -7.32
C ILE A 243 -46.60 -9.39 -6.82
N LYS A 244 -47.23 -8.36 -7.39
CA LYS A 244 -48.61 -7.99 -7.04
C LYS A 244 -49.65 -9.00 -7.53
N GLU A 245 -49.47 -9.48 -8.76
CA GLU A 245 -50.43 -10.36 -9.44
C GLU A 245 -50.53 -11.75 -8.82
N LEU A 246 -49.41 -12.26 -8.32
CA LEU A 246 -49.37 -13.58 -7.70
C LEU A 246 -50.06 -13.61 -6.33
N GLU A 247 -50.23 -12.42 -5.75
CA GLU A 247 -50.90 -12.25 -4.45
C GLU A 247 -50.26 -13.09 -3.35
N PHE A 248 -49.05 -12.69 -2.96
CA PHE A 248 -48.34 -13.31 -1.84
C PHE A 248 -48.99 -12.91 -0.52
N PRO A 249 -48.90 -13.79 0.51
CA PRO A 249 -49.42 -13.49 1.84
C PRO A 249 -48.98 -12.13 2.38
N GLU A 250 -49.85 -11.52 3.17
CA GLU A 250 -49.64 -10.16 3.69
C GLU A 250 -48.32 -9.99 4.44
N ARG A 251 -47.88 -11.06 5.12
CA ARG A 251 -46.65 -11.03 5.92
C ARG A 251 -45.35 -11.14 5.12
N THR A 252 -45.44 -11.59 3.87
CA THR A 252 -44.26 -11.88 3.05
C THR A 252 -43.45 -10.65 2.64
N ARG A 253 -42.12 -10.76 2.76
CA ARG A 253 -41.20 -9.72 2.35
C ARG A 253 -40.27 -10.23 1.25
N PHE A 254 -39.77 -9.31 0.42
CA PHE A 254 -38.98 -9.69 -0.74
C PHE A 254 -37.56 -9.11 -0.72
N ILE A 255 -36.59 -9.99 -0.90
CA ILE A 255 -35.18 -9.58 -1.00
C ILE A 255 -34.55 -10.09 -2.29
N ALA A 256 -33.45 -9.46 -2.70
CA ALA A 256 -32.70 -9.86 -3.88
C ALA A 256 -31.22 -9.99 -3.54
N GLU A 257 -30.45 -10.60 -4.44
CA GLU A 257 -29.01 -10.77 -4.25
C GLU A 257 -28.19 -10.15 -5.38
N PRO A 258 -28.32 -8.82 -5.59
CA PRO A 258 -27.59 -8.23 -6.71
C PRO A 258 -26.12 -7.96 -6.37
N GLY A 259 -25.23 -8.54 -7.17
CA GLY A 259 -23.78 -8.37 -6.98
C GLY A 259 -23.17 -7.54 -8.09
N ARG A 260 -23.21 -8.07 -9.30
CA ARG A 260 -22.66 -7.42 -10.49
C ARG A 260 -23.28 -6.04 -10.73
N TYR A 261 -24.57 -5.91 -10.41
CA TYR A 261 -25.31 -4.65 -10.58
C TYR A 261 -24.71 -3.52 -9.74
N MET A 262 -24.44 -3.81 -8.46
CA MET A 262 -23.94 -2.81 -7.53
C MET A 262 -22.44 -2.54 -7.69
N ALA A 263 -21.68 -3.60 -7.94
CA ALA A 263 -20.22 -3.53 -7.95
C ALA A 263 -19.62 -2.93 -9.22
N SER A 264 -20.35 -3.02 -10.33
CA SER A 264 -19.84 -2.59 -11.64
C SER A 264 -19.41 -1.12 -11.67
N ASN A 265 -20.34 -0.22 -11.38
CA ASN A 265 -20.08 1.21 -11.47
C ASN A 265 -19.34 1.78 -10.26
N ALA A 266 -18.91 0.90 -9.37
CA ALA A 266 -18.24 1.28 -8.12
C ALA A 266 -16.76 1.64 -8.33
N PHE A 267 -16.07 0.85 -9.15
CA PHE A 267 -14.64 1.02 -9.35
C PHE A 267 -14.26 1.28 -10.81
N HIS A 268 -13.18 2.01 -11.00
CA HIS A 268 -12.60 2.26 -12.32
C HIS A 268 -11.14 1.95 -12.28
N LEU A 269 -10.71 1.04 -13.15
CA LEU A 269 -9.32 0.62 -13.21
C LEU A 269 -8.53 1.51 -14.16
N VAL A 270 -7.38 2.01 -13.69
CA VAL A 270 -6.48 2.82 -14.52
C VAL A 270 -5.10 2.15 -14.58
N SER A 271 -4.89 1.38 -15.64
CA SER A 271 -3.68 0.56 -15.76
C SER A 271 -2.59 1.22 -16.60
N SER A 272 -1.34 0.83 -16.33
CA SER A 272 -0.18 1.35 -17.05
C SER A 272 0.35 0.34 -18.05
N LEU A 273 1.18 0.79 -18.97
CA LEU A 273 1.76 -0.07 -20.00
C LEU A 273 3.25 -0.34 -19.75
N HIS A 274 3.63 -1.60 -19.83
CA HIS A 274 5.03 -2.01 -19.69
C HIS A 274 5.43 -3.03 -20.72
N GLY A 275 5.01 -2.81 -21.96
CA GLY A 275 5.35 -3.70 -23.06
C GLY A 275 4.63 -3.39 -24.37
N LYS A 276 5.36 -3.50 -25.47
CA LYS A 276 4.82 -3.22 -26.80
C LYS A 276 5.44 -4.09 -27.88
N ARG A 277 4.62 -4.53 -28.83
CA ARG A 277 5.09 -5.30 -29.98
C ARG A 277 4.30 -4.93 -31.24
N VAL A 278 4.99 -4.35 -32.22
CA VAL A 278 4.39 -4.00 -33.50
C VAL A 278 4.52 -5.18 -34.46
N ARG A 279 3.38 -5.63 -34.99
CA ARG A 279 3.34 -6.80 -35.86
C ARG A 279 2.44 -6.55 -37.07
N ILE A 280 3.06 -6.37 -38.23
CA ILE A 280 2.32 -6.19 -39.47
C ILE A 280 1.90 -7.57 -39.99
N GLN A 281 0.59 -7.77 -40.12
CA GLN A 281 0.05 -9.05 -40.55
C GLN A 281 -1.12 -8.85 -41.51
N ASN A 282 -1.09 -9.58 -42.62
CA ASN A 282 -2.11 -9.48 -43.68
C ASN A 282 -2.23 -8.08 -44.30
N GLY A 283 -1.14 -7.33 -44.28
CA GLY A 283 -1.09 -6.01 -44.92
C GLY A 283 -1.14 -4.81 -44.00
N LYS A 284 -1.68 -4.98 -42.79
CA LYS A 284 -1.80 -3.87 -41.86
C LYS A 284 -1.35 -4.22 -40.44
N LYS A 285 -0.60 -3.30 -39.83
CA LYS A 285 0.00 -3.51 -38.51
C LYS A 285 -1.01 -3.50 -37.36
N GLN A 286 -0.94 -4.54 -36.53
CA GLN A 286 -1.61 -4.55 -35.24
C GLN A 286 -0.55 -4.40 -34.15
N ILE A 287 -0.93 -3.74 -33.05
CA ILE A 287 0.03 -3.46 -31.98
C ILE A 287 -0.37 -4.14 -30.67
N GLU A 288 0.49 -5.01 -30.18
CA GLU A 288 0.27 -5.73 -28.93
C GLU A 288 0.79 -4.93 -27.74
N TYR A 289 0.00 -4.89 -26.67
CA TYR A 289 0.37 -4.17 -25.46
C TYR A 289 0.31 -5.08 -24.23
N THR A 290 1.14 -4.76 -23.25
CA THR A 290 1.16 -5.49 -21.99
C THR A 290 0.80 -4.56 -20.85
N SER A 291 -0.41 -4.75 -20.32
CA SER A 291 -0.96 -3.90 -19.28
C SER A 291 -0.61 -4.41 -17.89
N GLY A 292 -0.48 -3.49 -16.94
CA GLY A 292 -0.03 -3.78 -15.58
C GLY A 292 -0.70 -4.94 -14.86
N ASP A 293 -0.27 -6.16 -15.21
CA ASP A 293 -0.73 -7.42 -14.60
C ASP A 293 0.04 -8.62 -15.15
N GLY A 294 -0.17 -9.79 -14.56
CA GLY A 294 0.48 -11.02 -14.99
C GLY A 294 -0.06 -11.59 -16.29
N LEU A 295 0.82 -12.16 -17.09
CA LEU A 295 0.48 -12.66 -18.43
C LEU A 295 -0.39 -13.93 -18.45
N HIS A 296 -0.69 -14.46 -17.27
CA HIS A 296 -1.49 -15.68 -17.09
C HIS A 296 -0.81 -16.88 -17.70
N LYS A 309 -12.56 -5.87 -21.32
CA LYS A 309 -13.72 -5.11 -21.78
C LYS A 309 -13.28 -3.81 -22.45
N SER A 310 -14.24 -2.95 -22.77
CA SER A 310 -13.98 -1.68 -23.46
C SER A 310 -13.17 -0.71 -22.60
N CYS A 311 -12.16 -0.09 -23.22
CA CYS A 311 -11.28 0.86 -22.56
C CYS A 311 -10.85 1.97 -23.52
N GLU A 312 -10.19 3.00 -22.99
CA GLU A 312 -9.68 4.09 -23.82
C GLU A 312 -8.34 4.63 -23.32
N CYS A 313 -7.55 5.17 -24.25
CA CYS A 313 -6.27 5.77 -23.91
C CYS A 313 -6.45 7.20 -23.42
N ILE A 314 -6.37 7.37 -22.10
CA ILE A 314 -6.68 8.64 -21.43
C ILE A 314 -5.60 9.71 -21.59
N THR A 315 -4.34 9.27 -21.66
CA THR A 315 -3.18 10.16 -21.69
C THR A 315 -3.10 11.04 -22.93
N GLN A 316 -3.55 10.53 -24.07
CA GLN A 316 -3.63 11.32 -25.30
C GLN A 316 -5.06 11.38 -25.84
N LYS A 317 -5.52 12.58 -26.14
CA LYS A 317 -6.88 12.80 -26.65
C LYS A 317 -6.91 12.55 -28.15
N VAL A 318 -7.95 11.84 -28.59
CA VAL A 318 -8.12 11.52 -30.01
C VAL A 318 -8.49 12.75 -30.85
N ASN A 319 -7.60 13.10 -31.78
CA ASN A 319 -7.87 14.17 -32.73
C ASN A 319 -8.45 13.64 -34.05
N GLU A 320 -9.53 12.86 -33.92
CA GLU A 320 -10.16 12.13 -35.02
C GLU A 320 -9.16 11.24 -35.78
N ASN A 321 -8.43 11.84 -36.71
CA ASN A 321 -7.38 11.13 -37.45
C ASN A 321 -6.08 11.05 -36.64
N THR A 322 -6.11 10.23 -35.60
CA THR A 322 -4.95 10.01 -34.73
C THR A 322 -4.32 8.65 -35.01
N LYS A 323 -4.59 8.12 -36.21
CA LYS A 323 -4.08 6.82 -36.67
C LYS A 323 -4.45 5.69 -35.69
N MET A 324 -5.68 5.19 -35.80
CA MET A 324 -6.16 4.11 -34.95
C MET A 324 -5.73 2.75 -35.49
N TYR A 325 -5.14 1.94 -34.61
CA TYR A 325 -4.71 0.58 -34.95
C TYR A 325 -5.43 -0.46 -34.08
N GLU A 326 -5.68 -1.63 -34.65
CA GLU A 326 -6.28 -2.73 -33.91
C GLU A 326 -5.29 -3.25 -32.86
N SER A 327 -5.57 -2.95 -31.60
CA SER A 327 -4.66 -3.26 -30.51
C SER A 327 -5.12 -4.44 -29.67
N ILE A 328 -4.17 -5.32 -29.35
CA ILE A 328 -4.40 -6.48 -28.47
C ILE A 328 -3.74 -6.19 -27.12
N ILE A 329 -4.54 -6.14 -26.07
CA ILE A 329 -4.03 -5.84 -24.74
C ILE A 329 -3.96 -7.11 -23.89
N TYR A 330 -2.77 -7.37 -23.34
CA TYR A 330 -2.56 -8.54 -22.50
C TYR A 330 -2.63 -8.19 -21.02
N GLY A 331 -3.02 -9.17 -20.20
CA GLY A 331 -3.09 -9.01 -18.76
C GLY A 331 -1.72 -8.88 -18.12
N ASP A 338 -4.16 -12.65 -19.71
CA ASP A 338 -3.72 -13.34 -20.92
C ASP A 338 -4.14 -12.57 -22.17
N LYS A 339 -5.32 -11.96 -22.13
CA LYS A 339 -5.88 -11.19 -23.24
C LYS A 339 -7.13 -10.46 -22.72
N VAL A 340 -6.92 -9.25 -22.20
CA VAL A 340 -8.00 -8.50 -21.52
C VAL A 340 -8.91 -7.70 -22.46
N ALA A 341 -8.37 -7.23 -23.59
CA ALA A 341 -9.15 -6.45 -24.55
C ALA A 341 -8.58 -6.46 -25.96
N THR A 342 -9.48 -6.57 -26.93
CA THR A 342 -9.13 -6.40 -28.34
C THR A 342 -9.93 -5.20 -28.85
N GLN A 343 -9.23 -4.07 -28.99
CA GLN A 343 -9.90 -2.80 -29.26
C GLN A 343 -9.11 -1.89 -30.19
N GLU A 344 -9.84 -1.01 -30.86
CA GLU A 344 -9.28 0.03 -31.72
C GLU A 344 -8.67 1.13 -30.85
N LEU A 345 -7.36 1.30 -30.93
CA LEU A 345 -6.62 2.26 -30.11
C LEU A 345 -5.49 2.94 -30.87
N PRO A 346 -5.19 4.22 -30.52
CA PRO A 346 -4.05 4.89 -31.14
C PRO A 346 -2.72 4.30 -30.67
N GLU A 347 -1.66 4.51 -31.43
CA GLU A 347 -0.33 4.01 -31.06
C GLU A 347 0.11 4.63 -29.73
N MET A 348 0.47 3.76 -28.79
CA MET A 348 0.82 4.17 -27.43
C MET A 348 2.28 3.93 -27.11
N GLU A 349 2.80 4.70 -26.16
CA GLU A 349 4.18 4.58 -25.71
C GLU A 349 4.20 4.08 -24.26
N PRO A 350 4.80 2.90 -24.02
CA PRO A 350 4.87 2.33 -22.67
C PRO A 350 5.70 3.19 -21.73
N GLY A 351 5.12 3.49 -20.56
CA GLY A 351 5.75 4.37 -19.59
C GLY A 351 5.19 5.79 -19.65
N LYS A 352 4.49 6.09 -20.75
CA LYS A 352 3.91 7.41 -20.95
C LYS A 352 2.37 7.33 -21.03
N ASP A 353 1.87 6.34 -21.74
CA ASP A 353 0.43 6.19 -21.98
C ASP A 353 -0.25 5.25 -20.98
N TRP A 354 -1.51 5.55 -20.66
CA TRP A 354 -2.29 4.79 -19.69
C TRP A 354 -3.64 4.41 -20.22
N LEU A 355 -4.21 3.36 -19.63
CA LEU A 355 -5.53 2.85 -20.03
C LEU A 355 -6.50 2.95 -18.87
N LEU A 356 -7.71 3.45 -19.15
CA LEU A 356 -8.80 3.45 -18.18
C LEU A 356 -9.86 2.43 -18.57
N PHE A 357 -10.08 1.46 -17.71
CA PHE A 357 -11.16 0.49 -17.90
C PHE A 357 -12.37 0.95 -17.08
N PRO A 358 -13.38 1.54 -17.75
CA PRO A 358 -14.54 2.08 -17.06
C PRO A 358 -15.44 0.99 -16.50
N ASN A 359 -15.91 1.21 -15.26
CA ASN A 359 -16.81 0.29 -14.57
C ASN A 359 -16.26 -1.13 -14.42
N MET A 360 -15.38 -1.29 -13.43
CA MET A 360 -14.83 -2.60 -13.08
C MET A 360 -15.29 -2.99 -11.68
N GLY A 361 -14.51 -3.82 -10.99
CA GLY A 361 -14.85 -4.24 -9.64
C GLY A 361 -15.90 -5.34 -9.59
N ALA A 362 -16.68 -5.47 -10.66
CA ALA A 362 -17.67 -6.54 -10.79
C ALA A 362 -16.96 -7.87 -11.01
N TYR A 363 -16.78 -8.61 -9.91
CA TYR A 363 -16.05 -9.89 -9.88
C TYR A 363 -14.54 -9.77 -10.16
N THR A 364 -14.10 -8.59 -10.60
CA THR A 364 -12.70 -8.38 -10.96
C THR A 364 -11.83 -7.93 -9.78
N ILE A 365 -12.47 -7.66 -8.64
CA ILE A 365 -11.82 -7.22 -7.39
C ILE A 365 -10.67 -6.21 -7.59
N HIS A 379 -1.87 -1.14 -7.02
CA HIS A 379 -3.19 -1.60 -6.60
C HIS A 379 -3.78 -0.74 -5.50
N VAL A 380 -3.40 0.54 -5.51
CA VAL A 380 -3.91 1.53 -4.55
C VAL A 380 -5.29 2.01 -5.02
N ILE A 381 -6.18 2.27 -4.07
CA ILE A 381 -7.53 2.76 -4.37
C ILE A 381 -7.68 4.22 -3.97
N TYR A 382 -7.94 5.07 -4.96
CA TYR A 382 -8.16 6.50 -4.73
C TYR A 382 -9.65 6.85 -4.88
N THR A 383 -10.19 7.55 -3.90
CA THR A 383 -11.60 7.94 -3.93
C THR A 383 -11.80 9.15 -4.84
N LEU A 384 -12.79 9.04 -5.72
CA LEU A 384 -13.15 10.12 -6.66
C LEU A 384 -13.73 11.32 -5.91
N PRO A 385 -13.23 12.54 -6.22
CA PRO A 385 -13.70 13.77 -5.60
C PRO A 385 -15.16 14.08 -5.97
N LEU A 386 -15.90 14.60 -4.99
CA LEU A 386 -17.31 14.93 -5.17
C LEU A 386 -17.74 16.05 -4.22
N SER B 5 1.45 -45.99 -2.97
CA SER B 5 1.32 -44.85 -2.01
C SER B 5 0.69 -45.29 -0.69
N LEU B 6 1.16 -46.41 -0.17
CA LEU B 6 0.66 -46.98 1.09
C LEU B 6 1.09 -46.14 2.29
N GLU B 7 2.28 -45.57 2.21
CA GLU B 7 2.85 -44.74 3.28
C GLU B 7 2.13 -43.40 3.42
N VAL B 8 1.69 -42.83 2.29
CA VAL B 8 0.96 -41.56 2.27
C VAL B 8 -0.47 -41.75 2.78
N LYS B 9 -1.05 -42.89 2.45
CA LYS B 9 -2.41 -43.24 2.85
C LYS B 9 -2.53 -43.39 4.37
N GLU B 10 -1.51 -43.98 4.98
CA GLU B 10 -1.48 -44.19 6.43
C GLU B 10 -1.28 -42.89 7.22
N PHE B 11 -0.45 -42.00 6.67
CA PHE B 11 -0.16 -40.71 7.28
C PHE B 11 -1.38 -39.78 7.29
N ALA B 12 -2.20 -39.88 6.25
CA ALA B 12 -3.44 -39.11 6.16
C ALA B 12 -4.52 -39.67 7.08
N LEU B 13 -4.82 -40.96 6.92
CA LEU B 13 -5.83 -41.65 7.75
C LEU B 13 -5.63 -41.44 9.25
N ASN B 14 -4.38 -41.21 9.65
CA ASN B 14 -4.02 -40.90 11.02
C ASN B 14 -4.44 -39.49 11.41
N LEU B 15 -4.22 -38.53 10.51
CA LEU B 15 -4.59 -37.14 10.74
C LEU B 15 -6.09 -36.90 10.61
N ILE B 16 -6.76 -37.75 9.82
CA ILE B 16 -8.21 -37.72 9.65
C ILE B 16 -8.92 -38.19 10.92
N SER B 17 -8.39 -39.25 11.54
CA SER B 17 -8.98 -39.81 12.76
C SER B 17 -8.91 -38.84 13.95
N GLN B 18 -8.21 -37.72 13.77
CA GLN B 18 -8.04 -36.72 14.83
C GLN B 18 -9.13 -35.65 14.83
N PHE B 19 -9.89 -35.56 13.74
CA PHE B 19 -10.93 -34.54 13.62
C PHE B 19 -12.34 -35.12 13.65
N GLU B 20 -13.27 -34.33 14.19
CA GLU B 20 -14.70 -34.60 14.11
C GLU B 20 -15.35 -33.51 13.24
N PRO B 21 -16.60 -33.73 12.78
CA PRO B 21 -17.28 -32.73 11.94
C PRO B 21 -17.24 -31.30 12.48
N GLU B 22 -17.31 -31.15 13.80
CA GLU B 22 -17.35 -29.84 14.46
C GLU B 22 -16.10 -28.97 14.23
N ASN B 23 -14.95 -29.62 14.10
CA ASN B 23 -13.67 -28.91 13.99
C ASN B 23 -12.80 -29.32 12.80
N GLN B 24 -13.37 -30.11 11.89
CA GLN B 24 -12.63 -30.58 10.71
C GLN B 24 -12.27 -29.42 9.78
N PRO B 25 -11.01 -29.38 9.31
CA PRO B 25 -10.60 -28.35 8.35
C PRO B 25 -11.15 -28.65 6.95
N LEU B 26 -11.07 -27.67 6.05
CA LEU B 26 -11.48 -27.85 4.66
C LEU B 26 -10.60 -28.88 3.96
N GLY B 27 -9.32 -28.90 4.34
CA GLY B 27 -8.36 -29.84 3.77
C GLY B 27 -6.92 -29.52 4.16
N PHE B 28 -6.08 -30.53 4.17
CA PHE B 28 -4.66 -30.35 4.46
C PHE B 28 -3.77 -30.95 3.37
N TRP B 29 -2.53 -30.45 3.29
CA TRP B 29 -1.56 -30.89 2.30
C TRP B 29 -0.52 -31.79 2.90
N ILE B 30 -0.14 -32.82 2.14
CA ILE B 30 0.98 -33.68 2.52
C ILE B 30 2.15 -33.44 1.56
N PHE B 31 3.25 -32.92 2.10
CA PHE B 31 4.43 -32.62 1.32
C PHE B 31 5.35 -33.84 1.19
N ASP B 32 5.28 -34.48 0.04
CA ASP B 32 6.08 -35.67 -0.25
C ASP B 32 7.51 -35.27 -0.62
N THR B 33 8.38 -35.27 0.39
CA THR B 33 9.79 -34.94 0.20
C THR B 33 10.47 -35.97 -0.70
N GLU B 34 10.13 -37.24 -0.49
CA GLU B 34 10.65 -38.35 -1.29
C GLU B 34 10.19 -38.27 -2.75
N GLY B 35 8.99 -37.74 -2.96
CA GLY B 35 8.42 -37.56 -4.29
C GLY B 35 9.16 -36.54 -5.14
N VAL B 36 9.68 -35.50 -4.49
CA VAL B 36 10.47 -34.46 -5.14
C VAL B 36 11.83 -35.01 -5.56
N GLU B 37 12.49 -35.69 -4.63
CA GLU B 37 13.82 -36.26 -4.85
C GLU B 37 13.84 -37.29 -5.98
N LYS B 38 12.81 -38.13 -6.04
CA LYS B 38 12.69 -39.16 -7.07
C LYS B 38 12.44 -38.56 -8.46
N ALA B 39 11.71 -37.44 -8.50
CA ALA B 39 11.43 -36.73 -9.75
C ALA B 39 12.66 -35.99 -10.27
N VAL B 40 13.47 -35.48 -9.35
CA VAL B 40 14.70 -34.75 -9.70
C VAL B 40 15.77 -35.69 -10.25
N GLU B 41 15.97 -36.82 -9.57
CA GLU B 41 16.95 -37.82 -10.01
C GLU B 41 16.52 -38.53 -11.30
N ARG B 42 15.22 -38.56 -11.56
CA ARG B 42 14.67 -39.09 -12.81
C ARG B 42 15.06 -38.19 -13.98
N TRP B 43 15.14 -36.89 -13.72
CA TRP B 43 15.52 -35.90 -14.73
C TRP B 43 16.99 -36.00 -15.07
N LYS B 44 17.84 -36.06 -14.05
CA LYS B 44 19.30 -36.11 -14.23
C LYS B 44 19.78 -37.42 -14.87
N LYS B 45 19.06 -38.50 -14.58
CA LYS B 45 19.38 -39.83 -15.11
C LYS B 45 19.03 -39.94 -16.59
N ASN B 46 17.95 -39.28 -17.00
CA ASN B 46 17.45 -39.36 -18.37
C ASN B 46 17.83 -38.17 -19.27
N MET B 47 18.18 -37.05 -18.64
CA MET B 47 18.56 -35.84 -19.38
C MET B 47 19.72 -35.12 -18.68
N PRO B 48 20.95 -35.67 -18.79
CA PRO B 48 22.11 -35.16 -18.06
C PRO B 48 22.67 -33.83 -18.56
N THR B 49 22.62 -33.60 -19.88
CA THR B 49 23.21 -32.38 -20.47
C THR B 49 22.32 -31.15 -20.34
N VAL B 50 21.07 -31.34 -19.92
CA VAL B 50 20.13 -30.23 -19.74
C VAL B 50 19.87 -29.99 -18.24
N ARG B 51 20.33 -28.85 -17.75
CA ARG B 51 20.14 -28.46 -16.35
C ARG B 51 18.73 -27.91 -16.14
N PRO B 52 17.96 -28.50 -15.21
CA PRO B 52 16.58 -28.06 -14.97
C PRO B 52 16.49 -26.81 -14.09
N CYS B 53 15.72 -25.83 -14.55
CA CYS B 53 15.42 -24.63 -13.78
C CYS B 53 13.93 -24.58 -13.48
N PHE B 54 13.57 -24.71 -12.22
CA PHE B 54 12.17 -24.77 -11.81
C PHE B 54 11.41 -23.47 -12.05
N ALA B 55 10.25 -23.58 -12.67
CA ALA B 55 9.35 -22.45 -12.85
C ALA B 55 8.62 -22.16 -11.54
N VAL B 56 9.09 -21.14 -10.83
CA VAL B 56 8.53 -20.75 -9.53
C VAL B 56 7.06 -20.34 -9.65
N LYS B 57 6.70 -19.84 -10.84
CA LYS B 57 5.31 -19.46 -11.15
C LYS B 57 4.32 -20.62 -10.99
N CYS B 58 4.80 -21.84 -11.25
CA CYS B 58 3.97 -23.04 -11.13
C CYS B 58 3.58 -23.32 -9.68
N ASN B 59 4.58 -23.35 -8.80
CA ASN B 59 4.34 -23.50 -7.36
C ASN B 59 5.43 -22.78 -6.55
N PRO B 60 5.10 -21.57 -6.05
CA PRO B 60 6.07 -20.77 -5.29
C PRO B 60 6.16 -21.12 -3.80
N GLU B 61 5.56 -22.24 -3.39
CA GLU B 61 5.57 -22.64 -1.98
C GLU B 61 6.99 -22.95 -1.51
N PRO B 62 7.47 -22.23 -0.48
CA PRO B 62 8.84 -22.29 0.04
C PRO B 62 9.46 -23.68 0.17
N HIS B 63 8.69 -24.65 0.68
CA HIS B 63 9.18 -26.03 0.88
C HIS B 63 9.64 -26.69 -0.39
N LEU B 64 8.91 -26.45 -1.47
CA LEU B 64 9.25 -27.00 -2.79
C LEU B 64 10.43 -26.24 -3.41
N VAL B 65 10.34 -24.92 -3.39
CA VAL B 65 11.36 -24.03 -3.97
C VAL B 65 12.72 -24.19 -3.30
N LYS B 66 12.72 -24.34 -1.97
CA LYS B 66 13.95 -24.52 -1.21
C LYS B 66 14.60 -25.87 -1.48
N LEU B 67 13.81 -26.93 -1.46
CA LEU B 67 14.30 -28.29 -1.67
C LEU B 67 14.91 -28.50 -3.05
N LEU B 68 14.25 -27.95 -4.07
CA LEU B 68 14.71 -28.07 -5.45
C LEU B 68 16.06 -27.38 -5.66
N GLY B 69 16.21 -26.18 -5.10
CA GLY B 69 17.45 -25.43 -5.18
C GLY B 69 18.63 -26.12 -4.52
N GLU B 70 18.34 -26.87 -3.45
CA GLU B 70 19.34 -27.70 -2.77
C GLU B 70 19.70 -28.92 -3.60
N LEU B 71 18.74 -29.41 -4.39
CA LEU B 71 18.93 -30.58 -5.23
C LEU B 71 19.69 -30.28 -6.53
N GLY B 72 19.93 -29.00 -6.80
CA GLY B 72 20.72 -28.58 -7.95
C GLY B 72 19.96 -27.85 -9.04
N CYS B 73 18.65 -27.65 -8.81
CA CYS B 73 17.79 -26.98 -9.80
C CYS B 73 18.05 -25.47 -9.87
N GLY B 74 17.88 -24.92 -11.07
CA GLY B 74 17.94 -23.48 -11.27
C GLY B 74 16.61 -22.83 -10.91
N PHE B 75 16.47 -21.56 -11.23
CA PHE B 75 15.25 -20.82 -10.89
C PHE B 75 14.70 -19.96 -12.03
N ASP B 76 13.45 -20.21 -12.37
CA ASP B 76 12.76 -19.49 -13.44
C ASP B 76 11.69 -18.59 -12.83
N CYS B 77 11.95 -17.28 -12.87
CA CYS B 77 11.07 -16.30 -12.22
C CYS B 77 10.41 -15.37 -13.22
N ALA B 78 9.09 -15.23 -13.11
CA ALA B 78 8.31 -14.39 -14.03
C ALA B 78 8.12 -12.97 -13.52
N SER B 79 8.21 -12.79 -12.20
CA SER B 79 8.05 -11.48 -11.58
C SER B 79 9.14 -11.21 -10.53
N LEU B 80 9.17 -9.97 -10.03
CA LEU B 80 10.14 -9.57 -9.01
C LEU B 80 9.89 -10.26 -7.67
N ASN B 81 8.62 -10.56 -7.38
CA ASN B 81 8.24 -11.29 -6.17
C ASN B 81 8.84 -12.69 -6.14
N GLU B 82 8.85 -13.35 -7.30
CA GLU B 82 9.46 -14.67 -7.43
C GLU B 82 10.98 -14.59 -7.36
N ILE B 83 11.55 -13.50 -7.88
CA ILE B 83 12.98 -13.23 -7.81
C ILE B 83 13.43 -13.06 -6.35
N LYS B 84 12.73 -12.20 -5.62
CA LYS B 84 13.06 -11.89 -4.23
C LYS B 84 12.87 -13.09 -3.30
N GLU B 85 11.83 -13.89 -3.56
CA GLU B 85 11.55 -15.07 -2.75
C GLU B 85 12.69 -16.09 -2.82
N VAL B 86 13.21 -16.30 -4.03
CA VAL B 86 14.34 -17.20 -4.26
C VAL B 86 15.59 -16.69 -3.55
N LEU B 87 15.82 -15.38 -3.66
CA LEU B 87 16.97 -14.73 -3.02
C LEU B 87 16.88 -14.75 -1.49
N ASP B 88 15.66 -14.63 -0.96
CA ASP B 88 15.40 -14.68 0.48
C ASP B 88 15.66 -16.06 1.08
N LEU B 89 15.52 -17.09 0.25
CA LEU B 89 15.83 -18.46 0.64
C LEU B 89 17.33 -18.72 0.64
N GLY B 90 18.10 -17.74 0.16
CA GLY B 90 19.56 -17.78 0.19
C GLY B 90 20.18 -18.43 -1.03
N PHE B 91 19.78 -17.97 -2.22
CA PHE B 91 20.30 -18.52 -3.47
C PHE B 91 21.01 -17.47 -4.33
N ASN B 92 22.06 -17.92 -5.00
CA ASN B 92 22.88 -17.08 -5.88
C ASN B 92 22.08 -16.56 -7.08
N PRO B 93 22.05 -15.23 -7.27
CA PRO B 93 21.31 -14.59 -8.38
C PRO B 93 21.72 -15.06 -9.78
N GLU B 94 22.85 -15.76 -9.88
CA GLU B 94 23.31 -16.32 -11.16
C GLU B 94 22.46 -17.51 -11.61
N ASP B 95 21.93 -18.26 -10.66
CA ASP B 95 21.08 -19.42 -10.95
C ASP B 95 19.67 -19.02 -11.39
N ILE B 96 19.32 -17.76 -11.14
CA ILE B 96 18.00 -17.23 -11.47
C ILE B 96 17.97 -16.67 -12.90
N THR B 97 16.88 -16.95 -13.61
CA THR B 97 16.64 -16.35 -14.93
C THR B 97 15.29 -15.63 -14.96
N TYR B 98 15.34 -14.32 -15.16
CA TYR B 98 14.14 -13.47 -15.24
C TYR B 98 13.41 -13.76 -16.55
N SER B 99 12.56 -14.79 -16.55
CA SER B 99 11.81 -15.18 -17.74
C SER B 99 10.51 -14.39 -17.86
N GLN B 100 10.64 -13.15 -18.34
CA GLN B 100 9.49 -12.31 -18.60
C GLN B 100 9.71 -11.53 -19.89
N THR B 101 8.84 -11.77 -20.86
CA THR B 101 8.91 -11.12 -22.17
C THR B 101 8.71 -9.61 -22.07
N PHE B 102 7.79 -9.19 -21.20
CA PHE B 102 7.49 -7.78 -21.00
C PHE B 102 7.56 -7.41 -19.51
N LYS B 103 8.68 -6.81 -19.13
CA LYS B 103 8.97 -6.48 -17.73
C LYS B 103 8.60 -5.04 -17.40
N PRO B 104 8.00 -4.82 -16.20
CA PRO B 104 7.78 -3.48 -15.69
C PRO B 104 9.12 -2.78 -15.43
N TYR B 105 9.17 -1.47 -15.69
CA TYR B 105 10.41 -0.69 -15.59
C TYR B 105 11.02 -0.73 -14.19
N ASN B 106 10.18 -0.49 -13.19
CA ASN B 106 10.62 -0.51 -11.78
C ASN B 106 11.18 -1.86 -11.34
N GLN B 107 10.56 -2.93 -11.79
CA GLN B 107 10.99 -4.30 -11.46
C GLN B 107 12.30 -4.66 -12.16
N LEU B 108 12.45 -4.18 -13.40
CA LEU B 108 13.66 -4.43 -14.19
C LEU B 108 14.88 -3.71 -13.61
N ILE B 109 14.68 -2.46 -13.22
CA ILE B 109 15.74 -1.66 -12.59
C ILE B 109 16.19 -2.31 -11.28
N GLU B 110 15.21 -2.77 -10.48
CA GLU B 110 15.50 -3.44 -9.21
C GLU B 110 16.18 -4.80 -9.42
N ALA B 111 15.71 -5.56 -10.40
CA ALA B 111 16.30 -6.87 -10.73
C ALA B 111 17.77 -6.75 -11.10
N SER B 112 18.12 -5.64 -11.76
CA SER B 112 19.51 -5.34 -12.11
C SER B 112 20.38 -5.15 -10.89
N HIS B 113 19.84 -4.48 -9.86
CA HIS B 113 20.55 -4.24 -8.61
C HIS B 113 20.64 -5.48 -7.76
N LEU B 114 19.65 -6.36 -7.91
CA LEU B 114 19.57 -7.59 -7.13
C LEU B 114 20.57 -8.65 -7.57
N GLY B 115 21.14 -8.46 -8.76
CA GLY B 115 22.18 -9.36 -9.28
C GLY B 115 21.73 -10.24 -10.42
N ILE B 116 20.48 -10.06 -10.86
CA ILE B 116 19.93 -10.82 -11.97
C ILE B 116 20.67 -10.44 -13.26
N ASN B 117 21.25 -11.45 -13.90
CA ASN B 117 22.10 -11.23 -15.07
C ASN B 117 21.55 -11.88 -16.34
N HIS B 118 20.37 -12.48 -16.23
CA HIS B 118 19.78 -13.22 -17.35
C HIS B 118 18.30 -12.96 -17.50
N THR B 119 17.89 -12.62 -18.72
CA THR B 119 16.48 -12.35 -19.03
C THR B 119 16.12 -12.75 -20.47
N ILE B 120 14.83 -12.77 -20.77
CA ILE B 120 14.33 -13.15 -22.11
C ILE B 120 13.63 -12.01 -22.85
N VAL B 121 13.65 -12.08 -24.18
CA VAL B 121 13.04 -11.05 -25.05
C VAL B 121 12.38 -11.67 -26.28
N ASP B 122 11.28 -11.04 -26.73
CA ASP B 122 10.58 -11.47 -27.94
C ASP B 122 10.15 -10.30 -28.82
N SER B 123 10.35 -9.07 -28.33
CA SER B 123 9.96 -7.87 -29.07
C SER B 123 11.11 -6.86 -29.17
N ILE B 124 11.06 -6.01 -30.19
CA ILE B 124 12.12 -5.01 -30.40
C ILE B 124 12.11 -3.91 -29.32
N ASP B 125 10.92 -3.66 -28.74
CA ASP B 125 10.75 -2.64 -27.71
C ASP B 125 11.44 -3.01 -26.40
N GLU B 126 11.32 -4.29 -26.01
CA GLU B 126 11.92 -4.79 -24.78
C GLU B 126 13.45 -4.76 -24.82
N VAL B 127 14.00 -4.83 -26.02
CA VAL B 127 15.45 -4.70 -26.23
C VAL B 127 15.90 -3.29 -25.82
N GLN B 128 15.17 -2.30 -26.31
CA GLN B 128 15.47 -0.88 -26.04
C GLN B 128 15.26 -0.55 -24.57
N LYS B 129 14.28 -1.21 -23.94
CA LYS B 129 13.99 -1.05 -22.51
C LYS B 129 15.16 -1.55 -21.66
N ILE B 130 15.65 -2.74 -21.98
CA ILE B 130 16.78 -3.34 -21.27
C ILE B 130 18.07 -2.53 -21.49
N ALA B 131 18.24 -2.02 -22.71
CA ALA B 131 19.38 -1.17 -23.05
C ALA B 131 19.35 0.18 -22.30
N LYS B 132 18.14 0.64 -21.97
CA LYS B 132 17.95 1.94 -21.31
C LYS B 132 18.10 1.88 -19.79
N TYR B 133 17.78 0.72 -19.20
CA TYR B 133 17.71 0.62 -17.73
C TYR B 133 18.58 -0.47 -17.10
N ALA B 134 18.80 -1.57 -17.83
CA ALA B 134 19.64 -2.66 -17.32
C ALA B 134 20.53 -3.27 -18.43
N PRO B 135 21.50 -2.48 -18.95
CA PRO B 135 22.28 -2.90 -20.11
C PRO B 135 23.27 -4.04 -19.85
N LYS B 136 23.61 -4.26 -18.59
CA LYS B 136 24.55 -5.34 -18.21
C LYS B 136 23.89 -6.71 -18.24
N MET B 137 22.55 -6.73 -18.21
CA MET B 137 21.78 -7.97 -18.16
C MET B 137 21.82 -8.73 -19.48
N GLY B 138 22.16 -10.02 -19.40
CA GLY B 138 22.21 -10.91 -20.55
C GLY B 138 20.84 -11.24 -21.09
N ILE B 139 20.76 -11.38 -22.42
CA ILE B 139 19.47 -11.50 -23.09
C ILE B 139 19.32 -12.83 -23.86
N MET B 140 18.12 -13.40 -23.77
CA MET B 140 17.78 -14.58 -24.56
C MET B 140 16.66 -14.26 -25.53
N ILE B 141 16.81 -14.71 -26.77
CA ILE B 141 15.80 -14.48 -27.80
C ILE B 141 14.76 -15.60 -27.82
N ARG B 142 13.50 -15.22 -27.92
CA ARG B 142 12.40 -16.19 -27.96
C ARG B 142 12.06 -16.59 -29.39
N ILE B 143 11.88 -17.89 -29.62
CA ILE B 143 11.46 -18.41 -30.92
C ILE B 143 10.29 -19.39 -30.77
N MET B 144 9.99 -20.12 -31.84
CA MET B 144 8.94 -21.14 -31.83
C MET B 144 9.40 -22.42 -32.53
N LEU B 160 4.10 -13.45 -36.39
CA LEU B 160 4.93 -14.33 -37.22
C LEU B 160 6.04 -14.96 -36.38
N HIS B 161 6.89 -14.11 -35.81
CA HIS B 161 7.93 -14.51 -34.85
C HIS B 161 8.95 -15.46 -35.42
N ASP B 162 9.22 -15.36 -36.71
CA ASP B 162 10.23 -16.20 -37.37
C ASP B 162 11.22 -15.35 -38.18
N ASP B 163 10.70 -14.54 -39.10
CA ASP B 163 11.53 -13.59 -39.84
C ASP B 163 11.90 -12.41 -38.94
N GLU B 164 11.11 -12.22 -37.89
CA GLU B 164 11.31 -11.15 -36.91
C GLU B 164 12.54 -11.38 -36.03
N VAL B 165 13.00 -12.63 -35.97
CA VAL B 165 14.18 -13.01 -35.20
C VAL B 165 15.42 -12.21 -35.65
N GLU B 166 15.53 -11.99 -36.95
CA GLU B 166 16.63 -11.23 -37.54
C GLU B 166 16.57 -9.75 -37.16
N ILE B 167 15.35 -9.22 -37.05
CA ILE B 167 15.12 -7.82 -36.68
C ILE B 167 15.54 -7.56 -35.24
N VAL B 168 15.19 -8.48 -34.34
CA VAL B 168 15.52 -8.37 -32.92
C VAL B 168 17.03 -8.49 -32.66
N LEU B 169 17.65 -9.51 -33.27
CA LEU B 169 19.09 -9.74 -33.14
C LEU B 169 19.93 -8.55 -33.56
N LYS B 170 19.48 -7.84 -34.60
CA LYS B 170 20.14 -6.62 -35.06
C LYS B 170 20.06 -5.53 -33.99
N GLU B 171 18.89 -5.41 -33.37
CA GLU B 171 18.66 -4.44 -32.29
C GLU B 171 19.50 -4.76 -31.05
N ILE B 172 19.66 -6.06 -30.75
CA ILE B 172 20.53 -6.50 -29.63
C ILE B 172 21.98 -6.08 -29.88
N LYS B 173 22.44 -6.25 -31.11
CA LYS B 173 23.80 -5.94 -31.51
C LYS B 173 24.06 -4.43 -31.57
N ASP B 174 23.11 -3.69 -32.16
CA ASP B 174 23.25 -2.24 -32.34
C ASP B 174 23.21 -1.45 -31.03
N LYS B 175 22.53 -2.00 -30.02
CA LYS B 175 22.49 -1.37 -28.70
C LYS B 175 23.70 -1.75 -27.85
N GLY B 176 24.43 -2.78 -28.29
CA GLY B 176 25.63 -3.24 -27.58
C GLY B 176 25.29 -4.05 -26.35
N LEU B 177 24.47 -5.10 -26.54
CA LEU B 177 23.99 -5.93 -25.44
C LEU B 177 24.52 -7.36 -25.54
N ASN B 178 24.62 -8.02 -24.39
CA ASN B 178 25.09 -9.40 -24.32
C ASN B 178 23.99 -10.38 -24.68
N LEU B 179 24.24 -11.20 -25.71
CA LEU B 179 23.30 -12.25 -26.10
C LEU B 179 23.67 -13.56 -25.41
N ASP B 180 22.80 -14.02 -24.53
CA ASP B 180 23.00 -15.29 -23.83
C ASP B 180 22.67 -16.48 -24.73
N GLY B 181 21.60 -16.35 -25.51
CA GLY B 181 21.23 -17.39 -26.47
C GLY B 181 19.78 -17.39 -26.90
N VAL B 182 19.27 -18.60 -27.15
CA VAL B 182 17.92 -18.80 -27.69
C VAL B 182 17.04 -19.52 -26.67
N HIS B 183 15.77 -19.14 -26.63
CA HIS B 183 14.78 -19.73 -25.73
C HIS B 183 13.46 -19.94 -26.43
N PHE B 184 12.90 -21.13 -26.28
CA PHE B 184 11.59 -21.45 -26.88
C PHE B 184 10.67 -22.23 -25.93
N HIS B 185 9.37 -22.17 -26.20
CA HIS B 185 8.39 -22.89 -25.40
C HIS B 185 7.30 -23.43 -26.27
N VAL B 186 6.99 -24.72 -26.11
CA VAL B 186 5.99 -25.39 -26.95
C VAL B 186 4.56 -25.19 -26.43
N SER B 193 5.81 -34.75 -30.01
CA SER B 193 7.16 -35.23 -29.76
C SER B 193 8.15 -34.69 -30.79
N GLU B 194 7.71 -34.62 -32.06
CA GLU B 194 8.54 -34.12 -33.15
C GLU B 194 8.52 -32.60 -33.26
N VAL B 195 7.69 -31.96 -32.43
CA VAL B 195 7.65 -30.50 -32.33
C VAL B 195 8.91 -29.95 -31.66
N PHE B 196 9.49 -30.75 -30.77
CA PHE B 196 10.76 -30.42 -30.13
C PHE B 196 11.93 -30.54 -31.11
N THR B 197 11.86 -31.54 -31.99
CA THR B 197 12.89 -31.79 -33.00
C THR B 197 13.00 -30.62 -33.97
N LYS B 198 11.85 -30.09 -34.38
CA LYS B 198 11.81 -28.92 -35.26
C LYS B 198 12.26 -27.66 -34.52
N ALA B 199 11.88 -27.54 -33.25
CA ALA B 199 12.20 -26.38 -32.43
C ALA B 199 13.68 -26.30 -32.05
N LEU B 200 14.30 -27.45 -31.81
CA LEU B 200 15.74 -27.52 -31.52
C LEU B 200 16.58 -27.22 -32.75
N THR B 201 16.12 -27.67 -33.91
CA THR B 201 16.76 -27.39 -35.19
C THR B 201 16.59 -25.92 -35.55
N LYS B 202 15.39 -25.39 -35.32
CA LYS B 202 15.08 -23.98 -35.55
C LYS B 202 15.93 -23.09 -34.65
N ALA B 203 16.30 -23.61 -33.48
CA ALA B 203 17.19 -22.90 -32.56
C ALA B 203 18.63 -22.94 -33.04
N ARG B 204 19.07 -24.09 -33.53
CA ARG B 204 20.44 -24.28 -34.04
C ARG B 204 20.73 -23.37 -35.24
N ASN B 205 19.74 -23.22 -36.12
CA ASN B 205 19.85 -22.32 -37.27
C ASN B 205 19.93 -20.85 -36.86
N THR B 206 19.30 -20.53 -35.74
CA THR B 206 19.33 -19.17 -35.17
C THR B 206 20.70 -18.88 -34.56
N VAL B 207 21.31 -19.89 -33.94
CA VAL B 207 22.64 -19.75 -33.32
C VAL B 207 23.70 -19.40 -34.36
N THR B 208 23.71 -20.11 -35.47
CA THR B 208 24.64 -19.84 -36.58
C THR B 208 24.38 -18.48 -37.22
N LEU B 209 23.10 -18.08 -37.28
CA LEU B 209 22.71 -16.77 -37.79
C LEU B 209 23.26 -15.65 -36.89
N ALA B 210 23.13 -15.84 -35.58
CA ALA B 210 23.60 -14.87 -34.59
C ALA B 210 25.13 -14.81 -34.54
N GLU B 211 25.79 -15.94 -34.79
CA GLU B 211 27.24 -16.01 -34.84
C GLU B 211 27.81 -15.20 -36.00
N GLN B 212 27.07 -15.15 -37.11
CA GLN B 212 27.45 -14.36 -38.28
C GLN B 212 27.29 -12.85 -38.05
N PHE B 213 26.40 -12.50 -37.12
CA PHE B 213 26.23 -11.10 -36.69
C PHE B 213 27.42 -10.61 -35.87
N GLY B 214 28.18 -11.56 -35.31
CA GLY B 214 29.34 -11.26 -34.47
C GLY B 214 29.06 -11.49 -33.00
N MET B 215 28.16 -12.43 -32.71
CA MET B 215 27.71 -12.70 -31.35
C MET B 215 27.97 -14.16 -30.99
N LYS B 216 28.06 -14.44 -29.69
CA LYS B 216 28.33 -15.81 -29.22
C LYS B 216 27.25 -16.31 -28.26
N PRO B 217 26.20 -16.96 -28.80
CA PRO B 217 25.10 -17.50 -27.99
C PRO B 217 25.50 -18.83 -27.35
N TYR B 218 25.53 -18.86 -26.03
CA TYR B 218 25.98 -20.03 -25.27
C TYR B 218 24.85 -20.76 -24.54
N LEU B 219 23.72 -20.09 -24.34
CA LEU B 219 22.62 -20.65 -23.57
C LEU B 219 21.44 -21.06 -24.45
N ILE B 220 20.95 -22.27 -24.23
CA ILE B 220 19.77 -22.79 -24.94
C ILE B 220 18.72 -23.25 -23.93
N ASP B 221 17.60 -22.54 -23.90
CA ASP B 221 16.50 -22.87 -23.01
C ASP B 221 15.38 -23.53 -23.80
N ILE B 222 15.18 -24.82 -23.58
CA ILE B 222 14.20 -25.61 -24.33
C ILE B 222 12.76 -25.43 -23.83
N GLY B 223 12.60 -24.75 -22.70
CA GLY B 223 11.28 -24.51 -22.11
C GLY B 223 10.79 -25.68 -21.29
N GLY B 224 9.47 -25.78 -21.14
CA GLY B 224 8.87 -26.82 -20.30
C GLY B 224 7.67 -27.53 -20.91
N GLY B 225 6.74 -27.93 -20.04
CA GLY B 225 5.58 -28.70 -20.45
C GLY B 225 5.80 -30.19 -20.34
N PHE B 226 6.79 -30.59 -19.56
CA PHE B 226 7.16 -31.99 -19.39
C PHE B 226 6.22 -32.70 -18.42
N SER B 227 5.82 -33.93 -18.78
CA SER B 227 4.95 -34.79 -17.97
C SER B 227 3.63 -34.12 -17.57
N ALA B 230 3.33 -38.64 -22.13
CA ALA B 230 4.70 -38.85 -22.60
C ALA B 230 5.42 -39.91 -21.76
N PRO B 231 6.13 -40.84 -22.43
CA PRO B 231 6.90 -41.87 -21.74
C PRO B 231 8.10 -41.32 -20.98
N PHE B 232 8.40 -40.04 -21.19
CA PHE B 232 9.54 -39.31 -20.58
C PHE B 232 10.92 -39.89 -20.94
N GLU B 233 11.19 -41.13 -20.53
CA GLU B 233 12.45 -41.79 -20.82
C GLU B 233 12.77 -41.82 -22.33
N GLU B 234 11.73 -42.09 -23.13
CA GLU B 234 11.84 -42.06 -24.59
C GLU B 234 11.91 -40.62 -25.13
N PHE B 235 11.19 -39.72 -24.45
CA PHE B 235 11.13 -38.30 -24.83
C PHE B 235 12.46 -37.61 -24.54
N ALA B 236 13.05 -37.92 -23.39
CA ALA B 236 14.35 -37.37 -22.99
C ALA B 236 15.48 -37.92 -23.86
N ALA B 237 15.29 -39.13 -24.38
CA ALA B 237 16.26 -39.77 -25.26
C ALA B 237 16.33 -39.11 -26.64
N THR B 238 15.17 -38.70 -27.16
CA THR B 238 15.10 -38.02 -28.45
C THR B 238 15.72 -36.62 -28.39
N ILE B 239 15.48 -35.92 -27.28
CA ILE B 239 16.05 -34.58 -27.05
C ILE B 239 17.56 -34.64 -26.93
N GLU B 240 18.05 -35.59 -26.13
CA GLU B 240 19.49 -35.78 -25.91
C GLU B 240 20.21 -36.17 -27.20
N LYS B 241 19.52 -36.96 -28.04
CA LYS B 241 20.08 -37.42 -29.32
C LYS B 241 20.10 -36.29 -30.36
N THR B 242 19.03 -35.51 -30.41
CA THR B 242 18.91 -34.39 -31.34
C THR B 242 19.96 -33.30 -31.03
N ILE B 243 20.23 -33.11 -29.74
CA ILE B 243 21.26 -32.16 -29.28
C ILE B 243 22.64 -32.48 -29.87
N LYS B 244 22.99 -33.76 -29.88
CA LYS B 244 24.28 -34.23 -30.39
C LYS B 244 24.40 -34.08 -31.92
N GLU B 245 23.30 -34.36 -32.61
CA GLU B 245 23.28 -34.36 -34.08
C GLU B 245 23.39 -32.95 -34.68
N LEU B 246 22.82 -31.97 -33.98
CA LEU B 246 22.84 -30.58 -34.43
C LEU B 246 24.21 -29.92 -34.31
N GLU B 247 25.04 -30.49 -33.44
CA GLU B 247 26.42 -30.04 -33.21
C GLU B 247 26.52 -28.56 -32.84
N PHE B 248 26.08 -28.24 -31.63
CA PHE B 248 26.21 -26.90 -31.07
C PHE B 248 27.68 -26.65 -30.68
N PRO B 249 28.10 -25.37 -30.69
CA PRO B 249 29.46 -25.00 -30.25
C PRO B 249 29.80 -25.56 -28.87
N GLU B 250 31.09 -25.79 -28.61
CA GLU B 250 31.58 -26.41 -27.38
C GLU B 250 31.09 -25.70 -26.10
N ARG B 251 30.97 -24.38 -26.18
CA ARG B 251 30.60 -23.54 -25.03
C ARG B 251 29.12 -23.60 -24.64
N THR B 252 28.27 -24.12 -25.53
CA THR B 252 26.83 -24.11 -25.33
C THR B 252 26.36 -24.95 -24.15
N ARG B 253 25.62 -24.33 -23.25
CA ARG B 253 25.02 -25.01 -22.09
C ARG B 253 23.51 -25.07 -22.25
N PHE B 254 22.93 -26.21 -21.86
CA PHE B 254 21.49 -26.44 -22.04
C PHE B 254 20.71 -26.37 -20.74
N ILE B 255 19.62 -25.62 -20.76
CA ILE B 255 18.72 -25.49 -19.61
C ILE B 255 17.26 -25.69 -19.99
N ALA B 256 16.43 -26.02 -19.01
CA ALA B 256 15.00 -26.23 -19.23
C ALA B 256 14.15 -25.54 -18.16
N GLU B 257 12.85 -25.42 -18.43
CA GLU B 257 11.93 -24.80 -17.47
C GLU B 257 10.76 -25.75 -17.13
N PRO B 258 11.04 -26.85 -16.40
CA PRO B 258 9.94 -27.75 -16.05
C PRO B 258 9.16 -27.25 -14.83
N GLY B 259 7.84 -27.17 -14.97
CA GLY B 259 6.97 -26.72 -13.88
C GLY B 259 6.10 -27.85 -13.35
N ARG B 260 5.17 -28.31 -14.18
CA ARG B 260 4.24 -29.40 -13.83
C ARG B 260 4.97 -30.68 -13.44
N TYR B 261 6.13 -30.92 -14.07
CA TYR B 261 6.93 -32.12 -13.83
C TYR B 261 7.46 -32.22 -12.38
N MET B 262 8.08 -31.14 -11.91
CA MET B 262 8.70 -31.14 -10.58
C MET B 262 7.67 -31.00 -9.46
N ALA B 263 6.59 -30.26 -9.73
CA ALA B 263 5.61 -29.90 -8.71
C ALA B 263 4.54 -30.97 -8.44
N SER B 264 4.21 -31.75 -9.47
CA SER B 264 3.10 -32.72 -9.40
C SER B 264 3.16 -33.65 -8.19
N ASN B 265 4.27 -34.39 -8.06
CA ASN B 265 4.41 -35.40 -7.02
C ASN B 265 4.87 -34.84 -5.66
N ALA B 266 4.95 -33.52 -5.56
CA ALA B 266 5.43 -32.85 -4.36
C ALA B 266 4.38 -32.76 -3.26
N PHE B 267 3.14 -32.47 -3.64
CA PHE B 267 2.05 -32.28 -2.68
C PHE B 267 0.86 -33.20 -2.95
N HIS B 268 0.21 -33.61 -1.87
CA HIS B 268 -1.03 -34.39 -1.95
C HIS B 268 -2.11 -33.66 -1.20
N LEU B 269 -3.28 -33.52 -1.83
CA LEU B 269 -4.41 -32.84 -1.20
C LEU B 269 -5.34 -33.82 -0.52
N VAL B 270 -5.67 -33.56 0.74
CA VAL B 270 -6.63 -34.36 1.49
C VAL B 270 -7.85 -33.50 1.85
N SER B 271 -8.93 -33.66 1.08
CA SER B 271 -10.15 -32.88 1.27
C SER B 271 -11.13 -33.55 2.23
N SER B 272 -11.86 -32.72 2.98
CA SER B 272 -12.98 -33.18 3.80
C SER B 272 -14.29 -32.93 3.06
N LEU B 273 -15.35 -33.63 3.48
CA LEU B 273 -16.66 -33.49 2.85
C LEU B 273 -17.63 -32.76 3.77
N HIS B 274 -18.25 -31.70 3.24
CA HIS B 274 -19.23 -30.92 3.99
C HIS B 274 -20.46 -30.63 3.18
N GLY B 275 -20.94 -31.65 2.46
CA GLY B 275 -22.13 -31.55 1.63
C GLY B 275 -22.44 -32.82 0.88
N LYS B 276 -23.71 -33.23 0.90
CA LYS B 276 -24.16 -34.45 0.23
C LYS B 276 -25.59 -34.31 -0.30
N ARG B 277 -25.83 -34.85 -1.49
CA ARG B 277 -27.17 -34.86 -2.07
C ARG B 277 -27.40 -36.12 -2.91
N VAL B 278 -28.46 -36.86 -2.57
CA VAL B 278 -28.83 -38.08 -3.28
C VAL B 278 -29.90 -37.76 -4.34
N ARG B 279 -29.70 -38.28 -5.54
CA ARG B 279 -30.60 -38.03 -6.66
C ARG B 279 -30.71 -39.25 -7.58
N ILE B 280 -31.91 -39.80 -7.69
CA ILE B 280 -32.15 -40.97 -8.55
C ILE B 280 -32.28 -40.56 -10.01
N GLN B 281 -31.39 -41.07 -10.85
CA GLN B 281 -31.30 -40.67 -12.25
C GLN B 281 -31.71 -41.80 -13.21
N ASN B 282 -32.93 -41.68 -13.75
CA ASN B 282 -33.47 -42.64 -14.72
C ASN B 282 -33.50 -44.10 -14.24
N GLY B 283 -33.48 -44.29 -12.93
CA GLY B 283 -33.47 -45.64 -12.34
C GLY B 283 -32.42 -45.83 -11.27
N LYS B 284 -31.19 -45.42 -11.56
CA LYS B 284 -30.07 -45.56 -10.61
C LYS B 284 -29.58 -44.23 -10.07
N LYS B 285 -29.23 -44.23 -8.79
CA LYS B 285 -28.90 -42.99 -8.05
C LYS B 285 -27.48 -42.48 -8.29
N GLN B 286 -27.37 -41.15 -8.40
CA GLN B 286 -26.08 -40.45 -8.43
C GLN B 286 -25.98 -39.50 -7.25
N ILE B 287 -24.86 -39.56 -6.53
CA ILE B 287 -24.69 -38.76 -5.32
C ILE B 287 -23.67 -37.63 -5.51
N GLU B 288 -24.11 -36.40 -5.21
CA GLU B 288 -23.28 -35.21 -5.30
C GLU B 288 -22.59 -34.92 -3.96
N TYR B 289 -21.37 -34.42 -4.02
CA TYR B 289 -20.59 -34.10 -2.83
C TYR B 289 -19.93 -32.73 -2.93
N THR B 290 -19.70 -32.11 -1.78
CA THR B 290 -19.01 -30.81 -1.72
C THR B 290 -17.78 -30.92 -0.81
N SER B 291 -16.60 -30.79 -1.40
CA SER B 291 -15.35 -30.85 -0.64
C SER B 291 -14.73 -29.46 -0.40
N GLY B 292 -13.62 -29.44 0.34
CA GLY B 292 -12.95 -28.18 0.68
C GLY B 292 -12.15 -27.60 -0.47
N LYS B 309 -10.07 -34.72 -11.30
CA LYS B 309 -8.97 -35.68 -11.42
C LYS B 309 -9.14 -36.87 -10.48
N SER B 310 -8.09 -37.68 -10.37
CA SER B 310 -8.10 -38.88 -9.54
C SER B 310 -8.21 -38.56 -8.05
N CYS B 311 -9.08 -39.28 -7.36
CA CYS B 311 -9.23 -39.18 -5.90
C CYS B 311 -9.69 -40.49 -5.28
N GLU B 312 -9.38 -40.67 -4.00
CA GLU B 312 -9.71 -41.90 -3.28
C GLU B 312 -10.43 -41.63 -1.97
N CYS B 313 -11.40 -42.47 -1.66
CA CYS B 313 -12.04 -42.43 -0.34
C CYS B 313 -11.22 -43.29 0.61
N ILE B 314 -10.22 -42.68 1.22
CA ILE B 314 -9.27 -43.38 2.09
C ILE B 314 -9.87 -43.83 3.43
N THR B 315 -10.91 -43.13 3.87
CA THR B 315 -11.56 -43.42 5.15
C THR B 315 -12.16 -44.83 5.24
N GLN B 316 -12.57 -45.38 4.11
CA GLN B 316 -13.13 -46.75 4.08
C GLN B 316 -12.47 -47.62 3.00
N LYS B 317 -12.22 -48.88 3.36
CA LYS B 317 -11.66 -49.84 2.42
C LYS B 317 -12.72 -50.37 1.45
N VAL B 318 -12.40 -50.35 0.17
CA VAL B 318 -13.31 -50.84 -0.87
C VAL B 318 -13.00 -52.29 -1.26
N ASN B 319 -13.64 -53.23 -0.56
CA ASN B 319 -13.51 -54.65 -0.85
C ASN B 319 -14.33 -55.03 -2.07
N GLU B 320 -13.64 -55.29 -3.19
CA GLU B 320 -14.28 -55.55 -4.47
C GLU B 320 -15.67 -54.92 -4.56
N ASN B 321 -16.72 -55.72 -4.48
CA ASN B 321 -18.09 -55.22 -4.52
C ASN B 321 -18.58 -54.71 -3.17
N THR B 322 -18.64 -53.39 -3.04
CA THR B 322 -19.15 -52.73 -1.84
C THR B 322 -20.16 -51.64 -2.22
N LYS B 323 -20.75 -51.79 -3.40
CA LYS B 323 -21.73 -50.85 -3.96
C LYS B 323 -21.11 -49.51 -4.38
N MET B 324 -21.01 -49.31 -5.70
CA MET B 324 -20.42 -48.09 -6.26
C MET B 324 -21.51 -47.20 -6.86
N TYR B 325 -21.26 -45.89 -6.85
CA TYR B 325 -22.20 -44.91 -7.37
C TYR B 325 -21.49 -43.84 -8.19
N GLU B 326 -22.13 -43.40 -9.28
CA GLU B 326 -21.61 -42.30 -10.08
C GLU B 326 -21.62 -41.02 -9.24
N SER B 327 -20.45 -40.63 -8.74
CA SER B 327 -20.33 -39.52 -7.81
C SER B 327 -19.73 -38.27 -8.43
N ILE B 328 -20.31 -37.12 -8.10
CA ILE B 328 -19.81 -35.82 -8.54
C ILE B 328 -19.32 -35.02 -7.33
N ILE B 329 -18.08 -34.54 -7.39
CA ILE B 329 -17.49 -33.81 -6.28
C ILE B 329 -17.26 -32.35 -6.68
N TYR B 330 -17.71 -31.43 -5.82
CA TYR B 330 -17.59 -29.99 -6.07
C TYR B 330 -16.58 -29.35 -5.12
N GLY B 331 -16.29 -28.08 -5.35
CA GLY B 331 -15.35 -27.32 -4.53
C GLY B 331 -15.94 -26.01 -4.03
N PRO B 332 -15.22 -24.89 -4.24
CA PRO B 332 -15.69 -23.56 -3.86
C PRO B 332 -16.58 -22.91 -4.92
N SER B 333 -16.93 -21.64 -4.70
CA SER B 333 -17.75 -20.83 -5.61
C SER B 333 -19.21 -21.30 -5.73
N CYS B 334 -20.12 -20.46 -5.27
CA CYS B 334 -21.56 -20.74 -5.35
C CYS B 334 -22.19 -20.13 -6.61
N ASN B 335 -21.64 -20.48 -7.76
CA ASN B 335 -22.10 -20.01 -9.07
C ASN B 335 -22.15 -18.48 -9.18
N ASP B 338 -15.06 -25.26 -9.87
CA ASP B 338 -16.36 -25.54 -9.29
C ASP B 338 -16.71 -27.03 -9.36
N LYS B 339 -16.12 -27.73 -10.32
CA LYS B 339 -16.36 -29.16 -10.52
C LYS B 339 -15.02 -29.89 -10.71
N VAL B 340 -14.62 -30.65 -9.70
CA VAL B 340 -13.30 -31.30 -9.69
C VAL B 340 -13.28 -32.74 -10.22
N ALA B 341 -14.27 -33.54 -9.84
CA ALA B 341 -14.30 -34.96 -10.24
C ALA B 341 -15.71 -35.52 -10.46
N THR B 342 -15.82 -36.32 -11.52
CA THR B 342 -17.01 -37.13 -11.79
C THR B 342 -16.55 -38.60 -11.86
N GLN B 343 -16.31 -39.18 -10.69
CA GLN B 343 -15.66 -40.48 -10.58
C GLN B 343 -16.57 -41.56 -9.96
N GLU B 344 -16.19 -42.82 -10.18
CA GLU B 344 -16.91 -43.97 -9.61
C GLU B 344 -16.45 -44.21 -8.18
N LEU B 345 -17.31 -43.87 -7.22
CA LEU B 345 -16.98 -43.95 -5.80
C LEU B 345 -18.12 -44.55 -4.97
N PRO B 346 -17.78 -45.17 -3.81
CA PRO B 346 -18.80 -45.69 -2.90
C PRO B 346 -19.52 -44.57 -2.16
N GLU B 347 -20.61 -44.91 -1.47
CA GLU B 347 -21.38 -43.94 -0.70
C GLU B 347 -20.55 -43.38 0.46
N MET B 348 -20.55 -42.06 0.60
CA MET B 348 -19.76 -41.38 1.61
C MET B 348 -20.62 -40.50 2.50
N GLU B 349 -20.25 -40.41 3.77
CA GLU B 349 -20.92 -39.54 4.73
C GLU B 349 -20.04 -38.33 5.04
N PRO B 350 -20.59 -37.11 4.86
CA PRO B 350 -19.84 -35.88 5.13
C PRO B 350 -19.55 -35.72 6.62
N GLY B 351 -18.32 -35.31 6.93
CA GLY B 351 -17.88 -35.21 8.32
C GLY B 351 -17.11 -36.46 8.75
N LYS B 352 -17.51 -37.61 8.22
CA LYS B 352 -16.85 -38.88 8.48
C LYS B 352 -15.85 -39.24 7.39
N ASP B 353 -16.29 -39.18 6.14
CA ASP B 353 -15.47 -39.59 5.00
C ASP B 353 -14.67 -38.45 4.39
N TRP B 354 -13.44 -38.76 4.01
CA TRP B 354 -12.54 -37.77 3.40
C TRP B 354 -12.16 -38.19 2.00
N LEU B 355 -11.35 -37.36 1.34
CA LEU B 355 -10.85 -37.62 0.00
C LEU B 355 -9.35 -37.36 -0.08
N LEU B 356 -8.63 -38.25 -0.76
CA LEU B 356 -7.21 -38.06 -1.04
C LEU B 356 -6.97 -37.91 -2.54
N PHE B 357 -6.49 -36.73 -2.93
CA PHE B 357 -6.15 -36.44 -4.31
C PHE B 357 -4.63 -36.63 -4.47
N PRO B 358 -4.20 -37.74 -5.11
CA PRO B 358 -2.78 -38.00 -5.27
C PRO B 358 -2.13 -37.08 -6.30
N ASN B 359 -0.93 -36.62 -6.00
CA ASN B 359 -0.14 -35.74 -6.88
C ASN B 359 -0.88 -34.48 -7.33
N MET B 360 -0.94 -33.49 -6.44
CA MET B 360 -1.71 -32.27 -6.68
C MET B 360 -0.89 -30.99 -6.62
N GLY B 361 0.41 -31.12 -6.32
CA GLY B 361 1.29 -29.96 -6.19
C GLY B 361 1.50 -29.15 -7.46
N ALA B 362 1.08 -29.72 -8.59
CA ALA B 362 1.16 -29.04 -9.88
C ALA B 362 0.12 -27.93 -9.99
N TYR B 363 0.58 -26.70 -9.78
CA TYR B 363 -0.22 -25.47 -9.94
C TYR B 363 -1.44 -25.40 -9.02
N THR B 364 -1.22 -24.94 -7.79
CA THR B 364 -2.29 -24.81 -6.80
C THR B 364 -2.19 -23.54 -5.95
N ILE B 365 -1.29 -23.56 -4.97
CA ILE B 365 -1.11 -22.49 -3.96
C ILE B 365 -2.36 -21.65 -3.65
N HIS B 379 -4.88 -24.87 3.46
CA HIS B 379 -3.69 -24.02 3.57
C HIS B 379 -2.75 -24.48 4.63
N VAL B 380 -2.88 -25.75 5.03
CA VAL B 380 -2.05 -26.34 6.08
C VAL B 380 -1.19 -27.49 5.52
N ILE B 381 0.12 -27.41 5.76
CA ILE B 381 1.07 -28.38 5.21
C ILE B 381 1.62 -29.31 6.29
N TYR B 382 1.50 -30.61 6.07
CA TYR B 382 2.14 -31.62 6.91
C TYR B 382 3.24 -32.32 6.12
N THR B 383 4.48 -32.20 6.60
CA THR B 383 5.63 -32.82 5.93
C THR B 383 5.63 -34.33 6.15
N LEU B 384 5.65 -35.08 5.05
CA LEU B 384 5.60 -36.54 5.10
C LEU B 384 6.87 -37.14 5.70
N PRO B 385 6.72 -38.01 6.71
CA PRO B 385 7.85 -38.76 7.27
C PRO B 385 8.17 -39.99 6.41
N LEU B 386 9.44 -40.43 6.40
CA LEU B 386 10.52 -39.81 7.15
C LEU B 386 11.43 -38.95 6.27
N SER C 5 -8.24 -1.05 26.54
CA SER C 5 -9.41 -1.71 25.90
C SER C 5 -9.01 -3.07 25.37
N LEU C 6 -9.77 -4.10 25.76
CA LEU C 6 -9.50 -5.48 25.36
C LEU C 6 -9.71 -5.72 23.86
N GLU C 7 -10.65 -4.99 23.26
CA GLU C 7 -10.95 -5.09 21.83
C GLU C 7 -9.84 -4.50 20.95
N VAL C 8 -9.24 -3.40 21.41
CA VAL C 8 -8.14 -2.76 20.69
C VAL C 8 -6.85 -3.58 20.85
N LYS C 9 -6.68 -4.15 22.04
CA LYS C 9 -5.51 -4.97 22.37
C LYS C 9 -5.49 -6.26 21.55
N GLU C 10 -6.64 -6.89 21.40
CA GLU C 10 -6.74 -8.16 20.67
C GLU C 10 -6.67 -7.98 19.15
N PHE C 11 -7.29 -6.90 18.66
CA PHE C 11 -7.25 -6.55 17.23
C PHE C 11 -5.82 -6.20 16.80
N ALA C 12 -5.06 -5.61 17.70
CA ALA C 12 -3.64 -5.36 17.48
C ALA C 12 -2.89 -6.68 17.37
N LEU C 13 -3.19 -7.62 18.26
CA LEU C 13 -2.56 -8.94 18.28
C LEU C 13 -2.87 -9.79 17.05
N ASN C 14 -4.13 -9.76 16.62
CA ASN C 14 -4.54 -10.51 15.44
C ASN C 14 -3.83 -10.04 14.16
N LEU C 15 -3.42 -8.77 14.16
CA LEU C 15 -2.69 -8.19 13.05
C LEU C 15 -1.18 -8.45 13.11
N ILE C 16 -0.60 -8.33 14.31
CA ILE C 16 0.84 -8.57 14.47
C ILE C 16 1.22 -10.02 14.19
N SER C 17 0.27 -10.93 14.41
CA SER C 17 0.46 -12.37 14.19
C SER C 17 0.75 -12.72 12.72
N GLN C 18 0.39 -11.80 11.82
CA GLN C 18 0.63 -11.97 10.39
C GLN C 18 2.08 -11.70 10.00
N PHE C 19 2.86 -11.16 10.94
CA PHE C 19 4.22 -10.71 10.64
C PHE C 19 5.33 -11.51 11.33
N GLU C 20 6.25 -12.01 10.50
CA GLU C 20 7.52 -12.57 10.95
C GLU C 20 8.51 -11.41 11.15
N PRO C 21 9.64 -11.66 11.83
CA PRO C 21 10.66 -10.60 11.94
C PRO C 21 11.15 -10.14 10.56
N GLU C 22 11.22 -11.06 9.61
CA GLU C 22 11.72 -10.77 8.25
C GLU C 22 10.85 -9.79 7.48
N ASN C 23 9.54 -9.80 7.72
CA ASN C 23 8.59 -9.00 6.94
C ASN C 23 7.80 -7.95 7.73
N GLN C 24 8.11 -7.81 9.02
CA GLN C 24 7.43 -6.84 9.89
C GLN C 24 7.68 -5.39 9.44
N PRO C 25 6.61 -4.59 9.33
CA PRO C 25 6.78 -3.18 8.99
C PRO C 25 7.21 -2.36 10.21
N LEU C 26 7.49 -1.08 10.01
CA LEU C 26 7.87 -0.18 11.11
C LEU C 26 6.74 -0.03 12.12
N GLY C 27 5.50 -0.08 11.63
CA GLY C 27 4.32 0.00 12.46
C GLY C 27 3.04 0.19 11.68
N PHE C 28 1.91 0.12 12.37
CA PHE C 28 0.60 0.37 11.75
C PHE C 28 -0.36 1.11 12.69
N TRP C 29 -1.43 1.65 12.11
CA TRP C 29 -2.41 2.42 12.85
C TRP C 29 -3.69 1.65 13.05
N ILE C 30 -4.35 1.89 14.19
CA ILE C 30 -5.69 1.40 14.43
C ILE C 30 -6.65 2.58 14.54
N PHE C 31 -7.56 2.68 13.57
CA PHE C 31 -8.54 3.76 13.55
C PHE C 31 -9.74 3.42 14.42
N ASP C 32 -9.79 4.06 15.59
CA ASP C 32 -10.88 3.84 16.54
C ASP C 32 -12.08 4.70 16.14
N THR C 33 -13.02 4.07 15.43
CA THR C 33 -14.23 4.73 14.93
C THR C 33 -15.14 5.19 16.07
N GLU C 34 -15.35 4.31 17.04
CA GLU C 34 -16.19 4.61 18.19
C GLU C 34 -15.53 5.65 19.09
N GLY C 35 -14.20 5.66 19.11
CA GLY C 35 -13.42 6.64 19.86
C GLY C 35 -13.63 8.07 19.40
N VAL C 36 -13.86 8.23 18.09
CA VAL C 36 -14.19 9.53 17.52
C VAL C 36 -15.60 9.94 17.93
N GLU C 37 -16.54 9.01 17.80
CA GLU C 37 -17.95 9.25 18.11
C GLU C 37 -18.17 9.68 19.56
N LYS C 38 -17.45 9.06 20.48
CA LYS C 38 -17.57 9.35 21.92
C LYS C 38 -17.05 10.74 22.27
N ALA C 39 -16.02 11.19 21.57
CA ALA C 39 -15.44 12.52 21.76
C ALA C 39 -16.35 13.62 21.23
N VAL C 40 -17.06 13.32 20.14
CA VAL C 40 -17.99 14.28 19.52
C VAL C 40 -19.24 14.47 20.40
N GLU C 41 -19.82 13.37 20.87
CA GLU C 41 -21.01 13.43 21.72
C GLU C 41 -20.73 14.01 23.11
N ARG C 42 -19.48 13.91 23.54
CA ARG C 42 -19.02 14.53 24.79
C ARG C 42 -18.97 16.05 24.66
N TRP C 43 -18.56 16.51 23.48
CA TRP C 43 -18.50 17.94 23.17
C TRP C 43 -19.87 18.56 23.09
N LYS C 44 -20.79 17.86 22.43
CA LYS C 44 -22.16 18.35 22.28
C LYS C 44 -22.93 18.39 23.59
N LYS C 45 -22.52 17.55 24.54
CA LYS C 45 -23.11 17.52 25.88
C LYS C 45 -22.60 18.67 26.76
N ASN C 46 -21.29 18.92 26.69
CA ASN C 46 -20.65 19.95 27.50
C ASN C 46 -20.74 21.36 26.91
N MET C 47 -20.81 21.44 25.59
CA MET C 47 -21.02 22.71 24.90
C MET C 47 -22.07 22.59 23.80
N PRO C 48 -23.36 22.60 24.18
CA PRO C 48 -24.46 22.48 23.21
C PRO C 48 -24.58 23.67 22.25
N THR C 49 -24.18 24.85 22.70
CA THR C 49 -24.32 26.07 21.90
C THR C 49 -23.09 26.38 21.03
N VAL C 50 -22.02 25.60 21.21
CA VAL C 50 -20.80 25.80 20.43
C VAL C 50 -20.59 24.66 19.42
N ARG C 51 -20.67 25.01 18.14
CA ARG C 51 -20.49 24.05 17.06
C ARG C 51 -18.99 23.79 16.84
N PRO C 52 -18.56 22.52 16.96
CA PRO C 52 -17.14 22.21 16.79
C PRO C 52 -16.73 22.14 15.31
N CYS C 53 -15.70 22.90 14.95
CA CYS C 53 -15.12 22.84 13.61
C CYS C 53 -13.71 22.26 13.68
N PHE C 54 -13.54 21.06 13.14
CA PHE C 54 -12.27 20.33 13.23
C PHE C 54 -11.14 21.04 12.49
N ALA C 55 -10.03 21.24 13.20
CA ALA C 55 -8.81 21.76 12.59
C ALA C 55 -8.12 20.66 11.80
N VAL C 56 -8.23 20.77 10.47
CA VAL C 56 -7.73 19.76 9.54
C VAL C 56 -6.20 19.57 9.66
N LYS C 57 -5.51 20.66 10.04
CA LYS C 57 -4.06 20.66 10.17
C LYS C 57 -3.54 19.66 11.20
N CYS C 58 -4.32 19.44 12.26
CA CYS C 58 -3.95 18.48 13.31
C CYS C 58 -3.82 17.05 12.78
N ASN C 59 -4.81 16.61 12.01
CA ASN C 59 -4.77 15.32 11.35
C ASN C 59 -5.70 15.29 10.13
N PRO C 60 -5.11 15.43 8.92
CA PRO C 60 -5.89 15.53 7.70
C PRO C 60 -6.22 14.17 7.07
N GLU C 61 -6.16 13.11 7.86
CA GLU C 61 -6.46 11.75 7.40
C GLU C 61 -7.91 11.67 6.91
N PRO C 62 -8.10 11.41 5.60
CA PRO C 62 -9.41 11.41 4.94
C PRO C 62 -10.52 10.68 5.70
N HIS C 63 -10.18 9.56 6.33
CA HIS C 63 -11.14 8.75 7.08
C HIS C 63 -11.65 9.46 8.31
N LEU C 64 -10.75 10.14 9.02
CA LEU C 64 -11.10 10.91 10.22
C LEU C 64 -11.89 12.18 9.86
N VAL C 65 -11.41 12.89 8.85
CA VAL C 65 -12.04 14.12 8.37
C VAL C 65 -13.44 13.83 7.82
N LYS C 66 -13.58 12.71 7.11
CA LYS C 66 -14.86 12.23 6.58
C LYS C 66 -15.85 11.91 7.69
N LEU C 67 -15.38 11.18 8.70
CA LEU C 67 -16.22 10.75 9.82
C LEU C 67 -16.71 11.90 10.68
N LEU C 68 -15.80 12.83 11.01
CA LEU C 68 -16.11 13.99 11.85
C LEU C 68 -17.20 14.87 11.24
N GLY C 69 -17.11 15.09 9.93
CA GLY C 69 -18.10 15.90 9.21
C GLY C 69 -19.49 15.28 9.19
N GLU C 70 -19.54 13.95 9.12
CA GLU C 70 -20.79 13.20 9.16
C GLU C 70 -21.44 13.26 10.54
N LEU C 71 -20.61 13.45 11.57
CA LEU C 71 -21.09 13.53 12.95
C LEU C 71 -21.54 14.95 13.33
N GLY C 72 -21.43 15.88 12.37
CA GLY C 72 -21.95 17.23 12.55
C GLY C 72 -20.93 18.34 12.71
N CYS C 73 -19.64 17.99 12.65
CA CYS C 73 -18.56 18.96 12.82
C CYS C 73 -18.38 19.86 11.60
N GLY C 74 -17.94 21.09 11.86
CA GLY C 74 -17.55 22.02 10.79
C GLY C 74 -16.11 21.75 10.36
N PHE C 75 -15.51 22.70 9.65
CA PHE C 75 -14.16 22.50 9.12
C PHE C 75 -13.27 23.74 9.19
N ASP C 76 -12.09 23.56 9.78
CA ASP C 76 -11.09 24.62 9.92
C ASP C 76 -9.89 24.33 9.04
N CYS C 77 -9.76 25.09 7.95
CA CYS C 77 -8.69 24.90 6.98
C CYS C 77 -7.76 26.10 6.91
N ALA C 78 -6.46 25.83 6.99
CA ALA C 78 -5.43 26.87 6.96
C ALA C 78 -4.94 27.16 5.54
N SER C 79 -4.88 26.12 4.71
CA SER C 79 -4.41 26.23 3.33
C SER C 79 -5.49 25.80 2.34
N LEU C 80 -5.23 26.06 1.05
CA LEU C 80 -6.12 25.63 -0.03
C LEU C 80 -6.11 24.12 -0.18
N ASN C 81 -4.95 23.51 0.08
CA ASN C 81 -4.81 22.05 0.05
C ASN C 81 -5.76 21.34 1.02
N GLU C 82 -5.94 21.93 2.20
CA GLU C 82 -6.87 21.42 3.19
C GLU C 82 -8.33 21.68 2.76
N ILE C 83 -8.57 22.86 2.19
CA ILE C 83 -9.87 23.25 1.67
C ILE C 83 -10.34 22.29 0.58
N LYS C 84 -9.45 21.96 -0.34
CA LYS C 84 -9.75 21.05 -1.44
C LYS C 84 -10.05 19.64 -0.95
N GLU C 85 -9.36 19.21 0.10
CA GLU C 85 -9.55 17.89 0.71
C GLU C 85 -10.97 17.72 1.24
N VAL C 86 -11.46 18.74 1.95
CA VAL C 86 -12.80 18.71 2.54
C VAL C 86 -13.87 18.76 1.45
N LEU C 87 -13.70 19.66 0.48
CA LEU C 87 -14.64 19.81 -0.63
C LEU C 87 -14.71 18.56 -1.52
N ASP C 88 -13.60 17.85 -1.64
CA ASP C 88 -13.56 16.58 -2.38
C ASP C 88 -14.27 15.46 -1.62
N LEU C 89 -14.28 15.55 -0.30
CA LEU C 89 -14.93 14.55 0.56
C LEU C 89 -16.46 14.63 0.54
N GLY C 90 -16.99 15.72 -0.01
CA GLY C 90 -18.44 15.85 -0.22
C GLY C 90 -19.15 16.84 0.69
N PHE C 91 -18.39 17.75 1.29
CA PHE C 91 -18.95 18.70 2.25
C PHE C 91 -19.20 20.08 1.64
N ASN C 92 -20.19 20.77 2.19
CA ASN C 92 -20.61 22.09 1.71
C ASN C 92 -19.58 23.18 2.05
N PRO C 93 -19.28 24.07 1.07
CA PRO C 93 -18.34 25.18 1.26
C PRO C 93 -18.70 26.16 2.38
N GLU C 94 -19.96 26.18 2.82
CA GLU C 94 -20.36 27.11 3.89
C GLU C 94 -19.89 26.68 5.28
N ASP C 95 -19.75 25.38 5.49
CA ASP C 95 -19.26 24.84 6.77
C ASP C 95 -17.76 25.00 6.95
N ILE C 96 -17.06 25.27 5.86
CA ILE C 96 -15.61 25.46 5.87
C ILE C 96 -15.25 26.93 6.18
N THR C 97 -14.29 27.12 7.07
CA THR C 97 -13.80 28.45 7.41
C THR C 97 -12.29 28.57 7.20
N TYR C 98 -11.90 29.45 6.27
CA TYR C 98 -10.51 29.69 5.89
C TYR C 98 -9.76 30.41 7.01
N SER C 99 -9.22 29.64 7.95
CA SER C 99 -8.50 30.21 9.09
C SER C 99 -7.03 30.42 8.77
N GLN C 100 -6.72 31.57 8.18
CA GLN C 100 -5.34 31.96 7.87
C GLN C 100 -5.22 33.48 7.94
N THR C 101 -4.34 33.95 8.80
CA THR C 101 -4.11 35.38 9.02
C THR C 101 -3.53 36.06 7.77
N PHE C 102 -2.58 35.38 7.12
CA PHE C 102 -1.94 35.89 5.92
C PHE C 102 -1.91 34.81 4.84
N LYS C 103 -2.75 34.99 3.81
CA LYS C 103 -2.94 33.97 2.78
C LYS C 103 -2.27 34.35 1.46
N PRO C 104 -1.75 33.35 0.73
CA PRO C 104 -1.25 33.56 -0.63
C PRO C 104 -2.37 34.00 -1.57
N TYR C 105 -2.03 34.89 -2.50
CA TYR C 105 -3.02 35.49 -3.41
C TYR C 105 -3.78 34.45 -4.25
N ASN C 106 -3.04 33.52 -4.85
CA ASN C 106 -3.65 32.46 -5.67
C ASN C 106 -4.63 31.58 -4.92
N GLN C 107 -4.32 31.29 -3.65
CA GLN C 107 -5.16 30.45 -2.79
C GLN C 107 -6.44 31.17 -2.39
N LEU C 108 -6.33 32.48 -2.13
CA LEU C 108 -7.48 33.31 -1.79
C LEU C 108 -8.44 33.46 -2.98
N ILE C 109 -7.87 33.69 -4.16
CA ILE C 109 -8.64 33.79 -5.41
C ILE C 109 -9.37 32.48 -5.69
N GLU C 110 -8.64 31.37 -5.56
CA GLU C 110 -9.17 30.03 -5.82
C GLU C 110 -10.29 29.65 -4.83
N ALA C 111 -10.09 29.99 -3.56
CA ALA C 111 -11.06 29.71 -2.51
C ALA C 111 -12.40 30.40 -2.78
N SER C 112 -12.33 31.62 -3.32
CA SER C 112 -13.52 32.40 -3.67
C SER C 112 -14.38 31.70 -4.72
N HIS C 113 -13.72 31.07 -5.70
CA HIS C 113 -14.42 30.36 -6.77
C HIS C 113 -14.98 29.03 -6.33
N LEU C 114 -14.29 28.38 -5.39
CA LEU C 114 -14.73 27.09 -4.85
C LEU C 114 -15.93 27.22 -3.91
N GLY C 115 -16.18 28.43 -3.42
CA GLY C 115 -17.37 28.71 -2.61
C GLY C 115 -17.09 29.09 -1.16
N ILE C 116 -15.81 29.22 -0.81
CA ILE C 116 -15.41 29.57 0.57
C ILE C 116 -15.83 31.00 0.87
N ASN C 117 -16.61 31.15 1.94
CA ASN C 117 -17.24 32.44 2.26
C ASN C 117 -16.86 33.00 3.63
N HIS C 118 -15.99 32.28 4.36
CA HIS C 118 -15.57 32.71 5.70
C HIS C 118 -14.07 32.69 5.85
N THR C 119 -13.52 33.79 6.37
CA THR C 119 -12.09 33.91 6.62
C THR C 119 -11.76 34.85 7.79
N ILE C 120 -10.53 34.78 8.29
CA ILE C 120 -10.10 35.63 9.40
C ILE C 120 -9.01 36.64 8.99
N VAL C 121 -8.99 37.79 9.66
CA VAL C 121 -8.06 38.89 9.35
C VAL C 121 -7.55 39.55 10.65
N ASP C 122 -6.25 39.85 10.70
CA ASP C 122 -5.69 40.57 11.84
C ASP C 122 -4.71 41.69 11.46
N SER C 123 -4.79 42.16 10.22
CA SER C 123 -3.92 43.22 9.73
C SER C 123 -4.62 44.15 8.74
N ILE C 124 -4.12 45.37 8.65
CA ILE C 124 -4.63 46.42 7.75
C ILE C 124 -4.42 46.04 6.27
N ASP C 125 -3.34 45.32 6.00
CA ASP C 125 -3.01 44.88 4.64
C ASP C 125 -3.97 43.81 4.12
N GLU C 126 -4.33 42.86 4.98
CA GLU C 126 -5.19 41.74 4.61
C GLU C 126 -6.62 42.15 4.30
N VAL C 127 -7.08 43.23 4.94
CA VAL C 127 -8.40 43.81 4.66
C VAL C 127 -8.45 44.29 3.22
N GLN C 128 -7.41 45.01 2.81
CA GLN C 128 -7.28 45.52 1.45
C GLN C 128 -7.12 44.38 0.44
N LYS C 129 -6.47 43.30 0.87
CA LYS C 129 -6.31 42.10 0.06
C LYS C 129 -7.65 41.45 -0.25
N ILE C 130 -8.52 41.36 0.76
CA ILE C 130 -9.88 40.83 0.61
C ILE C 130 -10.72 41.75 -0.28
N ALA C 131 -10.60 43.06 -0.06
CA ALA C 131 -11.35 44.05 -0.81
C ALA C 131 -11.00 44.07 -2.30
N LYS C 132 -9.79 43.66 -2.62
CA LYS C 132 -9.29 43.67 -3.99
C LYS C 132 -9.56 42.37 -4.75
N TYR C 133 -9.47 41.24 -4.05
CA TYR C 133 -9.52 39.93 -4.71
C TYR C 133 -10.80 39.12 -4.46
N ALA C 134 -11.37 39.23 -3.25
CA ALA C 134 -12.61 38.53 -2.92
C ALA C 134 -13.52 39.37 -2.01
N PRO C 135 -14.14 40.43 -2.57
CA PRO C 135 -14.88 41.42 -1.78
C PRO C 135 -16.15 40.90 -1.09
N LYS C 136 -16.68 39.77 -1.55
CA LYS C 136 -17.91 39.21 -0.98
C LYS C 136 -17.66 38.15 0.10
N MET C 137 -16.40 37.83 0.35
CA MET C 137 -16.04 36.87 1.39
C MET C 137 -16.17 37.49 2.78
N GLY C 138 -16.80 36.76 3.69
CA GLY C 138 -17.00 37.23 5.07
C GLY C 138 -15.73 37.22 5.89
N ILE C 139 -15.61 38.19 6.80
CA ILE C 139 -14.38 38.41 7.57
C ILE C 139 -14.61 38.32 9.08
N MET C 140 -13.70 37.65 9.78
CA MET C 140 -13.65 37.67 11.24
C MET C 140 -12.41 38.39 11.73
N ILE C 141 -12.55 39.20 12.78
CA ILE C 141 -11.41 39.91 13.37
C ILE C 141 -10.71 39.03 14.40
N ARG C 142 -9.40 38.89 14.27
CA ARG C 142 -8.61 38.14 15.24
C ARG C 142 -8.25 39.03 16.44
N ILE C 143 -8.64 38.58 17.64
CA ILE C 143 -8.39 39.31 18.88
C ILE C 143 -7.57 38.49 19.87
N MET C 144 -7.17 39.12 20.97
CA MET C 144 -6.39 38.46 22.02
C MET C 144 -7.07 38.60 23.38
N ASP C 163 -7.14 48.53 20.89
CA ASP C 163 -6.71 49.64 20.04
C ASP C 163 -6.37 49.18 18.61
N GLU C 164 -5.76 48.01 18.49
CA GLU C 164 -5.41 47.42 17.19
C GLU C 164 -6.60 46.74 16.53
N VAL C 165 -7.51 46.22 17.35
CA VAL C 165 -8.74 45.57 16.89
C VAL C 165 -9.63 46.59 16.18
N GLU C 166 -9.76 47.77 16.79
CA GLU C 166 -10.62 48.84 16.28
C GLU C 166 -10.11 49.45 14.98
N ILE C 167 -8.77 49.54 14.86
CA ILE C 167 -8.13 50.05 13.64
C ILE C 167 -8.42 49.14 12.44
N VAL C 168 -8.40 47.82 12.67
CA VAL C 168 -8.77 46.84 11.66
C VAL C 168 -10.26 46.93 11.36
N LEU C 169 -11.07 46.99 12.42
CA LEU C 169 -12.53 47.11 12.32
C LEU C 169 -12.96 48.33 11.49
N LYS C 170 -12.21 49.41 11.63
CA LYS C 170 -12.47 50.66 10.90
C LYS C 170 -12.40 50.47 9.38
N GLU C 171 -11.39 49.73 8.92
CA GLU C 171 -11.17 49.56 7.49
C GLU C 171 -12.21 48.67 6.81
N ILE C 172 -12.63 47.60 7.50
CA ILE C 172 -13.69 46.71 7.00
C ILE C 172 -14.99 47.49 6.76
N LYS C 173 -15.29 48.41 7.68
CA LYS C 173 -16.42 49.31 7.52
C LYS C 173 -16.22 50.28 6.36
N ASP C 174 -14.98 50.75 6.20
CA ASP C 174 -14.61 51.72 5.16
C ASP C 174 -14.64 51.13 3.75
N LYS C 175 -14.32 49.85 3.63
CA LYS C 175 -14.30 49.18 2.33
C LYS C 175 -15.63 48.50 1.99
N GLY C 176 -16.57 48.54 2.92
CA GLY C 176 -17.91 47.97 2.74
C GLY C 176 -17.89 46.46 2.62
N LEU C 177 -17.14 45.81 3.49
CA LEU C 177 -16.99 44.35 3.47
C LEU C 177 -17.86 43.69 4.54
N ASN C 178 -18.19 42.42 4.32
CA ASN C 178 -19.04 41.67 5.24
C ASN C 178 -18.28 41.23 6.48
N LEU C 179 -18.68 41.75 7.63
CA LEU C 179 -18.07 41.36 8.91
C LEU C 179 -18.87 40.24 9.55
N ASP C 180 -18.30 39.04 9.56
CA ASP C 180 -18.95 37.88 10.17
C ASP C 180 -18.91 37.92 11.69
N GLY C 181 -17.80 38.43 12.25
CA GLY C 181 -17.68 38.57 13.70
C GLY C 181 -16.25 38.68 14.20
N VAL C 182 -15.97 37.96 15.28
CA VAL C 182 -14.64 37.99 15.92
C VAL C 182 -14.10 36.59 16.20
N HIS C 183 -12.78 36.50 16.30
CA HIS C 183 -12.08 35.23 16.48
C HIS C 183 -10.92 35.39 17.42
N PHE C 184 -10.73 34.41 18.31
CA PHE C 184 -9.57 34.40 19.22
C PHE C 184 -9.07 33.00 19.53
N HIS C 185 -7.77 32.89 19.79
CA HIS C 185 -7.15 31.63 20.16
C HIS C 185 -6.31 31.79 21.40
N VAL C 186 -6.59 30.96 22.40
CA VAL C 186 -5.85 31.01 23.67
C VAL C 186 -4.59 30.15 23.63
N SER C 193 -7.72 29.35 32.33
CA SER C 193 -9.13 28.98 32.28
C SER C 193 -10.05 30.20 32.41
N GLU C 194 -9.74 31.07 33.36
CA GLU C 194 -10.52 32.30 33.57
C GLU C 194 -10.17 33.36 32.54
N VAL C 195 -9.01 33.21 31.89
CA VAL C 195 -8.59 34.10 30.80
C VAL C 195 -9.53 34.05 29.60
N PHE C 196 -10.24 32.93 29.48
CA PHE C 196 -11.24 32.73 28.43
C PHE C 196 -12.43 33.66 28.63
N THR C 197 -12.75 33.95 29.89
CA THR C 197 -13.82 34.88 30.25
C THR C 197 -13.48 36.30 29.76
N LYS C 198 -12.22 36.69 29.95
CA LYS C 198 -11.73 38.02 29.57
C LYS C 198 -11.73 38.27 28.06
N ALA C 199 -11.30 37.25 27.31
CA ALA C 199 -11.25 37.34 25.85
C ALA C 199 -12.66 37.32 25.25
N LEU C 200 -13.56 36.60 25.91
CA LEU C 200 -14.94 36.48 25.45
C LEU C 200 -15.73 37.76 25.72
N THR C 201 -15.45 38.40 26.86
CA THR C 201 -16.08 39.66 27.24
C THR C 201 -15.66 40.79 26.28
N LYS C 202 -14.40 40.78 25.89
CA LYS C 202 -13.87 41.73 24.92
C LYS C 202 -14.48 41.50 23.54
N ALA C 203 -14.78 40.24 23.23
CA ALA C 203 -15.40 39.86 21.96
C ALA C 203 -16.83 40.38 21.86
N ARG C 204 -17.53 40.42 22.99
CA ARG C 204 -18.90 40.96 23.08
C ARG C 204 -18.91 42.46 22.79
N ASN C 205 -17.94 43.17 23.35
CA ASN C 205 -17.81 44.62 23.18
C ASN C 205 -17.48 45.03 21.75
N THR C 206 -16.77 44.16 21.03
CA THR C 206 -16.41 44.40 19.63
C THR C 206 -17.63 44.26 18.72
N VAL C 207 -18.51 43.31 19.05
CA VAL C 207 -19.75 43.10 18.32
C VAL C 207 -20.65 44.34 18.47
N THR C 208 -20.83 44.80 19.71
CA THR C 208 -21.70 45.93 20.03
C THR C 208 -21.19 47.24 19.42
N LEU C 209 -19.86 47.39 19.36
CA LEU C 209 -19.25 48.55 18.72
C LEU C 209 -19.51 48.55 17.22
N ALA C 210 -19.37 47.39 16.60
CA ALA C 210 -19.60 47.21 15.16
C ALA C 210 -21.07 47.34 14.79
N GLU C 211 -21.96 46.91 15.69
CA GLU C 211 -23.40 47.03 15.50
C GLU C 211 -23.84 48.49 15.44
N GLN C 212 -23.13 49.35 16.16
CA GLN C 212 -23.38 50.79 16.13
C GLN C 212 -22.88 51.44 14.84
N PHE C 213 -21.88 50.82 14.21
CA PHE C 213 -21.38 51.27 12.91
C PHE C 213 -22.28 50.82 11.75
N GLY C 214 -23.31 50.05 12.07
CA GLY C 214 -24.28 49.59 11.07
C GLY C 214 -23.98 48.22 10.51
N MET C 215 -23.09 47.49 11.19
CA MET C 215 -22.67 46.15 10.77
C MET C 215 -23.40 45.09 11.59
N LYS C 216 -23.49 43.88 11.06
CA LYS C 216 -24.19 42.79 11.74
C LYS C 216 -23.32 41.54 11.91
N PRO C 217 -22.49 41.51 12.97
CA PRO C 217 -21.61 40.38 13.26
C PRO C 217 -22.32 39.26 14.02
N TYR C 218 -22.25 38.05 13.49
CA TYR C 218 -23.01 36.91 14.03
C TYR C 218 -22.14 35.71 14.46
N LEU C 219 -20.90 35.67 14.01
CA LEU C 219 -20.04 34.51 14.27
C LEU C 219 -18.98 34.80 15.32
N ILE C 220 -18.92 33.94 16.35
CA ILE C 220 -17.92 34.05 17.40
C ILE C 220 -17.06 32.78 17.42
N ASP C 221 -15.80 32.92 17.02
CA ASP C 221 -14.86 31.80 16.99
C ASP C 221 -14.00 31.82 18.25
N ILE C 222 -14.22 30.84 19.13
CA ILE C 222 -13.50 30.76 20.40
C ILE C 222 -12.15 30.03 20.29
N GLY C 223 -11.84 29.55 19.08
CA GLY C 223 -10.55 28.92 18.80
C GLY C 223 -10.45 27.48 19.29
N GLY C 224 -9.23 27.08 19.62
CA GLY C 224 -8.96 25.70 20.05
C GLY C 224 -8.10 25.61 21.29
N GLY C 225 -7.47 24.45 21.47
CA GLY C 225 -6.63 24.18 22.64
C GLY C 225 -7.37 23.41 23.73
N PHE C 226 -8.53 22.88 23.39
CA PHE C 226 -9.37 22.15 24.33
C PHE C 226 -8.81 20.75 24.61
N SER C 227 -8.70 20.42 25.90
CA SER C 227 -8.22 19.12 26.37
C SER C 227 -7.04 18.56 25.57
N ALA C 230 -6.72 19.26 31.01
CA ALA C 230 -7.92 20.08 31.18
C ALA C 230 -9.09 19.26 31.73
N PRO C 231 -9.85 19.84 32.68
CA PRO C 231 -11.01 19.17 33.26
C PRO C 231 -12.27 19.26 32.37
N PHE C 232 -12.06 19.54 31.08
CA PHE C 232 -13.11 19.69 30.07
C PHE C 232 -14.52 19.97 30.58
N GLU C 233 -15.18 18.94 31.14
CA GLU C 233 -16.53 19.05 31.71
C GLU C 233 -16.76 20.31 32.54
N GLU C 234 -15.76 20.67 33.35
CA GLU C 234 -15.82 21.87 34.18
C GLU C 234 -15.44 23.12 33.38
N PHE C 235 -14.43 22.98 32.53
CA PHE C 235 -13.95 24.08 31.70
C PHE C 235 -15.00 24.53 30.68
N ALA C 236 -15.77 23.58 30.16
CA ALA C 236 -16.81 23.87 29.17
C ALA C 236 -18.06 24.50 29.80
N ALA C 237 -18.35 24.11 31.03
CA ALA C 237 -19.51 24.61 31.77
C ALA C 237 -19.36 26.10 32.12
N THR C 238 -18.12 26.52 32.38
CA THR C 238 -17.82 27.92 32.65
C THR C 238 -18.02 28.77 31.38
N ILE C 239 -17.66 28.21 30.23
CA ILE C 239 -17.82 28.85 28.94
C ILE C 239 -19.31 29.03 28.61
N GLU C 240 -20.08 27.95 28.79
CA GLU C 240 -21.52 27.96 28.54
C GLU C 240 -22.24 28.98 29.41
N LYS C 241 -21.71 29.18 30.63
CA LYS C 241 -22.24 30.16 31.58
C LYS C 241 -21.88 31.58 31.15
N THR C 242 -20.64 31.77 30.69
CA THR C 242 -20.13 33.06 30.25
C THR C 242 -20.86 33.57 29.00
N ILE C 243 -21.13 32.65 28.07
CA ILE C 243 -21.90 32.95 26.85
C ILE C 243 -23.28 33.52 27.22
N LYS C 244 -23.91 32.90 28.21
CA LYS C 244 -25.26 33.24 28.63
C LYS C 244 -25.34 34.59 29.35
N GLU C 245 -24.36 34.87 30.20
CA GLU C 245 -24.31 36.10 31.01
C GLU C 245 -24.02 37.35 30.17
N LEU C 246 -23.18 37.19 29.15
CA LEU C 246 -22.80 38.31 28.28
C LEU C 246 -23.92 38.78 27.36
N GLU C 247 -24.90 37.90 27.14
CA GLU C 247 -26.09 38.19 26.33
C GLU C 247 -25.75 38.67 24.91
N PHE C 248 -25.25 37.73 24.11
CA PHE C 248 -24.95 38.00 22.71
C PHE C 248 -26.24 38.12 21.89
N PRO C 249 -26.22 38.90 20.80
CA PRO C 249 -27.38 39.02 19.91
C PRO C 249 -27.94 37.66 19.49
N GLU C 250 -29.25 37.59 19.33
CA GLU C 250 -29.98 36.34 19.02
C GLU C 250 -29.40 35.52 17.85
N ARG C 251 -28.91 36.22 16.83
CA ARG C 251 -28.40 35.60 15.61
C ARG C 251 -27.00 34.98 15.76
N THR C 252 -26.30 35.30 16.84
CA THR C 252 -24.91 34.87 17.03
C THR C 252 -24.75 33.36 17.13
N ARG C 253 -23.94 32.82 16.22
CA ARG C 253 -23.57 31.40 16.22
C ARG C 253 -22.15 31.24 16.72
N PHE C 254 -21.96 30.31 17.65
CA PHE C 254 -20.67 30.10 18.30
C PHE C 254 -19.99 28.85 17.75
N ILE C 255 -18.78 29.02 17.23
CA ILE C 255 -18.00 27.89 16.70
C ILE C 255 -16.60 27.85 17.31
N ALA C 256 -16.01 26.67 17.34
CA ALA C 256 -14.67 26.46 17.89
C ALA C 256 -13.76 25.77 16.89
N GLU C 257 -12.47 25.71 17.20
CA GLU C 257 -11.49 25.05 16.36
C GLU C 257 -10.75 23.93 17.12
N PRO C 258 -11.49 22.92 17.62
CA PRO C 258 -10.80 21.87 18.38
C PRO C 258 -10.03 20.91 17.46
N GLY C 259 -8.72 20.92 17.56
CA GLY C 259 -7.86 20.07 16.74
C GLY C 259 -7.32 18.87 17.50
N ARG C 260 -6.70 19.14 18.65
CA ARG C 260 -6.11 18.10 19.49
C ARG C 260 -7.19 17.20 20.12
N TYR C 261 -8.29 17.84 20.55
CA TYR C 261 -9.38 17.16 21.25
C TYR C 261 -10.01 16.02 20.44
N MET C 262 -10.31 16.29 19.17
CA MET C 262 -11.04 15.35 18.32
C MET C 262 -10.17 14.21 17.77
N ALA C 263 -8.93 14.54 17.43
CA ALA C 263 -8.04 13.60 16.73
C ALA C 263 -7.30 12.63 17.64
N SER C 264 -7.03 13.05 18.88
CA SER C 264 -6.21 12.26 19.82
C SER C 264 -6.67 10.81 19.96
N ASN C 265 -7.92 10.61 20.32
CA ASN C 265 -8.47 9.28 20.57
C ASN C 265 -8.87 8.51 19.30
N ALA C 266 -8.63 9.14 18.15
CA ALA C 266 -9.01 8.55 16.85
C ALA C 266 -8.06 7.43 16.40
N PHE C 267 -6.78 7.57 16.69
CA PHE C 267 -5.78 6.60 16.23
C PHE C 267 -4.95 6.00 17.35
N HIS C 268 -4.50 4.77 17.12
CA HIS C 268 -3.58 4.07 18.01
C HIS C 268 -2.43 3.51 17.20
N LEU C 269 -1.21 3.81 17.62
CA LEU C 269 -0.02 3.36 16.92
C LEU C 269 0.51 2.04 17.50
N VAL C 270 0.79 1.08 16.62
CA VAL C 270 1.41 -0.17 17.01
C VAL C 270 2.78 -0.29 16.36
N SER C 271 3.82 -0.04 17.15
CA SER C 271 5.20 -0.06 16.66
C SER C 271 5.86 -1.43 16.83
N SER C 272 6.79 -1.73 15.93
CA SER C 272 7.61 -2.94 16.00
C SER C 272 9.00 -2.59 16.52
N LEU C 273 9.76 -3.61 16.92
CA LEU C 273 11.11 -3.39 17.46
C LEU C 273 12.19 -4.05 16.59
N HIS C 274 13.22 -3.29 16.27
CA HIS C 274 14.37 -3.80 15.54
C HIS C 274 15.68 -3.45 16.21
N GLY C 275 15.65 -2.50 17.13
CA GLY C 275 16.84 -2.09 17.87
C GLY C 275 16.80 -2.44 19.34
N LYS C 276 17.96 -2.78 19.89
CA LYS C 276 18.10 -3.11 21.31
C LYS C 276 19.55 -2.94 21.80
N ARG C 277 19.70 -2.30 22.96
CA ARG C 277 20.99 -2.20 23.63
C ARG C 277 20.84 -2.31 25.15
N VAL C 278 21.61 -3.22 25.74
CA VAL C 278 21.62 -3.43 27.18
C VAL C 278 22.79 -2.67 27.81
N ARG C 279 22.50 -1.91 28.87
CA ARG C 279 23.51 -1.09 29.53
C ARG C 279 23.33 -1.08 31.05
N ILE C 280 24.42 -1.29 31.78
CA ILE C 280 24.41 -1.32 33.24
C ILE C 280 24.82 0.04 33.81
N GLN C 281 24.01 0.55 34.74
CA GLN C 281 24.25 1.85 35.35
C GLN C 281 24.32 1.73 36.87
N ASN C 282 25.52 1.95 37.42
CA ASN C 282 25.79 2.01 38.87
C ASN C 282 25.41 0.78 39.72
N GLY C 283 24.60 -0.11 39.16
CA GLY C 283 24.14 -1.30 39.85
C GLY C 283 23.22 -2.14 38.98
N LYS C 284 21.99 -1.67 38.82
CA LYS C 284 21.01 -2.35 37.98
C LYS C 284 21.04 -1.86 36.54
N LYS C 285 20.52 -2.68 35.64
CA LYS C 285 20.60 -2.46 34.19
C LYS C 285 19.40 -1.68 33.62
N GLN C 286 19.57 -1.20 32.39
CA GLN C 286 18.53 -0.50 31.64
C GLN C 286 18.60 -0.86 30.16
N ILE C 287 17.45 -0.96 29.51
CA ILE C 287 17.39 -1.42 28.12
C ILE C 287 16.95 -0.31 27.16
N GLU C 288 17.64 -0.21 26.02
CA GLU C 288 17.32 0.75 24.98
C GLU C 288 16.66 0.05 23.80
N TYR C 289 15.68 0.71 23.19
CA TYR C 289 14.96 0.14 22.03
C TYR C 289 14.78 1.17 20.92
N THR C 290 14.68 0.68 19.68
CA THR C 290 14.42 1.52 18.53
C THR C 290 13.18 1.01 17.78
N SER C 291 12.13 1.84 17.76
CA SER C 291 10.87 1.48 17.11
C SER C 291 10.58 2.37 15.90
N GLY C 292 9.31 2.44 15.50
CA GLY C 292 8.90 3.29 14.39
C GLY C 292 8.04 4.45 14.84
N LYS C 309 4.95 9.92 25.98
CA LYS C 309 3.67 9.22 25.93
C LYS C 309 3.83 7.76 26.34
N SER C 310 2.81 7.24 27.04
CA SER C 310 2.83 5.88 27.58
C SER C 310 2.66 4.80 26.51
N CYS C 311 3.27 3.64 26.74
CA CYS C 311 3.19 2.52 25.82
C CYS C 311 3.11 1.17 26.53
N GLU C 312 2.43 0.21 25.88
CA GLU C 312 2.26 -1.14 26.43
C GLU C 312 2.98 -2.17 25.57
N CYS C 313 3.46 -3.24 26.21
CA CYS C 313 3.99 -4.39 25.49
C CYS C 313 2.90 -5.47 25.40
N ILE C 314 2.17 -5.43 24.30
CA ILE C 314 1.01 -6.30 24.09
C ILE C 314 1.39 -7.75 23.77
N THR C 315 2.55 -7.92 23.14
CA THR C 315 3.03 -9.24 22.70
C THR C 315 3.20 -10.28 23.81
N GLN C 316 3.53 -9.80 25.01
CA GLN C 316 3.67 -10.69 26.17
C GLN C 316 2.87 -10.19 27.37
N LYS C 317 2.29 -11.14 28.11
CA LYS C 317 1.51 -10.83 29.30
C LYS C 317 2.39 -10.87 30.55
N VAL C 318 2.20 -9.89 31.42
CA VAL C 318 2.94 -9.77 32.68
C VAL C 318 2.38 -10.75 33.73
N ASN C 319 3.28 -11.42 34.45
CA ASN C 319 2.88 -12.35 35.52
C ASN C 319 2.85 -11.69 36.90
N GLU C 320 2.74 -10.37 36.92
CA GLU C 320 2.89 -9.53 38.12
C GLU C 320 4.34 -9.53 38.61
N ASN C 321 5.06 -8.45 38.27
CA ASN C 321 6.49 -8.32 38.52
C ASN C 321 7.32 -9.29 37.66
N THR C 322 7.39 -9.01 36.36
CA THR C 322 8.22 -9.78 35.43
C THR C 322 9.51 -9.00 35.13
N LYS C 323 10.15 -8.53 36.20
CA LYS C 323 11.39 -7.75 36.13
C LYS C 323 11.26 -6.52 35.23
N MET C 324 10.66 -5.46 35.77
CA MET C 324 10.53 -4.20 35.03
C MET C 324 11.84 -3.41 35.07
N TYR C 325 12.36 -3.10 33.89
CA TYR C 325 13.57 -2.28 33.75
C TYR C 325 13.19 -0.94 33.14
N GLU C 326 13.87 0.12 33.56
CA GLU C 326 13.65 1.45 32.99
C GLU C 326 14.16 1.48 31.55
N SER C 327 13.23 1.53 30.61
CA SER C 327 13.55 1.43 29.19
C SER C 327 13.39 2.75 28.46
N ILE C 328 14.31 3.04 27.54
CA ILE C 328 14.18 4.18 26.65
C ILE C 328 13.94 3.71 25.20
N ILE C 329 12.90 4.26 24.59
CA ILE C 329 12.47 3.86 23.25
C ILE C 329 12.72 4.99 22.27
N TYR C 330 13.35 4.64 21.15
CA TYR C 330 13.67 5.59 20.08
C TYR C 330 12.80 5.38 18.84
N GLY C 331 12.94 6.28 17.87
CA GLY C 331 12.19 6.21 16.62
C GLY C 331 12.90 6.91 15.48
N ASP C 338 12.27 10.29 17.13
CA ASP C 338 13.45 9.78 17.82
C ASP C 338 13.08 9.34 19.25
N LYS C 339 13.71 9.95 20.26
CA LYS C 339 13.47 9.63 21.66
C LYS C 339 12.02 9.96 22.06
N VAL C 340 11.18 8.92 22.09
CA VAL C 340 9.74 9.09 22.30
C VAL C 340 9.25 8.69 23.69
N ALA C 341 9.90 7.70 24.31
CA ALA C 341 9.44 7.18 25.59
C ALA C 341 10.55 6.78 26.55
N THR C 342 10.36 7.14 27.82
CA THR C 342 11.18 6.67 28.94
C THR C 342 10.24 5.94 29.90
N GLN C 343 10.04 4.64 29.63
CA GLN C 343 9.00 3.86 30.30
C GLN C 343 9.56 2.77 31.21
N GLU C 344 8.69 2.19 32.03
CA GLU C 344 9.04 1.06 32.89
C GLU C 344 8.44 -0.22 32.31
N LEU C 345 9.23 -0.91 31.49
CA LEU C 345 8.75 -2.08 30.75
C LEU C 345 9.66 -3.31 30.93
N PRO C 346 9.09 -4.52 30.76
CA PRO C 346 9.90 -5.75 30.84
C PRO C 346 10.82 -5.95 29.63
N GLU C 347 11.73 -6.91 29.72
CA GLU C 347 12.64 -7.24 28.62
C GLU C 347 11.90 -7.66 27.36
N MET C 348 12.27 -7.04 26.24
CA MET C 348 11.59 -7.27 24.97
C MET C 348 12.55 -7.78 23.90
N GLU C 349 12.12 -8.82 23.19
CA GLU C 349 12.88 -9.39 22.08
C GLU C 349 12.50 -8.68 20.77
N PRO C 350 13.48 -8.03 20.12
CA PRO C 350 13.22 -7.32 18.87
C PRO C 350 12.85 -8.30 17.75
N GLY C 351 11.81 -7.97 17.00
CA GLY C 351 11.30 -8.84 15.95
C GLY C 351 10.08 -9.63 16.39
N LYS C 352 9.99 -9.88 17.69
CA LYS C 352 8.86 -10.60 18.28
C LYS C 352 7.97 -9.67 19.09
N ASP C 353 8.59 -8.85 19.94
CA ASP C 353 7.86 -7.94 20.82
C ASP C 353 7.54 -6.60 20.16
N TRP C 354 6.30 -6.16 20.34
CA TRP C 354 5.79 -4.92 19.74
C TRP C 354 5.43 -3.91 20.80
N LEU C 355 5.09 -2.70 20.36
CA LEU C 355 4.66 -1.64 21.27
C LEU C 355 3.31 -1.06 20.85
N LEU C 356 2.47 -0.76 21.83
CA LEU C 356 1.22 -0.06 21.59
C LEU C 356 1.29 1.36 22.15
N PHE C 357 0.96 2.33 21.31
CA PHE C 357 0.85 3.71 21.73
C PHE C 357 -0.62 4.13 21.66
N PRO C 358 -1.32 4.12 22.81
CA PRO C 358 -2.73 4.48 22.85
C PRO C 358 -2.96 5.97 22.66
N ASN C 359 -4.03 6.31 21.95
CA ASN C 359 -4.41 7.70 21.67
C ASN C 359 -3.28 8.53 21.06
N MET C 360 -3.01 8.30 19.78
CA MET C 360 -1.90 8.95 19.08
C MET C 360 -2.33 9.72 17.83
N GLY C 361 -3.63 9.88 17.66
CA GLY C 361 -4.17 10.61 16.51
C GLY C 361 -3.88 12.10 16.52
N ALA C 362 -3.49 12.61 17.68
CA ALA C 362 -3.12 14.01 17.83
C ALA C 362 -1.71 14.28 17.30
N TYR C 363 -1.65 15.08 16.23
CA TYR C 363 -0.40 15.49 15.58
C TYR C 363 0.57 14.35 15.24
N THR C 364 0.28 13.65 14.15
CA THR C 364 1.13 12.58 13.62
C THR C 364 1.01 12.47 12.09
N ILE C 365 -0.05 13.06 11.55
CA ILE C 365 -0.35 13.09 10.11
C ILE C 365 0.01 11.81 9.33
N HIS C 379 3.18 2.19 7.80
CA HIS C 379 2.21 3.28 7.85
C HIS C 379 0.92 2.93 7.16
N VAL C 380 0.28 1.85 7.63
CA VAL C 380 -1.00 1.40 7.11
C VAL C 380 -2.07 1.56 8.20
N ILE C 381 -3.27 1.98 7.79
CA ILE C 381 -4.37 2.22 8.73
C ILE C 381 -5.36 1.06 8.72
N TYR C 382 -5.61 0.49 9.89
CA TYR C 382 -6.60 -0.57 10.07
C TYR C 382 -7.76 -0.07 10.90
N THR C 383 -8.98 -0.24 10.39
CA THR C 383 -10.19 0.19 11.10
C THR C 383 -10.54 -0.82 12.19
N LEU C 384 -10.79 -0.31 13.40
CA LEU C 384 -11.20 -1.14 14.53
C LEU C 384 -12.60 -1.70 14.30
N PRO C 385 -12.77 -3.02 14.51
CA PRO C 385 -14.07 -3.68 14.32
C PRO C 385 -15.13 -3.21 15.30
N LEU C 386 -16.36 -3.07 14.81
CA LEU C 386 -17.50 -2.65 15.62
C LEU C 386 -18.46 -3.82 15.86
N LYS C 387 -19.34 -3.66 16.85
CA LYS C 387 -20.30 -4.71 17.21
C LYS C 387 -21.70 -4.14 17.41
N SER C 388 -22.70 -5.04 17.45
CA SER C 388 -24.12 -4.69 17.61
C SER C 388 -24.62 -3.70 16.56
N SER D 5 25.88 36.49 -3.45
CA SER D 5 26.53 36.45 -4.78
C SER D 5 26.01 37.54 -5.73
N LEU D 6 26.11 37.29 -7.03
CA LEU D 6 25.65 38.23 -8.04
C LEU D 6 24.96 37.51 -9.20
N GLU D 7 25.53 36.39 -9.63
CA GLU D 7 25.04 35.62 -10.77
C GLU D 7 23.68 34.98 -10.47
N VAL D 8 23.47 34.63 -9.21
CA VAL D 8 22.22 34.06 -8.72
C VAL D 8 21.13 35.14 -8.69
N LYS D 9 21.54 36.36 -8.32
CA LYS D 9 20.62 37.50 -8.21
C LYS D 9 20.00 37.87 -9.57
N GLU D 10 20.79 37.78 -10.63
CA GLU D 10 20.33 38.09 -11.99
C GLU D 10 19.35 37.03 -12.50
N PHE D 11 19.63 35.77 -12.15
CA PHE D 11 18.81 34.64 -12.56
C PHE D 11 17.47 34.62 -11.81
N ALA D 12 17.51 35.00 -10.54
CA ALA D 12 16.32 35.03 -9.69
C ALA D 12 15.32 36.09 -10.15
N LEU D 13 15.81 37.30 -10.40
CA LEU D 13 14.98 38.42 -10.83
C LEU D 13 14.32 38.17 -12.19
N ASN D 14 15.05 37.50 -13.07
CA ASN D 14 14.55 37.13 -14.40
C ASN D 14 13.35 36.16 -14.32
N LEU D 15 13.37 35.30 -13.31
CA LEU D 15 12.28 34.35 -13.07
C LEU D 15 11.11 35.02 -12.34
N ILE D 16 11.42 35.96 -11.46
CA ILE D 16 10.41 36.72 -10.69
C ILE D 16 9.56 37.60 -11.60
N SER D 17 10.20 38.19 -12.62
CA SER D 17 9.53 39.08 -13.59
C SER D 17 8.41 38.38 -14.37
N GLN D 18 8.42 37.06 -14.34
CA GLN D 18 7.41 36.25 -15.03
C GLN D 18 6.16 36.06 -14.16
N PHE D 19 6.19 36.60 -12.94
CA PHE D 19 5.09 36.42 -11.98
C PHE D 19 4.38 37.72 -11.62
N GLU D 20 3.06 37.61 -11.47
CA GLU D 20 2.23 38.66 -10.91
C GLU D 20 1.76 38.19 -9.53
N PRO D 21 1.17 39.09 -8.71
CA PRO D 21 0.63 38.67 -7.42
C PRO D 21 -0.36 37.50 -7.50
N GLU D 22 -1.16 37.47 -8.56
CA GLU D 22 -2.22 36.46 -8.73
C GLU D 22 -1.70 35.04 -8.92
N ASN D 23 -0.56 34.90 -9.58
CA ASN D 23 -0.04 33.58 -9.96
C ASN D 23 1.28 33.19 -9.30
N GLN D 24 1.84 34.06 -8.48
CA GLN D 24 3.10 33.80 -7.80
C GLN D 24 2.97 32.63 -6.81
N PRO D 25 3.92 31.67 -6.87
CA PRO D 25 3.92 30.56 -5.92
C PRO D 25 4.55 30.98 -4.59
N LEU D 26 4.59 30.05 -3.63
CA LEU D 26 5.21 30.29 -2.32
C LEU D 26 6.69 30.63 -2.44
N GLY D 27 7.34 30.02 -3.43
CA GLY D 27 8.76 30.25 -3.69
C GLY D 27 9.37 29.19 -4.60
N PHE D 28 10.58 29.47 -5.08
CA PHE D 28 11.29 28.52 -5.94
C PHE D 28 12.76 28.37 -5.56
N TRP D 29 13.37 27.26 -5.97
CA TRP D 29 14.76 26.95 -5.66
C TRP D 29 15.66 27.22 -6.83
N ILE D 30 16.86 27.72 -6.51
CA ILE D 30 17.91 27.88 -7.51
C ILE D 30 19.04 26.89 -7.21
N PHE D 31 19.23 25.95 -8.13
CA PHE D 31 20.26 24.92 -7.99
C PHE D 31 21.60 25.41 -8.52
N ASP D 32 22.48 25.79 -7.60
CA ASP D 32 23.81 26.26 -7.94
C ASP D 32 24.73 25.06 -8.20
N THR D 33 24.88 24.72 -9.48
CA THR D 33 25.69 23.57 -9.90
C THR D 33 27.17 23.80 -9.58
N GLU D 34 27.64 25.01 -9.86
CA GLU D 34 29.03 25.39 -9.60
C GLU D 34 29.32 25.50 -8.10
N GLY D 35 28.31 25.90 -7.33
CA GLY D 35 28.42 26.03 -5.89
C GLY D 35 28.73 24.72 -5.17
N VAL D 36 28.25 23.61 -5.75
CA VAL D 36 28.53 22.28 -5.23
C VAL D 36 30.00 21.90 -5.51
N GLU D 37 30.42 22.09 -6.76
CA GLU D 37 31.78 21.78 -7.20
C GLU D 37 32.84 22.51 -6.39
N LYS D 38 32.54 23.75 -6.00
CA LYS D 38 33.43 24.57 -5.17
C LYS D 38 33.63 24.00 -3.77
N ALA D 39 32.59 23.37 -3.24
CA ALA D 39 32.65 22.76 -1.92
C ALA D 39 33.43 21.44 -1.95
N VAL D 40 33.33 20.72 -3.07
CA VAL D 40 34.00 19.43 -3.25
C VAL D 40 35.52 19.58 -3.34
N GLU D 41 35.97 20.57 -4.12
CA GLU D 41 37.40 20.83 -4.30
C GLU D 41 38.06 21.43 -3.06
N ARG D 42 37.25 22.14 -2.27
CA ARG D 42 37.71 22.71 -0.99
C ARG D 42 37.97 21.61 0.02
N TRP D 43 37.17 20.54 -0.06
CA TRP D 43 37.33 19.37 0.80
C TRP D 43 38.59 18.62 0.48
N LYS D 44 38.87 18.43 -0.80
CA LYS D 44 40.04 17.69 -1.27
C LYS D 44 41.35 18.44 -1.02
N LYS D 45 41.28 19.77 -1.09
CA LYS D 45 42.45 20.63 -0.87
C LYS D 45 42.89 20.61 0.60
N ASN D 46 41.94 20.39 1.50
CA ASN D 46 42.20 20.40 2.94
C ASN D 46 42.19 19.02 3.61
N MET D 47 41.49 18.08 2.99
CA MET D 47 41.47 16.68 3.45
C MET D 47 41.68 15.70 2.29
N PRO D 48 42.95 15.53 1.87
CA PRO D 48 43.27 14.65 0.74
C PRO D 48 43.12 13.16 1.06
N THR D 49 43.40 12.77 2.30
CA THR D 49 43.37 11.36 2.69
C THR D 49 42.00 10.89 3.19
N VAL D 50 41.09 11.84 3.41
CA VAL D 50 39.74 11.53 3.89
C VAL D 50 38.72 11.67 2.76
N ARG D 51 38.16 10.56 2.33
CA ARG D 51 37.16 10.54 1.26
C ARG D 51 35.78 10.92 1.78
N PRO D 52 35.16 11.95 1.18
CA PRO D 52 33.84 12.38 1.64
C PRO D 52 32.71 11.49 1.11
N CYS D 53 31.89 10.98 2.02
CA CYS D 53 30.68 10.24 1.66
C CYS D 53 29.47 11.04 2.11
N PHE D 54 28.72 11.56 1.14
CA PHE D 54 27.60 12.46 1.41
C PHE D 54 26.45 11.77 2.13
N ALA D 55 25.97 12.41 3.20
CA ALA D 55 24.81 11.94 3.94
C ALA D 55 23.54 12.26 3.16
N VAL D 56 22.92 11.22 2.61
CA VAL D 56 21.75 11.36 1.74
C VAL D 56 20.54 11.93 2.50
N LYS D 57 20.45 11.60 3.78
CA LYS D 57 19.35 12.06 4.66
C LYS D 57 19.25 13.58 4.74
N CYS D 58 20.40 14.26 4.68
CA CYS D 58 20.45 15.71 4.76
C CYS D 58 19.73 16.39 3.58
N ASN D 59 20.03 15.94 2.37
CA ASN D 59 19.37 16.43 1.16
C ASN D 59 19.37 15.36 0.06
N PRO D 60 18.24 14.65 -0.10
CA PRO D 60 18.14 13.54 -1.03
C PRO D 60 17.66 13.92 -2.43
N GLU D 61 17.75 15.21 -2.77
CA GLU D 61 17.35 15.70 -4.09
C GLU D 61 18.24 15.09 -5.17
N PRO D 62 17.63 14.37 -6.13
CA PRO D 62 18.31 13.57 -7.16
C PRO D 62 19.46 14.26 -7.89
N HIS D 63 19.26 15.52 -8.30
CA HIS D 63 20.28 16.26 -9.03
C HIS D 63 21.51 16.52 -8.20
N LEU D 64 21.31 16.78 -6.91
CA LEU D 64 22.42 17.00 -5.97
C LEU D 64 23.17 15.70 -5.67
N VAL D 65 22.42 14.64 -5.39
CA VAL D 65 23.00 13.33 -5.04
C VAL D 65 23.79 12.74 -6.22
N LYS D 66 23.26 12.92 -7.43
CA LYS D 66 23.91 12.45 -8.66
C LYS D 66 25.24 13.18 -8.91
N LEU D 67 25.23 14.51 -8.75
CA LEU D 67 26.39 15.34 -9.03
C LEU D 67 27.58 15.06 -8.11
N LEU D 68 27.30 14.89 -6.82
CA LEU D 68 28.34 14.59 -5.83
C LEU D 68 29.03 13.25 -6.12
N GLY D 69 28.24 12.24 -6.48
CA GLY D 69 28.75 10.92 -6.81
C GLY D 69 29.60 10.89 -8.06
N GLU D 70 29.22 11.70 -9.04
CA GLU D 70 29.98 11.85 -10.28
C GLU D 70 31.30 12.60 -10.04
N LEU D 71 31.31 13.44 -9.01
CA LEU D 71 32.51 14.20 -8.63
C LEU D 71 33.48 13.38 -7.78
N GLY D 72 33.01 12.23 -7.30
CA GLY D 72 33.88 11.29 -6.57
C GLY D 72 33.43 10.94 -5.16
N CYS D 73 32.35 11.56 -4.70
CA CYS D 73 31.84 11.33 -3.34
C CYS D 73 31.22 9.96 -3.17
N GLY D 74 31.42 9.37 -1.99
CA GLY D 74 30.72 8.16 -1.60
C GLY D 74 29.32 8.49 -1.13
N PHE D 75 28.61 7.49 -0.63
CA PHE D 75 27.23 7.69 -0.21
C PHE D 75 26.97 7.14 1.19
N ASP D 76 26.42 8.00 2.05
CA ASP D 76 26.07 7.65 3.41
C ASP D 76 24.57 7.46 3.53
N CYS D 77 24.14 6.22 3.67
CA CYS D 77 22.71 5.88 3.71
C CYS D 77 22.29 5.37 5.08
N ALA D 78 21.12 5.81 5.52
CA ALA D 78 20.58 5.45 6.82
C ALA D 78 19.35 4.54 6.71
N SER D 79 18.75 4.52 5.53
CA SER D 79 17.56 3.70 5.27
C SER D 79 17.66 3.00 3.92
N LEU D 80 16.72 2.09 3.65
CA LEU D 80 16.66 1.37 2.38
C LEU D 80 16.29 2.30 1.23
N ASN D 81 15.48 3.33 1.54
CA ASN D 81 15.09 4.34 0.56
C ASN D 81 16.29 5.12 0.03
N GLU D 82 17.21 5.47 0.93
CA GLU D 82 18.44 6.16 0.57
C GLU D 82 19.39 5.24 -0.20
N ILE D 83 19.41 3.97 0.19
CA ILE D 83 20.19 2.94 -0.50
C ILE D 83 19.72 2.77 -1.94
N LYS D 84 18.40 2.67 -2.13
CA LYS D 84 17.80 2.47 -3.44
C LYS D 84 17.96 3.66 -4.37
N GLU D 85 17.78 4.87 -3.82
CA GLU D 85 17.90 6.11 -4.60
C GLU D 85 19.28 6.25 -5.23
N VAL D 86 20.32 5.92 -4.46
CA VAL D 86 21.70 5.98 -4.91
C VAL D 86 21.95 4.96 -6.03
N LEU D 87 21.50 3.73 -5.82
CA LEU D 87 21.64 2.66 -6.80
C LEU D 87 20.84 2.94 -8.08
N ASP D 88 19.73 3.65 -7.93
CA ASP D 88 18.90 4.08 -9.07
C ASP D 88 19.61 5.10 -9.95
N LEU D 89 20.53 5.86 -9.35
CA LEU D 89 21.30 6.87 -10.08
C LEU D 89 22.52 6.29 -10.78
N GLY D 90 22.60 4.95 -10.81
CA GLY D 90 23.64 4.24 -11.54
C GLY D 90 25.00 4.19 -10.85
N PHE D 91 24.98 4.00 -9.54
CA PHE D 91 26.21 3.92 -8.75
C PHE D 91 26.48 2.53 -8.19
N ASN D 92 27.76 2.21 -8.09
CA ASN D 92 28.24 0.94 -7.53
C ASN D 92 27.91 0.83 -6.04
N PRO D 93 27.30 -0.29 -5.61
CA PRO D 93 26.89 -0.51 -4.21
C PRO D 93 28.04 -0.52 -3.18
N GLU D 94 29.27 -0.73 -3.65
CA GLU D 94 30.45 -0.72 -2.76
C GLU D 94 30.77 0.66 -2.20
N ASP D 95 30.40 1.70 -2.94
CA ASP D 95 30.60 3.09 -2.50
C ASP D 95 29.60 3.49 -1.42
N ILE D 96 28.55 2.69 -1.26
CA ILE D 96 27.52 2.94 -0.25
C ILE D 96 27.93 2.35 1.09
N THR D 97 27.88 3.17 2.14
CA THR D 97 28.08 2.71 3.51
C THR D 97 26.77 2.87 4.31
N TYR D 98 26.17 1.73 4.67
CA TYR D 98 24.87 1.71 5.33
C TYR D 98 25.02 2.05 6.82
N SER D 99 25.14 3.35 7.09
CA SER D 99 25.36 3.86 8.45
C SER D 99 24.07 3.93 9.25
N GLN D 100 23.60 2.77 9.70
CA GLN D 100 22.42 2.70 10.56
C GLN D 100 22.72 1.77 11.74
N THR D 101 22.70 2.34 12.94
CA THR D 101 23.02 1.61 14.17
C THR D 101 22.03 0.48 14.45
N PHE D 102 20.75 0.74 14.22
CA PHE D 102 19.69 -0.25 14.42
C PHE D 102 18.85 -0.39 13.15
N LYS D 103 19.17 -1.41 12.36
CA LYS D 103 18.56 -1.62 11.05
C LYS D 103 17.29 -2.47 11.16
N PRO D 104 16.20 -2.04 10.50
CA PRO D 104 15.00 -2.87 10.37
C PRO D 104 15.32 -4.15 9.61
N TYR D 105 14.75 -5.27 10.07
CA TYR D 105 15.09 -6.61 9.54
C TYR D 105 14.92 -6.75 8.04
N ASN D 106 13.77 -6.31 7.51
CA ASN D 106 13.49 -6.36 6.08
C ASN D 106 14.47 -5.54 5.25
N GLN D 107 14.86 -4.37 5.77
CA GLN D 107 15.80 -3.47 5.11
C GLN D 107 17.21 -4.02 5.06
N LEU D 108 17.63 -4.69 6.13
CA LEU D 108 18.94 -5.32 6.19
C LEU D 108 19.05 -6.51 5.24
N ILE D 109 18.00 -7.35 5.23
CA ILE D 109 17.92 -8.51 4.35
C ILE D 109 18.00 -8.08 2.88
N GLU D 110 17.27 -7.02 2.53
CA GLU D 110 17.25 -6.50 1.16
C GLU D 110 18.57 -5.82 0.79
N ALA D 111 19.10 -5.01 1.70
CA ALA D 111 20.38 -4.33 1.49
C ALA D 111 21.51 -5.33 1.21
N SER D 112 21.43 -6.51 1.83
CA SER D 112 22.37 -7.60 1.60
C SER D 112 22.28 -8.09 0.16
N HIS D 113 21.06 -8.18 -0.37
CA HIS D 113 20.82 -8.60 -1.75
C HIS D 113 21.18 -7.53 -2.73
N LEU D 114 21.06 -6.26 -2.30
CA LEU D 114 21.39 -5.10 -3.13
C LEU D 114 22.88 -4.93 -3.39
N GLY D 115 23.70 -5.59 -2.59
CA GLY D 115 25.15 -5.57 -2.76
C GLY D 115 25.89 -4.68 -1.77
N ILE D 116 25.16 -4.12 -0.81
CA ILE D 116 25.73 -3.28 0.23
C ILE D 116 26.61 -4.14 1.14
N ASN D 117 27.87 -3.72 1.30
CA ASN D 117 28.88 -4.52 1.97
C ASN D 117 29.43 -3.87 3.24
N HIS D 118 28.96 -2.67 3.56
CA HIS D 118 29.45 -1.91 4.71
C HIS D 118 28.33 -1.41 5.58
N THR D 119 28.44 -1.64 6.88
CA THR D 119 27.44 -1.18 7.86
C THR D 119 28.03 -0.91 9.25
N ILE D 120 27.26 -0.27 10.12
CA ILE D 120 27.71 0.04 11.48
C ILE D 120 26.91 -0.66 12.58
N VAL D 121 27.55 -0.88 13.72
CA VAL D 121 26.95 -1.55 14.87
C VAL D 121 27.44 -0.89 16.17
N ASP D 122 26.51 -0.70 17.11
CA ASP D 122 26.87 -0.21 18.45
C ASP D 122 26.26 -1.04 19.60
N SER D 123 25.79 -2.25 19.27
CA SER D 123 25.23 -3.16 20.26
C SER D 123 25.36 -4.63 19.84
N ILE D 124 25.53 -5.52 20.81
CA ILE D 124 25.69 -6.96 20.56
C ILE D 124 24.45 -7.59 19.90
N ASP D 125 23.29 -6.97 20.10
CA ASP D 125 22.04 -7.41 19.49
C ASP D 125 22.08 -7.28 17.96
N GLU D 126 22.71 -6.21 17.48
CA GLU D 126 22.85 -5.96 16.05
C GLU D 126 23.86 -6.90 15.42
N VAL D 127 24.89 -7.29 16.19
CA VAL D 127 25.92 -8.22 15.74
C VAL D 127 25.30 -9.59 15.42
N GLN D 128 24.45 -10.07 16.32
CA GLN D 128 23.75 -11.34 16.16
C GLN D 128 22.74 -11.30 15.03
N LYS D 129 22.11 -10.13 14.85
CA LYS D 129 21.16 -9.88 13.77
C LYS D 129 21.84 -10.00 12.41
N ILE D 130 23.01 -9.40 12.29
CA ILE D 130 23.80 -9.45 11.06
C ILE D 130 24.34 -10.85 10.81
N ALA D 131 24.80 -11.51 11.87
CA ALA D 131 25.28 -12.89 11.79
C ALA D 131 24.19 -13.87 11.35
N LYS D 132 22.93 -13.50 11.58
CA LYS D 132 21.79 -14.34 11.25
C LYS D 132 21.23 -14.04 9.86
N TYR D 133 21.21 -12.75 9.48
CA TYR D 133 20.54 -12.33 8.24
C TYR D 133 21.49 -11.91 7.10
N ALA D 134 22.63 -11.30 7.45
CA ALA D 134 23.59 -10.86 6.43
C ALA D 134 25.05 -10.99 6.90
N PRO D 135 25.57 -12.24 6.96
CA PRO D 135 26.90 -12.47 7.51
C PRO D 135 28.06 -11.95 6.66
N LYS D 136 27.81 -11.74 5.37
CA LYS D 136 28.84 -11.25 4.44
C LYS D 136 29.12 -9.75 4.58
N MET D 137 28.18 -9.03 5.17
CA MET D 137 28.28 -7.58 5.31
C MET D 137 29.32 -7.18 6.36
N GLY D 138 30.23 -6.30 5.97
CA GLY D 138 31.28 -5.79 6.85
C GLY D 138 30.73 -4.84 7.90
N ILE D 139 31.33 -4.87 9.09
CA ILE D 139 30.82 -4.12 10.24
C ILE D 139 31.85 -3.14 10.80
N MET D 140 31.40 -1.92 11.05
CA MET D 140 32.17 -0.91 11.78
C MET D 140 31.64 -0.76 13.20
N ILE D 141 32.54 -0.41 14.13
CA ILE D 141 32.16 -0.20 15.53
C ILE D 141 31.92 1.28 15.81
N ARG D 142 30.73 1.59 16.35
CA ARG D 142 30.35 2.96 16.64
C ARG D 142 30.83 3.37 18.03
N ILE D 143 31.70 4.37 18.08
CA ILE D 143 32.24 4.89 19.34
C ILE D 143 31.93 6.36 19.56
N MET D 144 32.25 6.86 20.76
CA MET D 144 31.98 8.25 21.12
C MET D 144 33.25 8.95 21.60
N ASP D 163 35.15 0.17 27.43
CA ASP D 163 35.01 -1.17 28.00
C ASP D 163 33.91 -1.97 27.33
N GLU D 164 32.91 -1.27 26.79
CA GLU D 164 31.79 -1.90 26.08
C GLU D 164 32.21 -2.37 24.69
N VAL D 165 33.26 -1.75 24.15
CA VAL D 165 33.81 -2.10 22.84
C VAL D 165 34.35 -3.53 22.86
N GLU D 166 35.01 -3.89 23.97
CA GLU D 166 35.62 -5.21 24.17
C GLU D 166 34.60 -6.37 24.13
N ILE D 167 33.41 -6.11 24.67
CA ILE D 167 32.33 -7.10 24.69
C ILE D 167 31.78 -7.31 23.27
N VAL D 168 31.56 -6.21 22.56
CA VAL D 168 31.07 -6.25 21.18
C VAL D 168 32.11 -6.89 20.25
N LEU D 169 33.37 -6.50 20.42
CA LEU D 169 34.49 -7.04 19.63
C LEU D 169 34.60 -8.56 19.69
N LYS D 170 34.35 -9.13 20.87
CA LYS D 170 34.34 -10.58 21.05
C LYS D 170 33.18 -11.21 20.26
N GLU D 171 32.01 -10.58 20.35
CA GLU D 171 30.80 -11.04 19.67
C GLU D 171 30.94 -11.01 18.15
N ILE D 172 31.63 -9.99 17.63
CA ILE D 172 31.92 -9.88 16.21
C ILE D 172 32.85 -11.03 15.78
N LYS D 173 33.85 -11.32 16.62
CA LYS D 173 34.81 -12.39 16.35
C LYS D 173 34.20 -13.78 16.52
N ASP D 174 33.44 -13.97 17.59
CA ASP D 174 32.84 -15.27 17.93
C ASP D 174 31.79 -15.74 16.93
N LYS D 175 31.14 -14.79 16.25
CA LYS D 175 30.16 -15.10 15.21
C LYS D 175 30.83 -15.28 13.85
N GLY D 176 32.11 -14.92 13.76
CA GLY D 176 32.87 -15.04 12.53
C GLY D 176 32.47 -14.01 11.48
N LEU D 177 32.42 -12.75 11.90
CA LEU D 177 31.98 -11.67 11.03
C LEU D 177 33.14 -10.78 10.58
N ASN D 178 32.96 -10.16 9.42
CA ASN D 178 33.96 -9.26 8.84
C ASN D 178 33.95 -7.87 9.50
N LEU D 179 35.10 -7.47 10.02
CA LEU D 179 35.24 -6.16 10.65
C LEU D 179 35.93 -5.19 9.71
N ASP D 180 35.21 -4.11 9.39
CA ASP D 180 35.75 -3.05 8.53
C ASP D 180 36.59 -2.06 9.33
N GLY D 181 36.10 -1.64 10.49
CA GLY D 181 36.85 -0.73 11.36
C GLY D 181 36.03 0.00 12.41
N VAL D 182 36.26 1.31 12.51
CA VAL D 182 35.66 2.14 13.55
C VAL D 182 34.93 3.36 12.96
N HIS D 183 33.86 3.79 13.62
CA HIS D 183 33.08 4.94 13.20
C HIS D 183 32.65 5.77 14.39
N PHE D 184 32.81 7.08 14.30
CA PHE D 184 32.38 7.99 15.36
C PHE D 184 31.73 9.28 14.82
N HIS D 185 30.87 9.87 15.65
CA HIS D 185 30.16 11.09 15.28
C HIS D 185 30.17 12.07 16.43
N VAL D 186 30.47 13.33 16.13
CA VAL D 186 30.55 14.38 17.16
C VAL D 186 29.20 15.03 17.44
N SER D 193 35.29 21.22 18.95
CA SER D 193 36.40 21.64 18.12
C SER D 193 37.62 20.74 18.30
N GLU D 194 37.92 20.40 19.56
CA GLU D 194 39.03 19.49 19.88
C GLU D 194 38.53 18.07 20.19
N VAL D 195 37.24 17.83 19.93
CA VAL D 195 36.63 16.52 20.12
C VAL D 195 37.11 15.51 19.07
N PHE D 196 37.43 16.01 17.86
CA PHE D 196 37.98 15.18 16.79
C PHE D 196 39.37 14.67 17.13
N THR D 197 40.14 15.48 17.88
CA THR D 197 41.47 15.11 18.35
C THR D 197 41.41 13.93 19.31
N LYS D 198 40.49 14.00 20.27
CA LYS D 198 40.31 12.94 21.26
C LYS D 198 39.70 11.69 20.63
N ALA D 199 38.75 11.88 19.72
CA ALA D 199 38.03 10.78 19.07
C ALA D 199 38.90 9.96 18.11
N LEU D 200 39.83 10.62 17.43
CA LEU D 200 40.76 9.93 16.52
C LEU D 200 41.79 9.11 17.29
N THR D 201 42.21 9.62 18.45
CA THR D 201 43.17 8.94 19.32
C THR D 201 42.52 7.72 19.97
N LYS D 202 41.27 7.88 20.42
CA LYS D 202 40.50 6.79 21.02
C LYS D 202 40.17 5.72 19.97
N ALA D 203 39.99 6.15 18.73
CA ALA D 203 39.77 5.25 17.60
C ALA D 203 41.04 4.49 17.25
N ARG D 204 42.19 5.16 17.35
CA ARG D 204 43.50 4.55 17.07
C ARG D 204 43.81 3.41 18.04
N ASN D 205 43.45 3.61 19.31
CA ASN D 205 43.61 2.57 20.34
C ASN D 205 42.68 1.38 20.11
N THR D 206 41.51 1.66 19.54
CA THR D 206 40.53 0.62 19.20
C THR D 206 41.03 -0.24 18.04
N VAL D 207 41.78 0.38 17.12
CA VAL D 207 42.37 -0.32 15.98
C VAL D 207 43.41 -1.34 16.44
N THR D 208 44.36 -0.91 17.27
CA THR D 208 45.39 -1.79 17.83
C THR D 208 44.81 -2.91 18.68
N LEU D 209 43.67 -2.63 19.33
CA LEU D 209 42.96 -3.60 20.14
C LEU D 209 42.40 -4.75 19.29
N ALA D 210 41.75 -4.40 18.19
CA ALA D 210 41.18 -5.38 17.26
C ALA D 210 42.26 -6.22 16.56
N GLU D 211 43.46 -5.64 16.43
CA GLU D 211 44.62 -6.35 15.87
C GLU D 211 45.04 -7.52 16.77
N GLN D 212 44.88 -7.34 18.07
CA GLN D 212 45.24 -8.35 19.07
C GLN D 212 44.22 -9.50 19.09
N PHE D 213 42.99 -9.20 18.68
CA PHE D 213 41.94 -10.22 18.54
C PHE D 213 42.19 -11.11 17.31
N GLY D 214 42.98 -10.61 16.37
CA GLY D 214 43.28 -11.33 15.14
C GLY D 214 42.46 -10.83 13.96
N MET D 215 42.23 -9.52 13.92
CA MET D 215 41.40 -8.88 12.90
C MET D 215 42.15 -7.77 12.18
N LYS D 216 41.69 -7.45 10.97
CA LYS D 216 42.28 -6.39 10.17
C LYS D 216 41.29 -5.24 9.89
N PRO D 217 41.20 -4.26 10.81
CA PRO D 217 40.33 -3.10 10.60
C PRO D 217 41.00 -2.08 9.70
N TYR D 218 40.40 -1.83 8.53
CA TYR D 218 40.99 -0.96 7.53
C TYR D 218 40.20 0.34 7.29
N LEU D 219 39.00 0.43 7.88
CA LEU D 219 38.12 1.56 7.61
C LEU D 219 37.82 2.40 8.85
N ILE D 220 37.92 3.71 8.69
CA ILE D 220 37.67 4.64 9.79
C ILE D 220 36.81 5.81 9.34
N ASP D 221 35.57 5.84 9.83
CA ASP D 221 34.63 6.90 9.51
C ASP D 221 34.64 7.96 10.60
N ILE D 222 35.13 9.14 10.25
CA ILE D 222 35.26 10.25 11.19
C ILE D 222 33.94 10.98 11.44
N GLY D 223 32.91 10.62 10.67
CA GLY D 223 31.57 11.18 10.85
C GLY D 223 31.37 12.53 10.19
N GLY D 224 30.39 13.27 10.69
CA GLY D 224 30.02 14.57 10.12
C GLY D 224 30.03 15.72 11.11
N GLY D 225 29.36 16.81 10.73
CA GLY D 225 29.32 18.02 11.54
C GLY D 225 30.42 18.99 11.16
N PHE D 226 30.47 19.33 9.88
CA PHE D 226 31.48 20.23 9.34
C PHE D 226 30.85 21.53 8.84
N SER D 227 31.58 22.63 9.03
CA SER D 227 31.15 23.99 8.63
C SER D 227 29.80 24.38 9.21
N ALA D 230 32.46 27.65 11.40
CA ALA D 230 33.69 26.87 11.50
C ALA D 230 34.75 27.36 10.51
N PRO D 231 36.03 27.34 10.92
CA PRO D 231 37.15 27.75 10.05
C PRO D 231 37.40 26.78 8.89
N PHE D 232 37.11 25.50 9.10
CA PHE D 232 37.30 24.43 8.11
C PHE D 232 38.75 24.21 7.67
N GLU D 233 39.40 25.28 7.20
CA GLU D 233 40.79 25.22 6.73
C GLU D 233 41.73 24.78 7.84
N GLU D 234 41.56 25.36 9.02
CA GLU D 234 42.34 25.01 10.20
C GLU D 234 41.84 23.70 10.79
N PHE D 235 40.52 23.49 10.71
CA PHE D 235 39.84 22.33 11.27
C PHE D 235 40.27 21.03 10.56
N ALA D 236 40.42 21.10 9.25
CA ALA D 236 40.86 19.96 8.44
C ALA D 236 42.35 19.72 8.59
N ALA D 237 43.11 20.80 8.75
CA ALA D 237 44.56 20.74 8.91
C ALA D 237 44.98 20.00 10.19
N THR D 238 44.14 20.10 11.22
CA THR D 238 44.41 19.43 12.50
C THR D 238 44.19 17.92 12.41
N ILE D 239 43.08 17.50 11.80
CA ILE D 239 42.81 16.06 11.66
C ILE D 239 43.80 15.40 10.71
N GLU D 240 44.11 16.09 9.60
CA GLU D 240 45.07 15.62 8.61
C GLU D 240 46.45 15.41 9.24
N LYS D 241 46.76 16.22 10.25
CA LYS D 241 47.99 16.08 11.01
C LYS D 241 47.91 14.86 11.94
N THR D 242 46.74 14.62 12.54
CA THR D 242 46.54 13.56 13.52
C THR D 242 46.73 12.15 12.95
N ILE D 243 46.24 11.92 11.73
CA ILE D 243 46.41 10.63 11.04
C ILE D 243 47.91 10.31 10.82
N LYS D 244 48.66 11.32 10.40
CA LYS D 244 50.10 11.18 10.18
C LYS D 244 50.84 10.89 11.49
N GLU D 245 50.30 11.45 12.58
CA GLU D 245 50.89 11.32 13.91
C GLU D 245 50.58 9.97 14.56
N LEU D 246 49.33 9.54 14.47
CA LEU D 246 48.87 8.29 15.10
C LEU D 246 49.40 7.04 14.41
N GLU D 247 49.81 7.19 13.14
CA GLU D 247 50.39 6.10 12.34
C GLU D 247 49.46 4.89 12.21
N PHE D 248 48.40 5.04 11.43
CA PHE D 248 47.49 3.95 11.10
C PHE D 248 48.16 2.96 10.16
N PRO D 249 47.76 1.67 10.23
CA PRO D 249 48.29 0.63 9.33
C PRO D 249 48.23 1.02 7.85
N GLU D 250 49.16 0.50 7.07
CA GLU D 250 49.33 0.85 5.65
C GLU D 250 48.06 0.70 4.80
N ARG D 251 47.27 -0.32 5.10
CA ARG D 251 46.06 -0.64 4.33
C ARG D 251 44.86 0.25 4.64
N THR D 252 44.92 0.98 5.75
CA THR D 252 43.77 1.75 6.25
C THR D 252 43.38 2.95 5.38
N ARG D 253 42.07 3.08 5.14
CA ARG D 253 41.51 4.20 4.40
C ARG D 253 40.59 5.03 5.29
N PHE D 254 40.41 6.31 4.94
CA PHE D 254 39.66 7.24 5.77
C PHE D 254 38.43 7.78 5.04
N ILE D 255 37.26 7.64 5.67
CA ILE D 255 36.02 8.17 5.12
C ILE D 255 35.32 9.12 6.09
N ALA D 256 34.47 9.99 5.56
CA ALA D 256 33.73 10.95 6.35
C ALA D 256 32.26 10.99 5.96
N GLU D 257 31.45 11.72 6.74
CA GLU D 257 30.02 11.84 6.47
C GLU D 257 29.57 13.31 6.41
N PRO D 258 30.10 14.10 5.46
CA PRO D 258 29.66 15.49 5.39
C PRO D 258 28.28 15.61 4.74
N GLY D 259 27.32 16.11 5.49
CA GLY D 259 25.96 16.30 5.00
C GLY D 259 25.65 17.76 4.78
N ARG D 260 25.76 18.54 5.86
CA ARG D 260 25.50 19.99 5.84
C ARG D 260 26.50 20.75 4.98
N TYR D 261 27.78 20.36 5.06
CA TYR D 261 28.85 21.03 4.33
C TYR D 261 28.66 20.99 2.81
N MET D 262 28.30 19.82 2.30
CA MET D 262 28.17 19.62 0.85
C MET D 262 26.85 20.17 0.30
N ALA D 263 25.78 20.02 1.07
CA ALA D 263 24.44 20.36 0.61
C ALA D 263 24.09 21.84 0.73
N SER D 264 24.71 22.54 1.67
CA SER D 264 24.38 23.95 1.96
C SER D 264 24.37 24.85 0.73
N ASN D 265 25.48 24.89 0.00
CA ASN D 265 25.64 25.79 -1.14
C ASN D 265 25.02 25.29 -2.45
N ALA D 266 24.30 24.17 -2.37
CA ALA D 266 23.67 23.56 -3.54
C ALA D 266 22.40 24.31 -3.99
N PHE D 267 21.64 24.79 -3.02
CA PHE D 267 20.34 25.41 -3.29
C PHE D 267 20.21 26.81 -2.70
N HIS D 268 19.48 27.67 -3.42
CA HIS D 268 19.14 29.00 -2.94
C HIS D 268 17.65 29.19 -2.96
N LEU D 269 17.09 29.64 -1.84
CA LEU D 269 15.65 29.83 -1.71
C LEU D 269 15.23 31.25 -2.11
N VAL D 270 14.27 31.33 -3.02
CA VAL D 270 13.70 32.62 -3.45
C VAL D 270 12.22 32.67 -3.05
N SER D 271 11.95 33.29 -1.90
CA SER D 271 10.60 33.35 -1.34
C SER D 271 9.81 34.58 -1.79
N SER D 272 8.50 34.40 -1.93
CA SER D 272 7.60 35.50 -2.22
C SER D 272 6.90 35.96 -0.94
N LEU D 273 6.36 37.18 -0.97
CA LEU D 273 5.64 37.73 0.19
C LEU D 273 4.14 37.73 -0.04
N HIS D 274 3.40 37.20 0.93
CA HIS D 274 1.94 37.16 0.86
C HIS D 274 1.30 37.55 2.17
N GLY D 275 1.92 38.51 2.86
CA GLY D 275 1.42 38.99 4.15
C GLY D 275 2.19 40.18 4.67
N LYS D 276 1.47 41.13 5.27
CA LYS D 276 2.06 42.35 5.81
C LYS D 276 1.29 42.87 7.01
N ARG D 277 2.02 43.39 8.00
CA ARG D 277 1.44 44.04 9.16
C ARG D 277 2.32 45.17 9.67
N VAL D 278 1.75 46.38 9.72
CA VAL D 278 2.43 47.53 10.31
C VAL D 278 2.16 47.58 11.81
N ARG D 279 3.23 47.67 12.60
CA ARG D 279 3.12 47.69 14.05
C ARG D 279 4.06 48.72 14.68
N ILE D 280 3.48 49.57 15.52
CA ILE D 280 4.22 50.57 16.28
C ILE D 280 4.82 49.93 17.53
N GLN D 281 6.13 50.10 17.70
CA GLN D 281 6.86 49.48 18.80
C GLN D 281 7.86 50.46 19.42
N ASN D 282 7.60 50.84 20.67
CA ASN D 282 8.48 51.69 21.48
C ASN D 282 8.98 52.98 20.83
N GLY D 283 8.21 53.51 19.89
CA GLY D 283 8.56 54.74 19.18
C GLY D 283 8.12 54.71 17.73
N LYS D 284 8.77 53.88 16.93
CA LYS D 284 8.49 53.80 15.49
C LYS D 284 8.17 52.39 15.00
N LYS D 285 7.96 52.26 13.69
CA LYS D 285 7.40 51.07 13.07
C LYS D 285 8.36 49.89 12.88
N GLN D 286 7.83 48.70 13.13
CA GLN D 286 8.46 47.44 12.73
C GLN D 286 7.46 46.68 11.86
N ILE D 287 7.88 46.35 10.63
CA ILE D 287 6.98 45.75 9.66
C ILE D 287 7.07 44.22 9.70
N GLU D 288 5.91 43.58 9.87
CA GLU D 288 5.81 42.13 9.87
C GLU D 288 5.56 41.62 8.46
N TYR D 289 6.20 40.50 8.12
CA TYR D 289 6.05 39.90 6.80
C TYR D 289 5.81 38.39 6.91
N THR D 290 4.96 37.87 6.02
CA THR D 290 4.68 36.44 5.97
C THR D 290 5.00 35.89 4.58
N SER D 291 6.01 35.03 4.51
CA SER D 291 6.44 34.41 3.26
C SER D 291 6.02 32.95 3.18
N GLY D 292 6.40 32.29 2.09
CA GLY D 292 6.06 30.88 1.86
C GLY D 292 6.85 29.94 2.74
N PHE D 305 17.99 24.71 17.30
CA PHE D 305 19.29 25.21 17.75
C PHE D 305 19.70 26.44 16.95
N GLU D 306 19.59 26.33 15.63
CA GLU D 306 20.10 27.35 14.71
C GLU D 306 18.98 28.03 13.93
N LYS D 307 18.46 29.13 14.49
CA LYS D 307 17.48 29.95 13.80
C LYS D 307 18.18 31.19 13.25
N GLN D 308 19.09 30.95 12.31
CA GLN D 308 19.99 31.99 11.80
C GLN D 308 19.61 32.39 10.37
N LYS D 309 20.64 32.64 9.56
CA LYS D 309 20.53 32.89 8.11
C LYS D 309 19.90 34.23 7.71
N SER D 310 20.68 35.04 7.01
CA SER D 310 20.24 36.34 6.52
C SER D 310 19.47 36.22 5.22
N CYS D 311 18.81 37.31 4.83
CA CYS D 311 18.09 37.38 3.56
C CYS D 311 18.08 38.80 2.99
N GLU D 312 18.02 38.88 1.67
CA GLU D 312 18.00 40.16 0.97
C GLU D 312 16.70 40.36 0.22
N CYS D 313 16.28 41.62 0.10
CA CYS D 313 15.17 41.99 -0.77
C CYS D 313 15.74 42.30 -2.15
N ILE D 314 15.76 41.28 -2.99
CA ILE D 314 16.40 41.37 -4.31
C ILE D 314 15.62 42.21 -5.33
N THR D 315 14.32 42.34 -5.13
CA THR D 315 13.44 43.10 -6.04
C THR D 315 13.76 44.59 -6.08
N GLN D 316 14.16 45.15 -4.94
CA GLN D 316 14.55 46.56 -4.86
C GLN D 316 15.93 46.74 -4.24
N LYS D 317 16.84 47.31 -5.02
CA LYS D 317 18.22 47.50 -4.58
C LYS D 317 18.36 48.74 -3.70
N VAL D 318 19.08 48.57 -2.58
CA VAL D 318 19.31 49.65 -1.63
C VAL D 318 20.42 50.60 -2.11
N ASN D 319 20.15 51.90 -2.04
CA ASN D 319 21.14 52.92 -2.44
C ASN D 319 21.84 53.57 -1.24
N GLU D 320 21.98 52.79 -0.17
CA GLU D 320 22.55 53.23 1.12
C GLU D 320 21.60 54.13 1.91
N ASN D 321 21.14 53.62 3.05
CA ASN D 321 20.19 54.30 3.93
C ASN D 321 18.87 54.65 3.23
N THR D 322 18.17 53.61 2.76
CA THR D 322 16.89 53.77 2.10
C THR D 322 15.75 53.42 3.08
N LYS D 323 15.84 54.01 4.28
CA LYS D 323 14.87 53.80 5.36
C LYS D 323 14.75 52.32 5.72
N MET D 324 15.73 51.82 6.47
CA MET D 324 15.74 50.44 6.95
C MET D 324 14.95 50.27 8.23
N TYR D 325 13.95 49.38 8.20
CA TYR D 325 13.15 49.06 9.36
C TYR D 325 13.50 47.66 9.87
N GLU D 326 13.49 47.50 11.19
CA GLU D 326 13.71 46.20 11.81
C GLU D 326 12.50 45.32 11.50
N SER D 327 12.70 44.35 10.61
CA SER D 327 11.62 43.51 10.11
C SER D 327 11.64 42.10 10.69
N ILE D 328 10.45 41.53 10.84
CA ILE D 328 10.28 40.15 11.30
C ILE D 328 9.53 39.33 10.24
N ILE D 329 10.10 38.17 9.88
CA ILE D 329 9.58 37.37 8.78
C ILE D 329 9.09 36.00 9.26
N TYR D 330 7.86 35.66 8.90
CA TYR D 330 7.26 34.39 9.29
C TYR D 330 7.24 33.39 8.14
N GLY D 331 7.10 32.11 8.47
CA GLY D 331 7.07 31.04 7.48
C GLY D 331 5.98 30.02 7.76
N ASP D 338 7.73 28.76 11.47
CA ASP D 338 6.90 29.76 12.13
C ASP D 338 7.57 31.13 12.15
N LYS D 339 8.86 31.15 12.46
CA LYS D 339 9.67 32.38 12.48
C LYS D 339 11.04 32.09 11.87
N VAL D 340 11.27 32.61 10.67
CA VAL D 340 12.49 32.29 9.91
C VAL D 340 13.63 33.30 10.07
N ALA D 341 13.30 34.59 10.05
CA ALA D 341 14.33 35.63 10.08
C ALA D 341 13.94 36.91 10.84
N THR D 342 14.93 37.50 11.52
CA THR D 342 14.80 38.82 12.12
C THR D 342 15.86 39.72 11.47
N GLN D 343 15.45 40.46 10.44
CA GLN D 343 16.39 41.13 9.55
C GLN D 343 16.19 42.65 9.49
N GLU D 344 17.22 43.34 8.98
CA GLU D 344 17.16 44.78 8.74
C GLU D 344 16.97 45.04 7.23
N LEU D 345 15.72 45.21 6.83
CA LEU D 345 15.37 45.41 5.42
C LEU D 345 14.43 46.62 5.23
N PRO D 346 14.42 47.21 4.03
CA PRO D 346 13.49 48.31 3.73
C PRO D 346 12.04 47.82 3.61
N GLU D 347 11.09 48.77 3.61
CA GLU D 347 9.67 48.43 3.52
C GLU D 347 9.35 47.72 2.22
N MET D 348 8.72 46.55 2.33
CA MET D 348 8.42 45.70 1.19
C MET D 348 6.92 45.59 0.95
N GLU D 349 6.54 45.51 -0.33
CA GLU D 349 5.15 45.35 -0.74
C GLU D 349 4.91 43.90 -1.16
N PRO D 350 3.91 43.24 -0.54
CA PRO D 350 3.59 41.84 -0.86
C PRO D 350 3.04 41.68 -2.26
N GLY D 351 3.49 40.64 -2.96
CA GLY D 351 3.12 40.41 -4.35
C GLY D 351 4.13 41.02 -5.32
N LYS D 352 4.73 42.12 -4.89
CA LYS D 352 5.74 42.84 -5.68
C LYS D 352 7.15 42.45 -5.24
N ASP D 353 7.41 42.53 -3.94
CA ASP D 353 8.74 42.30 -3.38
C ASP D 353 8.98 40.84 -2.98
N TRP D 354 10.20 40.37 -3.24
CA TRP D 354 10.59 38.97 -3.00
C TRP D 354 11.77 38.88 -2.08
N LEU D 355 12.07 37.67 -1.61
CA LEU D 355 13.19 37.42 -0.71
C LEU D 355 14.16 36.38 -1.25
N LEU D 356 15.44 36.53 -0.93
CA LEU D 356 16.46 35.56 -1.29
C LEU D 356 17.20 35.06 -0.05
N PHE D 357 17.16 33.76 0.16
CA PHE D 357 17.89 33.10 1.23
C PHE D 357 19.04 32.30 0.62
N PRO D 358 20.29 32.81 0.74
CA PRO D 358 21.45 32.16 0.17
C PRO D 358 21.90 30.93 0.95
N ASN D 359 22.44 29.94 0.24
CA ASN D 359 22.96 28.70 0.83
C ASN D 359 21.97 28.02 1.80
N MET D 360 20.92 27.42 1.23
CA MET D 360 19.84 26.85 2.03
C MET D 360 19.52 25.40 1.68
N GLY D 361 20.55 24.55 1.66
CA GLY D 361 20.40 23.15 1.30
C GLY D 361 20.48 22.18 2.47
N ALA D 362 20.25 22.68 3.68
CA ALA D 362 20.34 21.87 4.89
C ALA D 362 18.96 21.45 5.40
N TYR D 363 18.75 20.13 5.46
CA TYR D 363 17.50 19.53 5.95
C TYR D 363 16.25 20.28 5.51
N THR D 364 15.99 20.28 4.20
CA THR D 364 14.84 20.98 3.62
C THR D 364 14.00 20.08 2.72
N ILE D 365 14.62 19.54 1.67
CA ILE D 365 13.92 18.66 0.72
C ILE D 365 13.68 17.26 1.30
N HIS D 379 7.44 25.13 -5.14
CA HIS D 379 8.68 24.47 -4.74
C HIS D 379 9.44 23.91 -5.93
N VAL D 380 9.37 24.64 -7.05
CA VAL D 380 10.04 24.24 -8.30
C VAL D 380 11.53 24.58 -8.23
N ILE D 381 12.37 23.68 -8.75
CA ILE D 381 13.80 23.92 -8.84
C ILE D 381 14.19 24.44 -10.22
N TYR D 382 15.05 25.47 -10.24
CA TYR D 382 15.58 26.02 -11.48
C TYR D 382 17.10 25.98 -11.42
N THR D 383 17.71 25.33 -12.41
CA THR D 383 19.16 25.15 -12.45
C THR D 383 19.87 26.41 -12.94
N LEU D 384 20.92 26.80 -12.22
CA LEU D 384 21.73 27.98 -12.56
C LEU D 384 22.49 27.74 -13.87
N PRO D 385 22.39 28.70 -14.81
CA PRO D 385 22.95 28.61 -16.17
C PRO D 385 24.40 28.09 -16.25
N LEU D 386 25.25 28.55 -15.34
CA LEU D 386 26.70 28.23 -15.29
C LEU D 386 27.50 28.70 -16.51
#